data_2W2U
# 
_entry.id   2W2U 
# 
_audit_conform.dict_name       mmcif_pdbx.dic 
_audit_conform.dict_version    5.382 
_audit_conform.dict_location   http://mmcif.pdb.org/dictionaries/ascii/mmcif_pdbx.dic 
# 
loop_
_database_2.database_id 
_database_2.database_code 
_database_2.pdbx_database_accession 
_database_2.pdbx_DOI 
PDB   2W2U         pdb_00002w2u 10.2210/pdb2w2u/pdb 
PDBE  EBI-37140    ?            ?                   
WWPDB D_1290037140 ?            ?                   
# 
_pdbx_database_related.db_name        PDB 
_pdbx_database_related.db_id          2V6Y 
_pdbx_database_related.content_type   unspecified 
_pdbx_database_related.details        'STRUCTURE OF THE MIT DOMAIN FROM A S. SOLFATARICUS VPS4-LIKE ATPASE' 
# 
_pdbx_database_status.status_code                     REL 
_pdbx_database_status.entry_id                        2W2U 
_pdbx_database_status.deposit_site                    PDBE 
_pdbx_database_status.process_site                    PDBE 
_pdbx_database_status.SG_entry                        . 
_pdbx_database_status.recvd_initial_deposition_date   2008-11-04 
_pdbx_database_status.pdb_format_compatible           Y 
_pdbx_database_status.status_code_sf                  REL 
_pdbx_database_status.status_code_mr                  ? 
_pdbx_database_status.status_code_cs                  ? 
_pdbx_database_status.methods_development_category    ? 
_pdbx_database_status.status_code_nmr_data            ? 
# 
loop_
_audit_author.name 
_audit_author.pdbx_ordinal 
'Obita, T.'      1 
'Samson, R.Y.'   2 
'Perisic, O.'    3 
'Freund, S.M.'   4 
'Bell, S.D.'     5 
'Williams, R.L.' 6 
# 
_citation.id                        primary 
_citation.title                     'A Role for the Escrt System in Cell Division in Archaea.' 
_citation.journal_abbrev            Science 
_citation.journal_volume            322 
_citation.page_first                1710 
_citation.page_last                 ? 
_citation.year                      2008 
_citation.journal_id_ASTM           SCIEAS 
_citation.country                   US 
_citation.journal_id_ISSN           0036-8075 
_citation.journal_id_CSD            0038 
_citation.book_publisher            ? 
_citation.pdbx_database_id_PubMed   19008417 
_citation.pdbx_database_id_DOI      10.1126/SCIENCE.1165322 
# 
loop_
_citation_author.citation_id 
_citation_author.name 
_citation_author.ordinal 
_citation_author.identifier_ORCID 
primary 'Samson, R.Y.'   1 ? 
primary 'Obita, T.'      2 ? 
primary 'Freund, S.M.'   3 ? 
primary 'Williams, R.L.' 4 ? 
primary 'Bell, S.D.'     5 ? 
# 
_cell.entry_id           2W2U 
_cell.length_a           49.855 
_cell.length_b           49.855 
_cell.length_c           107.672 
_cell.angle_alpha        90.00 
_cell.angle_beta         90.00 
_cell.angle_gamma        90.00 
_cell.Z_PDB              8 
_cell.pdbx_unique_axis   ? 
# 
_symmetry.entry_id                         2W2U 
_symmetry.space_group_name_H-M             'P 43' 
_symmetry.pdbx_full_space_group_name_H-M   ? 
_symmetry.cell_setting                     ? 
_symmetry.Int_Tables_number                78 
# 
loop_
_entity.id 
_entity.type 
_entity.src_method 
_entity.pdbx_description 
_entity.formula_weight 
_entity.pdbx_number_of_molecules 
_entity.pdbx_ec 
_entity.pdbx_mutation 
_entity.pdbx_fragment 
_entity.details 
1 polymer man 'HYPOTHETICAL P60 KATANIN'   9611.070 2   ? ? 'MIT DOMAIN, RESIDUES 1-75' ? 
2 polymer syn 'CONSERVED ARCHAEAL PROTEIN' 1614.838 2   ? ? 'RESIDUES 182-195'          ? 
3 water   nat water                        18.015   118 ? ? ?                           ? 
# 
loop_
_entity_name_com.entity_id 
_entity_name_com.name 
1 'SACI1372, AAA FAMILY ATPASE' 
2 SACI1373                      
# 
loop_
_entity_poly.entity_id 
_entity_poly.type 
_entity_poly.nstd_linkage 
_entity_poly.nstd_monomer 
_entity_poly.pdbx_seq_one_letter_code 
_entity_poly.pdbx_seq_one_letter_code_can 
_entity_poly.pdbx_strand_id 
_entity_poly.pdbx_target_identifier 
1 'polypeptide(L)' no no 
;MAHHHHHHMSAQVMLEEMARKYAINAVKADKEGNAEEAITNYKKAIEVLAQLVSLYRDGSTAAIYEQMINEYKRRIEVLK
ELI
;
;MAHHHHHHMSAQVMLEEMARKYAINAVKADKEGNAEEAITNYKKAIEVLAQLVSLYRDGSTAAIYEQMINEYKRRIEVLK
ELI
;
A,B ? 
2 'polypeptide(L)' no no VRELLPELPHPPSE                                                                         VRELLPELPHPPSE C,D 
? 
# 
loop_
_entity_poly_seq.entity_id 
_entity_poly_seq.num 
_entity_poly_seq.mon_id 
_entity_poly_seq.hetero 
1 1  MET n 
1 2  ALA n 
1 3  HIS n 
1 4  HIS n 
1 5  HIS n 
1 6  HIS n 
1 7  HIS n 
1 8  HIS n 
1 9  MET n 
1 10 SER n 
1 11 ALA n 
1 12 GLN n 
1 13 VAL n 
1 14 MET n 
1 15 LEU n 
1 16 GLU n 
1 17 GLU n 
1 18 MET n 
1 19 ALA n 
1 20 ARG n 
1 21 LYS n 
1 22 TYR n 
1 23 ALA n 
1 24 ILE n 
1 25 ASN n 
1 26 ALA n 
1 27 VAL n 
1 28 LYS n 
1 29 ALA n 
1 30 ASP n 
1 31 LYS n 
1 32 GLU n 
1 33 GLY n 
1 34 ASN n 
1 35 ALA n 
1 36 GLU n 
1 37 GLU n 
1 38 ALA n 
1 39 ILE n 
1 40 THR n 
1 41 ASN n 
1 42 TYR n 
1 43 LYS n 
1 44 LYS n 
1 45 ALA n 
1 46 ILE n 
1 47 GLU n 
1 48 VAL n 
1 49 LEU n 
1 50 ALA n 
1 51 GLN n 
1 52 LEU n 
1 53 VAL n 
1 54 SER n 
1 55 LEU n 
1 56 TYR n 
1 57 ARG n 
1 58 ASP n 
1 59 GLY n 
1 60 SER n 
1 61 THR n 
1 62 ALA n 
1 63 ALA n 
1 64 ILE n 
1 65 TYR n 
1 66 GLU n 
1 67 GLN n 
1 68 MET n 
1 69 ILE n 
1 70 ASN n 
1 71 GLU n 
1 72 TYR n 
1 73 LYS n 
1 74 ARG n 
1 75 ARG n 
1 76 ILE n 
1 77 GLU n 
1 78 VAL n 
1 79 LEU n 
1 80 LYS n 
1 81 GLU n 
1 82 LEU n 
1 83 ILE n 
2 1  VAL n 
2 2  ARG n 
2 3  GLU n 
2 4  LEU n 
2 5  LEU n 
2 6  PRO n 
2 7  GLU n 
2 8  LEU n 
2 9  PRO n 
2 10 HIS n 
2 11 PRO n 
2 12 PRO n 
2 13 SER n 
2 14 GLU n 
# 
_entity_src_gen.entity_id                          1 
_entity_src_gen.pdbx_src_id                        1 
_entity_src_gen.pdbx_alt_source_flag               sample 
_entity_src_gen.pdbx_seq_type                      ? 
_entity_src_gen.pdbx_beg_seq_num                   ? 
_entity_src_gen.pdbx_end_seq_num                   ? 
_entity_src_gen.gene_src_common_name               ? 
_entity_src_gen.gene_src_genus                     ? 
_entity_src_gen.pdbx_gene_src_gene                 ? 
_entity_src_gen.gene_src_species                   ? 
_entity_src_gen.gene_src_strain                    ? 
_entity_src_gen.gene_src_tissue                    ? 
_entity_src_gen.gene_src_tissue_fraction           ? 
_entity_src_gen.gene_src_details                   ? 
_entity_src_gen.pdbx_gene_src_fragment             ? 
_entity_src_gen.pdbx_gene_src_scientific_name      'SULFOLOBUS ACIDOCALDARIUS' 
_entity_src_gen.pdbx_gene_src_ncbi_taxonomy_id     2285 
_entity_src_gen.pdbx_gene_src_variant              ? 
_entity_src_gen.pdbx_gene_src_cell_line            ? 
_entity_src_gen.pdbx_gene_src_atcc                 ? 
_entity_src_gen.pdbx_gene_src_organ                ? 
_entity_src_gen.pdbx_gene_src_organelle            ? 
_entity_src_gen.pdbx_gene_src_cell                 ? 
_entity_src_gen.pdbx_gene_src_cellular_location    ? 
_entity_src_gen.host_org_common_name               ? 
_entity_src_gen.pdbx_host_org_scientific_name      'ESCHERICHIA COLI BL21(DE3)' 
_entity_src_gen.pdbx_host_org_ncbi_taxonomy_id     469008 
_entity_src_gen.host_org_genus                     ? 
_entity_src_gen.pdbx_host_org_gene                 ? 
_entity_src_gen.pdbx_host_org_organ                ? 
_entity_src_gen.host_org_species                   ? 
_entity_src_gen.pdbx_host_org_tissue               ? 
_entity_src_gen.pdbx_host_org_tissue_fraction      ? 
_entity_src_gen.pdbx_host_org_strain               ? 
_entity_src_gen.pdbx_host_org_variant              'C41 RIPL' 
_entity_src_gen.pdbx_host_org_cell_line            ? 
_entity_src_gen.pdbx_host_org_atcc                 ? 
_entity_src_gen.pdbx_host_org_culture_collection   ? 
_entity_src_gen.pdbx_host_org_cell                 ? 
_entity_src_gen.pdbx_host_org_organelle            ? 
_entity_src_gen.pdbx_host_org_cellular_location    ? 
_entity_src_gen.pdbx_host_org_vector_type          ? 
_entity_src_gen.pdbx_host_org_vector               ? 
_entity_src_gen.host_org_details                   ? 
_entity_src_gen.expression_system_id               ? 
_entity_src_gen.plasmid_name                       POPTH 
_entity_src_gen.plasmid_details                    ? 
_entity_src_gen.pdbx_description                   ? 
# 
_pdbx_entity_src_syn.entity_id              2 
_pdbx_entity_src_syn.pdbx_src_id            1 
_pdbx_entity_src_syn.pdbx_alt_source_flag   sample 
_pdbx_entity_src_syn.pdbx_beg_seq_num       ? 
_pdbx_entity_src_syn.pdbx_end_seq_num       ? 
_pdbx_entity_src_syn.organism_scientific    'SULFOLOBUS ACIDOCALDARIUS' 
_pdbx_entity_src_syn.organism_common_name   ? 
_pdbx_entity_src_syn.ncbi_taxonomy_id       2285 
_pdbx_entity_src_syn.details                ? 
# 
loop_
_struct_ref.id 
_struct_ref.db_name 
_struct_ref.db_code 
_struct_ref.entity_id 
_struct_ref.pdbx_seq_one_letter_code 
_struct_ref.pdbx_align_begin 
_struct_ref.pdbx_db_accession 
_struct_ref.pdbx_db_isoform 
1 PDB 2W2U         1 ? ? 2W2U   ? 
2 UNP Q877H3_SULAC 1 ? ? Q877H3 ? 
3 UNP Q4J924_SULAC 2 ? ? Q4J924 ? 
# 
loop_
_struct_ref_seq.align_id 
_struct_ref_seq.ref_id 
_struct_ref_seq.pdbx_PDB_id_code 
_struct_ref_seq.pdbx_strand_id 
_struct_ref_seq.seq_align_beg 
_struct_ref_seq.pdbx_seq_align_beg_ins_code 
_struct_ref_seq.seq_align_end 
_struct_ref_seq.pdbx_seq_align_end_ins_code 
_struct_ref_seq.pdbx_db_accession 
_struct_ref_seq.db_align_beg 
_struct_ref_seq.pdbx_db_align_beg_ins_code 
_struct_ref_seq.db_align_end 
_struct_ref_seq.pdbx_db_align_end_ins_code 
_struct_ref_seq.pdbx_auth_seq_align_beg 
_struct_ref_seq.pdbx_auth_seq_align_end 
1 1 2W2U A 1 ? 8  ? 2W2U   -7  ? 0   ? -7  0   
2 2 2W2U A 9 ? 83 ? Q877H3 1   ? 75  ? 1   75  
3 1 2W2U B 1 ? 8  ? 2W2U   -7  ? 0   ? -7  0   
4 2 2W2U B 9 ? 83 ? Q877H3 1   ? 75  ? 1   75  
5 3 2W2U C 1 ? 14 ? Q4J924 182 ? 195 ? 182 195 
6 3 2W2U D 1 ? 14 ? Q4J924 182 ? 195 ? 182 195 
# 
loop_
_chem_comp.id 
_chem_comp.type 
_chem_comp.mon_nstd_flag 
_chem_comp.name 
_chem_comp.pdbx_synonyms 
_chem_comp.formula 
_chem_comp.formula_weight 
ALA 'L-peptide linking' y ALANINE         ? 'C3 H7 N O2'     89.093  
ARG 'L-peptide linking' y ARGININE        ? 'C6 H15 N4 O2 1' 175.209 
ASN 'L-peptide linking' y ASPARAGINE      ? 'C4 H8 N2 O3'    132.118 
ASP 'L-peptide linking' y 'ASPARTIC ACID' ? 'C4 H7 N O4'     133.103 
GLN 'L-peptide linking' y GLUTAMINE       ? 'C5 H10 N2 O3'   146.144 
GLU 'L-peptide linking' y 'GLUTAMIC ACID' ? 'C5 H9 N O4'     147.129 
GLY 'peptide linking'   y GLYCINE         ? 'C2 H5 N O2'     75.067  
HIS 'L-peptide linking' y HISTIDINE       ? 'C6 H10 N3 O2 1' 156.162 
HOH non-polymer         . WATER           ? 'H2 O'           18.015  
ILE 'L-peptide linking' y ISOLEUCINE      ? 'C6 H13 N O2'    131.173 
LEU 'L-peptide linking' y LEUCINE         ? 'C6 H13 N O2'    131.173 
LYS 'L-peptide linking' y LYSINE          ? 'C6 H15 N2 O2 1' 147.195 
MET 'L-peptide linking' y METHIONINE      ? 'C5 H11 N O2 S'  149.211 
PRO 'L-peptide linking' y PROLINE         ? 'C5 H9 N O2'     115.130 
SER 'L-peptide linking' y SERINE          ? 'C3 H7 N O3'     105.093 
THR 'L-peptide linking' y THREONINE       ? 'C4 H9 N O3'     119.119 
TYR 'L-peptide linking' y TYROSINE        ? 'C9 H11 N O3'    181.189 
VAL 'L-peptide linking' y VALINE          ? 'C5 H11 N O2'    117.146 
# 
_exptl.entry_id          2W2U 
_exptl.method            'X-RAY DIFFRACTION' 
_exptl.crystals_number   10 
# 
_exptl_crystal.id                    1 
_exptl_crystal.density_meas          ? 
_exptl_crystal.density_Matthews      2.32 
_exptl_crystal.density_percent_sol   47 
_exptl_crystal.description           NONE 
# 
_exptl_crystal_grow.crystal_id      1 
_exptl_crystal_grow.method          ? 
_exptl_crystal_grow.temp            ? 
_exptl_crystal_grow.temp_details    ? 
_exptl_crystal_grow.pH              7 
_exptl_crystal_grow.pdbx_pH_range   ? 
_exptl_crystal_grow.pdbx_details    '15% PEG4K, 0.1M TRIS(PH7.5)' 
# 
_diffrn.id                     1 
_diffrn.ambient_temp           100 
_diffrn.ambient_temp_details   ? 
_diffrn.crystal_id             1 
# 
_diffrn_detector.diffrn_id              1 
_diffrn_detector.detector               CCD 
_diffrn_detector.type                   MARRESEARCH 
_diffrn_detector.pdbx_collection_date   2008-04-23 
_diffrn_detector.details                ? 
# 
_diffrn_radiation.diffrn_id                        1 
_diffrn_radiation.wavelength_id                    1 
_diffrn_radiation.pdbx_monochromatic_or_laue_m_l   M 
_diffrn_radiation.monochromator                    ? 
_diffrn_radiation.pdbx_diffrn_protocol             'SINGLE WAVELENGTH' 
_diffrn_radiation.pdbx_scattering_type             x-ray 
# 
_diffrn_radiation_wavelength.id           1 
_diffrn_radiation_wavelength.wavelength   1 
_diffrn_radiation_wavelength.wt           1.0 
# 
_diffrn_source.diffrn_id                   1 
_diffrn_source.source                      SYNCHROTRON 
_diffrn_source.type                        'ESRF BEAMLINE ID29' 
_diffrn_source.pdbx_synchrotron_site       ESRF 
_diffrn_source.pdbx_synchrotron_beamline   ID29 
_diffrn_source.pdbx_wavelength             1 
_diffrn_source.pdbx_wavelength_list        ? 
# 
_reflns.pdbx_diffrn_id               1 
_reflns.pdbx_ordinal                 1 
_reflns.entry_id                     2W2U 
_reflns.observed_criterion_sigma_I   2.0 
_reflns.observed_criterion_sigma_F   ? 
_reflns.d_resolution_low             49.88 
_reflns.d_resolution_high            2.20 
_reflns.number_obs                   12626 
_reflns.number_all                   ? 
_reflns.percent_possible_obs         99.5 
_reflns.pdbx_Rmerge_I_obs            0.14 
_reflns.pdbx_Rsym_value              ? 
_reflns.pdbx_netI_over_sigmaI        16.20 
_reflns.B_iso_Wilson_estimate        ? 
_reflns.pdbx_redundancy              7.2 
# 
_reflns_shell.pdbx_diffrn_id         1 
_reflns_shell.pdbx_ordinal           1 
_reflns_shell.d_res_high             2.20 
_reflns_shell.d_res_low              2.32 
_reflns_shell.percent_possible_all   99.5 
_reflns_shell.Rmerge_I_obs           0.52 
_reflns_shell.pdbx_Rsym_value        ? 
_reflns_shell.meanI_over_sigI_obs    3.70 
_reflns_shell.pdbx_redundancy        7.4 
# 
_refine.pdbx_refine_id                           'X-RAY DIFFRACTION' 
_refine.entry_id                                 2W2U 
_refine.pdbx_diffrn_id                           1 
_refine.pdbx_TLS_residual_ADP_flag               ? 
_refine.ls_number_reflns_obs                     12626 
_refine.ls_number_reflns_all                     ? 
_refine.pdbx_ls_sigma_I                          ? 
_refine.pdbx_ls_sigma_F                          ? 
_refine.pdbx_data_cutoff_high_absF               ? 
_refine.pdbx_data_cutoff_low_absF                ? 
_refine.pdbx_data_cutoff_high_rms_absF           ? 
_refine.ls_d_res_low                             49.88 
_refine.ls_d_res_high                            2.20 
_refine.ls_percent_reflns_obs                    99.5 
_refine.ls_R_factor_obs                          0.227 
_refine.ls_R_factor_all                          ? 
_refine.ls_R_factor_R_work                       0.225 
_refine.ls_R_factor_R_free                       0.268 
_refine.ls_R_factor_R_free_error                 ? 
_refine.ls_R_factor_R_free_error_details         ? 
_refine.ls_percent_reflns_R_free                 5.100 
_refine.ls_number_reflns_R_free                  679 
_refine.ls_number_parameters                     ? 
_refine.ls_number_restraints                     ? 
_refine.occupancy_min                            ? 
_refine.occupancy_max                            ? 
_refine.correlation_coeff_Fo_to_Fc               0.903 
_refine.correlation_coeff_Fo_to_Fc_free          0.876 
_refine.B_iso_mean                               16.84 
_refine.aniso_B[1][1]                            0.53000 
_refine.aniso_B[2][2]                            0.53000 
_refine.aniso_B[3][3]                            -1.05000 
_refine.aniso_B[1][2]                            0.00000 
_refine.aniso_B[1][3]                            0.00000 
_refine.aniso_B[2][3]                            0.00000 
_refine.solvent_model_details                    MASK 
_refine.solvent_model_param_ksol                 ? 
_refine.solvent_model_param_bsol                 ? 
_refine.pdbx_solvent_vdw_probe_radii             1.20 
_refine.pdbx_solvent_ion_probe_radii             0.80 
_refine.pdbx_solvent_shrinkage_radii             0.80 
_refine.pdbx_ls_cross_valid_method               THROUGHOUT 
_refine.details                                  'HYDROGENS HAVE BEEN ADDED IN THE RIDING POSITIONS.' 
_refine.pdbx_starting_model                      'PDB ENTRY 2V6Y' 
_refine.pdbx_method_to_determine_struct          'MOLECULAR REPLACEMENT' 
_refine.pdbx_isotropic_thermal_model             ? 
_refine.pdbx_stereochemistry_target_values       'MAXIMUM LIKELIHOOD' 
_refine.pdbx_stereochem_target_val_spec_case     ? 
_refine.pdbx_R_Free_selection_details            RANDOM 
_refine.pdbx_overall_ESU_R                       0.238 
_refine.pdbx_overall_ESU_R_Free                  0.207 
_refine.overall_SU_ML                            0.137 
_refine.pdbx_overall_phase_error                 ? 
_refine.overall_SU_B                             5.188 
_refine.overall_SU_R_Cruickshank_DPI             ? 
_refine.pdbx_overall_SU_R_free_Cruickshank_DPI   ? 
_refine.pdbx_overall_SU_R_Blow_DPI               ? 
_refine.pdbx_overall_SU_R_free_Blow_DPI          ? 
# 
_refine_hist.pdbx_refine_id                   'X-RAY DIFFRACTION' 
_refine_hist.cycle_id                         LAST 
_refine_hist.pdbx_number_atoms_protein        1370 
_refine_hist.pdbx_number_atoms_nucleic_acid   0 
_refine_hist.pdbx_number_atoms_ligand         0 
_refine_hist.number_atoms_solvent             118 
_refine_hist.number_atoms_total               1488 
_refine_hist.d_res_high                       2.20 
_refine_hist.d_res_low                        49.88 
# 
loop_
_refine_ls_restr.type 
_refine_ls_restr.dev_ideal 
_refine_ls_restr.dev_ideal_target 
_refine_ls_restr.weight 
_refine_ls_restr.number 
_refine_ls_restr.pdbx_refine_id 
_refine_ls_restr.pdbx_restraint_function 
r_bond_refined_d             0.008  0.022  ? 1386 'X-RAY DIFFRACTION' ? 
r_bond_other_d               ?      ?      ? ?    'X-RAY DIFFRACTION' ? 
r_angle_refined_deg          1.043  2.002  ? 1864 'X-RAY DIFFRACTION' ? 
r_angle_other_deg            ?      ?      ? ?    'X-RAY DIFFRACTION' ? 
r_dihedral_angle_1_deg       4.750  5.000  ? 167  'X-RAY DIFFRACTION' ? 
r_dihedral_angle_2_deg       39.395 25.000 ? 64   'X-RAY DIFFRACTION' ? 
r_dihedral_angle_3_deg       14.474 15.000 ? 275  'X-RAY DIFFRACTION' ? 
r_dihedral_angle_4_deg       16.020 15.000 ? 10   'X-RAY DIFFRACTION' ? 
r_chiral_restr               0.067  0.200  ? 213  'X-RAY DIFFRACTION' ? 
r_gen_planes_refined         0.003  0.020  ? 1010 'X-RAY DIFFRACTION' ? 
r_gen_planes_other           ?      ?      ? ?    'X-RAY DIFFRACTION' ? 
r_nbd_refined                0.189  0.200  ? 714  'X-RAY DIFFRACTION' ? 
r_nbd_other                  ?      ?      ? ?    'X-RAY DIFFRACTION' ? 
r_nbtor_refined              0.291  0.200  ? 957  'X-RAY DIFFRACTION' ? 
r_nbtor_other                ?      ?      ? ?    'X-RAY DIFFRACTION' ? 
r_xyhbond_nbd_refined        0.137  0.200  ? 100  'X-RAY DIFFRACTION' ? 
r_xyhbond_nbd_other          ?      ?      ? ?    'X-RAY DIFFRACTION' ? 
r_metal_ion_refined          ?      ?      ? ?    'X-RAY DIFFRACTION' ? 
r_metal_ion_other            ?      ?      ? ?    'X-RAY DIFFRACTION' ? 
r_symmetry_vdw_refined       0.214  0.200  ? 30   'X-RAY DIFFRACTION' ? 
r_symmetry_vdw_other         ?      ?      ? ?    'X-RAY DIFFRACTION' ? 
r_symmetry_hbond_refined     0.092  0.200  ? 9    'X-RAY DIFFRACTION' ? 
r_symmetry_hbond_other       ?      ?      ? ?    'X-RAY DIFFRACTION' ? 
r_symmetry_metal_ion_refined ?      ?      ? ?    'X-RAY DIFFRACTION' ? 
r_symmetry_metal_ion_other   ?      ?      ? ?    'X-RAY DIFFRACTION' ? 
r_mcbond_it                  0.508  1.500  ? 899  'X-RAY DIFFRACTION' ? 
r_mcbond_other               ?      ?      ? ?    'X-RAY DIFFRACTION' ? 
r_mcangle_it                 0.706  2.000  ? 1374 'X-RAY DIFFRACTION' ? 
r_mcangle_other              ?      ?      ? ?    'X-RAY DIFFRACTION' ? 
r_scbond_it                  1.252  3.000  ? 562  'X-RAY DIFFRACTION' ? 
r_scbond_other               ?      ?      ? ?    'X-RAY DIFFRACTION' ? 
r_scangle_it                 2.107  4.500  ? 490  'X-RAY DIFFRACTION' ? 
r_scangle_other              ?      ?      ? ?    'X-RAY DIFFRACTION' ? 
r_long_range_B_refined       ?      ?      ? ?    'X-RAY DIFFRACTION' ? 
r_long_range_B_other         ?      ?      ? ?    'X-RAY DIFFRACTION' ? 
r_rigid_bond_restr           ?      ?      ? ?    'X-RAY DIFFRACTION' ? 
r_sphericity_free            ?      ?      ? ?    'X-RAY DIFFRACTION' ? 
r_sphericity_bonded          ?      ?      ? ?    'X-RAY DIFFRACTION' ? 
# 
_refine_ls_shell.pdbx_refine_id                   'X-RAY DIFFRACTION' 
_refine_ls_shell.pdbx_total_number_of_bins_used   20 
_refine_ls_shell.d_res_high                       2.20 
_refine_ls_shell.d_res_low                        2.26 
_refine_ls_shell.number_reflns_R_work             932 
_refine_ls_shell.R_factor_R_work                  0.2250 
_refine_ls_shell.percent_reflns_obs               ? 
_refine_ls_shell.R_factor_R_free                  0.2630 
_refine_ls_shell.R_factor_R_free_error            ? 
_refine_ls_shell.percent_reflns_R_free            ? 
_refine_ls_shell.number_reflns_R_free             53 
_refine_ls_shell.number_reflns_all                ? 
_refine_ls_shell.R_factor_all                     ? 
# 
loop_
_struct_ncs_oper.id 
_struct_ncs_oper.code 
_struct_ncs_oper.details 
_struct_ncs_oper.matrix[1][1] 
_struct_ncs_oper.matrix[1][2] 
_struct_ncs_oper.matrix[1][3] 
_struct_ncs_oper.matrix[2][1] 
_struct_ncs_oper.matrix[2][2] 
_struct_ncs_oper.matrix[2][3] 
_struct_ncs_oper.matrix[3][1] 
_struct_ncs_oper.matrix[3][2] 
_struct_ncs_oper.matrix[3][3] 
_struct_ncs_oper.vector[1] 
_struct_ncs_oper.vector[2] 
_struct_ncs_oper.vector[3] 
1 given ? 0.11525801  0.51885515 -0.84650776 0.51398171 -0.76031010 -0.39637146 -0.84965957 -0.39002199 -0.35494792 -0.09082 0.06860 0.06318  
2 given ? -0.01045269 0.51347492 -0.85764110 0.55488865 -0.71072991 -0.43186772 -0.83144236 -0.48062763 -0.27781741 0.80207  0.30875 -2.07702 
# 
_struct.entry_id                  2W2U 
_struct.title                     'STRUCTURAL INSIGHT INTO THE INTERACTION BETWEEN ARCHAEAL ESCRT-III AND AAA-ATPASE' 
_struct.pdbx_model_details        ? 
_struct.pdbx_CASP_flag            ? 
_struct.pdbx_model_type_details   ? 
# 
_struct_keywords.entry_id        2W2U 
_struct_keywords.pdbx_keywords   HYDROLASE/TRANSPORT 
_struct_keywords.text            
'HYDROLASE TRANSPORT COMPLEX, NUCLEOTIDE-BINDING, ESCRT, AAA-ATPASE, CYTOKINESIS, ATP-BINDING, HYDROLASE-TRANSPORT complex' 
# 
loop_
_struct_asym.id 
_struct_asym.pdbx_blank_PDB_chainid_flag 
_struct_asym.pdbx_modified 
_struct_asym.entity_id 
_struct_asym.details 
A N N 1 ? 
B N N 1 ? 
C N N 2 ? 
D N N 2 ? 
E N N 3 ? 
F N N 3 ? 
G N N 3 ? 
H N N 3 ? 
# 
_struct_biol.id   1 
# 
loop_
_struct_conf.conf_type_id 
_struct_conf.id 
_struct_conf.pdbx_PDB_helix_id 
_struct_conf.beg_label_comp_id 
_struct_conf.beg_label_asym_id 
_struct_conf.beg_label_seq_id 
_struct_conf.pdbx_beg_PDB_ins_code 
_struct_conf.end_label_comp_id 
_struct_conf.end_label_asym_id 
_struct_conf.end_label_seq_id 
_struct_conf.pdbx_end_PDB_ins_code 
_struct_conf.beg_auth_comp_id 
_struct_conf.beg_auth_asym_id 
_struct_conf.beg_auth_seq_id 
_struct_conf.end_auth_comp_id 
_struct_conf.end_auth_asym_id 
_struct_conf.end_auth_seq_id 
_struct_conf.pdbx_PDB_helix_class 
_struct_conf.details 
_struct_conf.pdbx_PDB_helix_length 
HELX_P HELX_P1 1 SER A 10 ? GLU A 32 ? SER A 2  GLU A 24 1 ? 23 
HELX_P HELX_P2 2 ASN A 34 ? TYR A 56 ? ASN A 26 TYR A 48 1 ? 23 
HELX_P HELX_P3 3 THR A 61 ? LEU A 82 ? THR A 53 LEU A 74 1 ? 22 
HELX_P HELX_P4 4 SER B 10 ? GLY B 33 ? SER B 2  GLY B 25 1 ? 24 
HELX_P HELX_P5 5 ASN B 34 ? ARG B 57 ? ASN B 26 ARG B 49 1 ? 24 
HELX_P HELX_P6 6 THR B 61 ? GLU B 81 ? THR B 53 GLU B 73 1 ? 21 
# 
_struct_conf_type.id          HELX_P 
_struct_conf_type.criteria    ? 
_struct_conf_type.reference   ? 
# 
loop_
_struct_mon_prot_cis.pdbx_id 
_struct_mon_prot_cis.label_comp_id 
_struct_mon_prot_cis.label_seq_id 
_struct_mon_prot_cis.label_asym_id 
_struct_mon_prot_cis.label_alt_id 
_struct_mon_prot_cis.pdbx_PDB_ins_code 
_struct_mon_prot_cis.auth_comp_id 
_struct_mon_prot_cis.auth_seq_id 
_struct_mon_prot_cis.auth_asym_id 
_struct_mon_prot_cis.pdbx_label_comp_id_2 
_struct_mon_prot_cis.pdbx_label_seq_id_2 
_struct_mon_prot_cis.pdbx_label_asym_id_2 
_struct_mon_prot_cis.pdbx_PDB_ins_code_2 
_struct_mon_prot_cis.pdbx_auth_comp_id_2 
_struct_mon_prot_cis.pdbx_auth_seq_id_2 
_struct_mon_prot_cis.pdbx_auth_asym_id_2 
_struct_mon_prot_cis.pdbx_PDB_model_num 
_struct_mon_prot_cis.pdbx_omega_angle 
1 LEU 5 C . ? LEU 186 C PRO 6 C ? PRO 187 C 1 5.46  
2 LEU 5 D . ? LEU 186 D PRO 6 D ? PRO 187 D 1 -7.89 
# 
_atom_sites.entry_id                    2W2U 
_atom_sites.fract_transf_matrix[1][1]   -0.00770887 
_atom_sites.fract_transf_matrix[1][2]   -0.01672351 
_atom_sites.fract_transf_matrix[1][3]   0.00795116 
_atom_sites.fract_transf_matrix[2][1]   0.01467909 
_atom_sites.fract_transf_matrix[2][2]   -0.01076911 
_atom_sites.fract_transf_matrix[2][3]   -0.00841866 
_atom_sites.fract_transf_matrix[3][1]   0.00522647 
_atom_sites.fract_transf_matrix[3][2]   0.00119612 
_atom_sites.fract_transf_matrix[3][3]   0.00758299 
_atom_sites.fract_transf_vector[1]      0.169721 
_atom_sites.fract_transf_vector[2]      -0.125414 
_atom_sites.fract_transf_vector[3]      0.331948 
# 
loop_
_atom_type.symbol 
C 
N 
O 
S 
# 
loop_
_atom_site.group_PDB 
_atom_site.id 
_atom_site.type_symbol 
_atom_site.label_atom_id 
_atom_site.label_alt_id 
_atom_site.label_comp_id 
_atom_site.label_asym_id 
_atom_site.label_entity_id 
_atom_site.label_seq_id 
_atom_site.pdbx_PDB_ins_code 
_atom_site.Cartn_x 
_atom_site.Cartn_y 
_atom_site.Cartn_z 
_atom_site.occupancy 
_atom_site.B_iso_or_equiv 
_atom_site.pdbx_formal_charge 
_atom_site.auth_seq_id 
_atom_site.auth_comp_id 
_atom_site.auth_asym_id 
_atom_site.auth_atom_id 
_atom_site.pdbx_PDB_model_num 
ATOM   1    N N   . MET A 1 9  ? -11.511 -7.261  12.975  1.00 24.71 ? 1    MET A N   1 
ATOM   2    C CA  . MET A 1 9  ? -10.120 -7.484  12.487  1.00 24.62 ? 1    MET A CA  1 
ATOM   3    C C   . MET A 1 9  ? -9.412  -6.153  12.260  1.00 23.59 ? 1    MET A C   1 
ATOM   4    O O   . MET A 1 9  ? -9.874  -5.326  11.472  1.00 24.07 ? 1    MET A O   1 
ATOM   5    C CB  . MET A 1 9  ? -10.131 -8.318  11.200  1.00 24.69 ? 1    MET A CB  1 
ATOM   6    C CG  . MET A 1 9  ? -8.747  -8.698  10.683  1.00 25.30 ? 1    MET A CG  1 
ATOM   7    S SD  . MET A 1 9  ? -8.812  -9.768  9.230   1.00 26.31 ? 1    MET A SD  1 
ATOM   8    C CE  . MET A 1 9  ? -9.207  -11.351 9.982   1.00 27.18 ? 1    MET A CE  1 
ATOM   9    N N   . SER A 1 10 ? -8.293  -5.960  12.957  1.00 22.33 ? 2    SER A N   1 
ATOM   10   C CA  . SER A 1 10 ? -7.460  -4.760  12.825  1.00 20.78 ? 2    SER A CA  1 
ATOM   11   C C   . SER A 1 10 ? -6.910  -4.580  11.404  1.00 19.96 ? 2    SER A C   1 
ATOM   12   O O   . SER A 1 10 ? -6.956  -5.507  10.590  1.00 19.52 ? 2    SER A O   1 
ATOM   13   C CB  . SER A 1 10 ? -6.292  -4.828  13.809  1.00 20.81 ? 2    SER A CB  1 
ATOM   14   O OG  . SER A 1 10 ? -5.318  -5.758  13.368  1.00 19.54 ? 2    SER A OG  1 
ATOM   15   N N   . ALA A 1 11 ? -6.393  -3.385  11.126  1.00 18.78 ? 3    ALA A N   1 
ATOM   16   C CA  . ALA A 1 11 ? -5.780  -3.069  9.837   1.00 18.00 ? 3    ALA A CA  1 
ATOM   17   C C   . ALA A 1 11 ? -4.496  -3.864  9.585   1.00 17.38 ? 3    ALA A C   1 
ATOM   18   O O   . ALA A 1 11 ? -4.206  -4.229  8.444   1.00 17.13 ? 3    ALA A O   1 
ATOM   19   C CB  . ALA A 1 11 ? -5.510  -1.565  9.728   1.00 17.99 ? 3    ALA A CB  1 
ATOM   20   N N   . GLN A 1 12 ? -3.736  -4.128  10.651  1.00 16.56 ? 4    GLN A N   1 
ATOM   21   C CA  . GLN A 1 12 ? -2.483  -4.873  10.548  1.00 15.91 ? 4    GLN A CA  1 
ATOM   22   C C   . GLN A 1 12 ? -2.739  -6.306  10.113  1.00 15.75 ? 4    GLN A C   1 
ATOM   23   O O   . GLN A 1 12 ? -2.181  -6.767  9.117   1.00 15.11 ? 4    GLN A O   1 
ATOM   24   C CB  . GLN A 1 12 ? -1.718  -4.853  11.874  1.00 15.99 ? 4    GLN A CB  1 
ATOM   25   C CG  . GLN A 1 12 ? -0.289  -5.372  11.758  1.00 15.30 ? 4    GLN A CG  1 
ATOM   26   C CD  . GLN A 1 12 ? 0.581   -5.028  12.953  1.00 14.59 ? 4    GLN A CD  1 
ATOM   27   O OE1 . GLN A 1 12 ? 1.810   -4.996  12.849  1.00 14.88 ? 4    GLN A OE1 1 
ATOM   28   N NE2 . GLN A 1 12 ? -0.048  -4.768  14.094  1.00 14.23 ? 4    GLN A NE2 1 
ATOM   29   N N   . VAL A 1 13 ? -3.600  -6.993  10.867  1.00 15.77 ? 5    VAL A N   1 
ATOM   30   C CA  . VAL A 1 13 ? -3.946  -8.390  10.624  1.00 15.72 ? 5    VAL A CA  1 
ATOM   31   C C   . VAL A 1 13 ? -4.617  -8.578  9.254   1.00 15.80 ? 5    VAL A C   1 
ATOM   32   O O   . VAL A 1 13 ? -4.339  -9.543  8.547   1.00 15.67 ? 5    VAL A O   1 
ATOM   33   C CB  . VAL A 1 13 ? -4.838  -8.958  11.772  1.00 15.62 ? 5    VAL A CB  1 
ATOM   34   C CG1 . VAL A 1 13 ? -5.369  -10.341 11.432  1.00 15.77 ? 5    VAL A CG1 1 
ATOM   35   C CG2 . VAL A 1 13 ? -4.056  -9.011  13.083  1.00 15.53 ? 5    VAL A CG2 1 
ATOM   36   N N   . MET A 1 14 ? -5.484  -7.639  8.889   1.00 15.92 ? 6    MET A N   1 
ATOM   37   C CA  . MET A 1 14 ? -6.175  -7.672  7.605   1.00 16.65 ? 6    MET A CA  1 
ATOM   38   C C   . MET A 1 14 ? -5.192  -7.568  6.426   1.00 15.21 ? 6    MET A C   1 
ATOM   39   O O   . MET A 1 14 ? -5.287  -8.333  5.456   1.00 14.62 ? 6    MET A O   1 
ATOM   40   C CB  . MET A 1 14 ? -7.213  -6.552  7.559   1.00 16.27 ? 6    MET A CB  1 
ATOM   41   C CG  . MET A 1 14 ? -8.238  -6.696  6.460   1.00 18.15 ? 6    MET A CG  1 
ATOM   42   S SD  . MET A 1 14 ? -8.642  -5.090  5.757   1.00 21.51 ? 6    MET A SD  1 
ATOM   43   C CE  . MET A 1 14 ? -7.122  -4.784  4.840   1.00 18.37 ? 6    MET A CE  1 
ATOM   44   N N   . LEU A 1 15 ? -4.244  -6.637  6.523   1.00 14.07 ? 7    LEU A N   1 
ATOM   45   C CA  . LEU A 1 15 ? -3.205  -6.498  5.498   1.00 13.64 ? 7    LEU A CA  1 
ATOM   46   C C   . LEU A 1 15 ? -2.239  -7.684  5.490   1.00 13.08 ? 7    LEU A C   1 
ATOM   47   O O   . LEU A 1 15 ? -1.835  -8.151  4.428   1.00 12.84 ? 7    LEU A O   1 
ATOM   48   C CB  . LEU A 1 15 ? -2.442  -5.176  5.650   1.00 13.44 ? 7    LEU A CB  1 
ATOM   49   C CG  . LEU A 1 15 ? -3.183  -3.881  5.279   1.00 13.57 ? 7    LEU A CG  1 
ATOM   50   C CD1 . LEU A 1 15 ? -2.442  -2.683  5.832   1.00 12.77 ? 7    LEU A CD1 1 
ATOM   51   C CD2 . LEU A 1 15 ? -3.388  -3.735  3.760   1.00 14.40 ? 7    LEU A CD2 1 
ATOM   52   N N   . GLU A 1 16 ? -1.879  -8.175  6.672   1.00 12.94 ? 8    GLU A N   1 
ATOM   53   C CA  . GLU A 1 16 ? -1.033  -9.365  6.775   1.00 13.04 ? 8    GLU A CA  1 
ATOM   54   C C   . GLU A 1 16 ? -1.626  -10.569 6.035   1.00 13.34 ? 8    GLU A C   1 
ATOM   55   O O   . GLU A 1 16 ? -0.913  -11.264 5.312   1.00 13.09 ? 8    GLU A O   1 
ATOM   56   C CB  . GLU A 1 16 ? -0.721  -9.697  8.240   1.00 12.81 ? 8    GLU A CB  1 
ATOM   57   C CG  . GLU A 1 16 ? 0.315   -8.749  8.842   1.00 12.93 ? 8    GLU A CG  1 
ATOM   58   C CD  . GLU A 1 16 ? 0.474   -8.871  10.347  1.00 12.58 ? 8    GLU A CD  1 
ATOM   59   O OE1 . GLU A 1 16 ? -0.325  -9.574  11.001  1.00 11.69 ? 8    GLU A OE1 1 
ATOM   60   O OE2 . GLU A 1 16 ? 1.422   -8.255  10.879  1.00 11.50 ? 8    GLU A OE2 1 
ATOM   61   N N   . GLU A 1 17 ? -2.926  -10.797 6.211   1.00 14.02 ? 9    GLU A N   1 
ATOM   62   C CA  . GLU A 1 17 ? -3.640  -11.868 5.506   1.00 15.13 ? 9    GLU A CA  1 
ATOM   63   C C   . GLU A 1 17 ? -3.671  -11.655 3.981   1.00 14.92 ? 9    GLU A C   1 
ATOM   64   O O   . GLU A 1 17 ? -3.513  -12.613 3.208   1.00 14.71 ? 9    GLU A O   1 
ATOM   65   C CB  . GLU A 1 17 ? -5.058  -12.031 6.086   1.00 15.37 ? 9    GLU A CB  1 
ATOM   66   C CG  . GLU A 1 17 ? -6.106  -12.664 5.146   1.00 18.70 ? 9    GLU A CG  1 
ATOM   67   C CD  . GLU A 1 17 ? -5.808  -14.108 4.726   1.00 23.05 ? 9    GLU A CD  1 
ATOM   68   O OE1 . GLU A 1 17 ? -5.069  -14.833 5.440   1.00 24.78 ? 9    GLU A OE1 1 
ATOM   69   O OE2 . GLU A 1 17 ? -6.329  -14.516 3.662   1.00 24.46 ? 9    GLU A OE2 1 
ATOM   70   N N   . MET A 1 18 ? -3.877  -10.404 3.569   1.00 14.81 ? 10   MET A N   1 
ATOM   71   C CA  . MET A 1 18 ? -3.843  -10.007 2.159   1.00 15.45 ? 10   MET A CA  1 
ATOM   72   C C   . MET A 1 18 ? -2.488  -10.320 1.528   1.00 14.83 ? 10   MET A C   1 
ATOM   73   O O   . MET A 1 18 ? -2.425  -10.918 0.460   1.00 15.17 ? 10   MET A O   1 
ATOM   74   C CB  . MET A 1 18 ? -4.157  -8.513  2.023   1.00 15.22 ? 10   MET A CB  1 
ATOM   75   C CG  . MET A 1 18 ? -4.374  -8.014  0.589   1.00 15.29 ? 10   MET A CG  1 
ATOM   76   S SD  . MET A 1 18 ? -4.701  -6.228  0.527   1.00 17.75 ? 10   MET A SD  1 
ATOM   77   C CE  . MET A 1 18 ? -6.095  -6.093  1.633   1.00 15.73 ? 10   MET A CE  1 
ATOM   78   N N   . ALA A 1 19 ? -1.414  -9.904  2.194   1.00 14.83 ? 11   ALA A N   1 
ATOM   79   C CA  . ALA A 1 19 ? -0.047  -10.217 1.776   1.00 14.81 ? 11   ALA A CA  1 
ATOM   80   C C   . ALA A 1 19 ? 0.190   -11.725 1.694   1.00 14.82 ? 11   ALA A C   1 
ATOM   81   O O   . ALA A 1 19 ? 0.781   -12.208 0.726   1.00 14.51 ? 11   ALA A O   1 
ATOM   82   C CB  . ALA A 1 19 ? 0.960   -9.566  2.726   1.00 14.79 ? 11   ALA A CB  1 
ATOM   83   N N   . ARG A 1 20 ? -0.287  -12.455 2.707   1.00 15.07 ? 12   ARG A N   1 
ATOM   84   C CA  . ARG A 1 20 ? -0.202  -13.920 2.750   1.00 15.73 ? 12   ARG A CA  1 
ATOM   85   C C   . ARG A 1 20 ? -0.862  -14.599 1.543   1.00 15.39 ? 12   ARG A C   1 
ATOM   86   O O   . ARG A 1 20 ? -0.254  -15.460 0.917   1.00 15.27 ? 12   ARG A O   1 
ATOM   87   C CB  . ARG A 1 20 ? -0.798  -14.459 4.055   1.00 15.42 ? 12   ARG A CB  1 
ATOM   88   C CG  . ARG A 1 20 ? -0.637  -15.962 4.237   1.00 16.50 ? 12   ARG A CG  1 
ATOM   89   C CD  . ARG A 1 20 ? -1.193  -16.458 5.577   1.00 17.08 ? 12   ARG A CD  1 
ATOM   90   N NE  . ARG A 1 20 ? -0.510  -15.843 6.717   1.00 20.05 ? 12   ARG A NE  1 
ATOM   91   C CZ  . ARG A 1 20 ? -1.054  -14.939 7.528   1.00 21.45 ? 12   ARG A CZ  1 
ATOM   92   N NH1 . ARG A 1 20 ? -2.310  -14.536 7.356   1.00 22.87 ? 12   ARG A NH1 1 
ATOM   93   N NH2 . ARG A 1 20 ? -0.338  -14.441 8.528   1.00 23.28 ? 12   ARG A NH2 1 
ATOM   94   N N   . LYS A 1 21 ? -2.099  -14.208 1.238   1.00 15.52 ? 13   LYS A N   1 
ATOM   95   C CA  . LYS A 1 21 ? -2.836  -14.703 0.070   1.00 16.23 ? 13   LYS A CA  1 
ATOM   96   C C   . LYS A 1 21 ? -2.049  -14.493 -1.227  1.00 15.59 ? 13   LYS A C   1 
ATOM   97   O O   . LYS A 1 21 ? -1.936  -15.408 -2.038  1.00 15.67 ? 13   LYS A O   1 
ATOM   98   C CB  . LYS A 1 21 ? -4.225  -14.043 -0.014  1.00 16.25 ? 13   LYS A CB  1 
ATOM   99   C CG  . LYS A 1 21 ? -4.881  -14.064 -1.411  1.00 17.88 ? 13   LYS A CG  1 
ATOM   100  C CD  . LYS A 1 21 ? -6.303  -13.474 -1.441  1.00 18.34 ? 13   LYS A CD  1 
ATOM   101  C CE  . LYS A 1 21 ? -6.386  -12.022 -0.935  1.00 21.32 ? 13   LYS A CE  1 
ATOM   102  N NZ  . LYS A 1 21 ? -6.901  -11.943 0.479   1.00 22.15 ? 13   LYS A NZ  1 
ATOM   103  N N   . TYR A 1 22 ? -1.496  -13.296 -1.407  1.00 15.29 ? 14   TYR A N   1 
ATOM   104  C CA  . TYR A 1 22 ? -0.656  -13.012 -2.572  1.00 15.00 ? 14   TYR A CA  1 
ATOM   105  C C   . TYR A 1 22 ? 0.615   -13.860 -2.609  1.00 14.87 ? 14   TYR A C   1 
ATOM   106  O O   . TYR A 1 22 ? 0.965   -14.410 -3.659  1.00 14.57 ? 14   TYR A O   1 
ATOM   107  C CB  . TYR A 1 22 ? -0.310  -11.521 -2.659  1.00 14.98 ? 14   TYR A CB  1 
ATOM   108  C CG  . TYR A 1 22 ? -1.468  -10.639 -3.065  1.00 14.66 ? 14   TYR A CG  1 
ATOM   109  C CD1 . TYR A 1 22 ? -2.201  -10.914 -4.212  1.00 14.47 ? 14   TYR A CD1 1 
ATOM   110  C CD2 . TYR A 1 22 ? -1.818  -9.520  -2.311  1.00 14.41 ? 14   TYR A CD2 1 
ATOM   111  C CE1 . TYR A 1 22 ? -3.261  -10.104 -4.604  1.00 15.29 ? 14   TYR A CE1 1 
ATOM   112  C CE2 . TYR A 1 22 ? -2.884  -8.703  -2.691  1.00 14.99 ? 14   TYR A CE2 1 
ATOM   113  C CZ  . TYR A 1 22 ? -3.597  -9.003  -3.841  1.00 15.35 ? 14   TYR A CZ  1 
ATOM   114  O OH  . TYR A 1 22 ? -4.653  -8.209  -4.242  1.00 16.42 ? 14   TYR A OH  1 
ATOM   115  N N   . ALA A 1 23 ? 1.288   -13.967 -1.463  1.00 14.62 ? 15   ALA A N   1 
ATOM   116  C CA  . ALA A 1 23 ? 2.517   -14.754 -1.341  1.00 14.80 ? 15   ALA A CA  1 
ATOM   117  C C   . ALA A 1 23 ? 2.288   -16.233 -1.660  1.00 15.10 ? 15   ALA A C   1 
ATOM   118  O O   . ALA A 1 23 ? 3.078   -16.844 -2.377  1.00 15.26 ? 15   ALA A O   1 
ATOM   119  C CB  . ALA A 1 23 ? 3.124   -14.590 0.049   1.00 14.54 ? 15   ALA A CB  1 
ATOM   120  N N   . ILE A 1 24 ? 1.202   -16.794 -1.132  1.00 15.42 ? 16   ILE A N   1 
ATOM   121  C CA  . ILE A 1 24 ? 0.805   -18.175 -1.416  1.00 15.82 ? 16   ILE A CA  1 
ATOM   122  C C   . ILE A 1 24 ? 0.484   -18.364 -2.908  1.00 15.76 ? 16   ILE A C   1 
ATOM   123  O O   . ILE A 1 24 ? 0.886   -19.365 -3.506  1.00 16.04 ? 16   ILE A O   1 
ATOM   124  C CB  . ILE A 1 24 ? -0.391  -18.628 -0.524  1.00 15.63 ? 16   ILE A CB  1 
ATOM   125  C CG1 . ILE A 1 24 ? 0.032   -18.701 0.950   1.00 15.66 ? 16   ILE A CG1 1 
ATOM   126  C CG2 . ILE A 1 24 ? -0.946  -19.981 -0.978  1.00 16.06 ? 16   ILE A CG2 1 
ATOM   127  C CD1 . ILE A 1 24 ? -1.134  -18.946 1.917   1.00 16.35 ? 16   ILE A CD1 1 
ATOM   128  N N   . ASN A 1 25 ? -0.229  -17.408 -3.500  1.00 15.92 ? 17   ASN A N   1 
ATOM   129  C CA  . ASN A 1 25 ? -0.513  -17.436 -4.939  1.00 16.21 ? 17   ASN A CA  1 
ATOM   130  C C   . ASN A 1 25 ? 0.759   -17.420 -5.788  1.00 15.99 ? 17   ASN A C   1 
ATOM   131  O O   . ASN A 1 25 ? 0.846   -18.120 -6.795  1.00 15.86 ? 17   ASN A O   1 
ATOM   132  C CB  . ASN A 1 25 ? -1.414  -16.265 -5.350  1.00 16.65 ? 17   ASN A CB  1 
ATOM   133  C CG  . ASN A 1 25 ? -2.855  -16.429 -4.895  1.00 17.86 ? 17   ASN A CG  1 
ATOM   134  O OD1 . ASN A 1 25 ? -3.267  -17.494 -4.432  1.00 19.06 ? 17   ASN A OD1 1 
ATOM   135  N ND2 . ASN A 1 25 ? -3.634  -15.359 -5.035  1.00 18.66 ? 17   ASN A ND2 1 
ATOM   136  N N   . ALA A 1 26 ? 1.737   -16.621 -5.365  1.00 15.90 ? 18   ALA A N   1 
ATOM   137  C CA  . ALA A 1 26 ? 3.007   -16.473 -6.073  1.00 16.04 ? 18   ALA A CA  1 
ATOM   138  C C   . ALA A 1 26 ? 3.880   -17.731 -6.022  1.00 16.46 ? 18   ALA A C   1 
ATOM   139  O O   . ALA A 1 26 ? 4.445   -18.141 -7.035  1.00 16.01 ? 18   ALA A O   1 
ATOM   140  C CB  . ALA A 1 26 ? 3.768   -15.279 -5.532  1.00 15.77 ? 18   ALA A CB  1 
ATOM   141  N N   . VAL A 1 27 ? 3.988   -18.330 -4.838  1.00 17.03 ? 19   VAL A N   1 
ATOM   142  C CA  . VAL A 1 27 ? 4.799   -19.530 -4.647  1.00 17.92 ? 19   VAL A CA  1 
ATOM   143  C C   . VAL A 1 27 ? 4.175   -20.715 -5.401  1.00 18.39 ? 19   VAL A C   1 
ATOM   144  O O   . VAL A 1 27 ? 4.894   -21.532 -5.989  1.00 18.79 ? 19   VAL A O   1 
ATOM   145  C CB  . VAL A 1 27 ? 5.017   -19.840 -3.132  1.00 17.85 ? 19   VAL A CB  1 
ATOM   146  C CG1 . VAL A 1 27 ? 5.824   -21.104 -2.941  1.00 18.21 ? 19   VAL A CG1 1 
ATOM   147  C CG2 . VAL A 1 27 ? 5.729   -18.681 -2.449  1.00 17.98 ? 19   VAL A CG2 1 
ATOM   148  N N   . LYS A 1 28 ? 2.844   -20.780 -5.402  1.00 18.70 ? 20   LYS A N   1 
ATOM   149  C CA  . LYS A 1 28 ? 2.108   -21.801 -6.146  1.00 19.17 ? 20   LYS A CA  1 
ATOM   150  C C   . LYS A 1 28 ? 2.378   -21.675 -7.644  1.00 19.09 ? 20   LYS A C   1 
ATOM   151  O O   . LYS A 1 28 ? 2.813   -22.639 -8.281  1.00 18.84 ? 20   LYS A O   1 
ATOM   152  C CB  . LYS A 1 28 ? 0.603   -21.701 -5.860  1.00 19.16 ? 20   LYS A CB  1 
ATOM   153  C CG  . LYS A 1 28 ? -0.255  -22.808 -6.484  1.00 19.63 ? 20   LYS A CG  1 
ATOM   154  C CD  . LYS A 1 28 ? -1.743  -22.512 -6.304  1.00 19.96 ? 20   LYS A CD  1 
ATOM   155  C CE  . LYS A 1 28 ? -2.625  -23.502 -7.057  1.00 22.69 ? 20   LYS A CE  1 
ATOM   156  N NZ  . LYS A 1 28 ? -2.691  -24.833 -6.388  1.00 24.28 ? 20   LYS A NZ  1 
ATOM   157  N N   . ALA A 1 29 ? 2.131   -20.480 -8.191  1.00 19.09 ? 21   ALA A N   1 
ATOM   158  C CA  . ALA A 1 29 ? 2.377   -20.191 -9.606  1.00 19.26 ? 21   ALA A CA  1 
ATOM   159  C C   . ALA A 1 29 ? 3.843   -20.417 -9.981  1.00 19.36 ? 21   ALA A C   1 
ATOM   160  O O   . ALA A 1 29 ? 4.144   -20.941 -11.052 1.00 19.22 ? 21   ALA A O   1 
ATOM   161  C CB  . ALA A 1 29 ? 1.945   -18.767 -9.945  1.00 19.07 ? 21   ALA A CB  1 
ATOM   162  N N   . ASP A 1 30 ? 4.740   -20.032 -9.076  1.00 19.83 ? 22   ASP A N   1 
ATOM   163  C CA  . ASP A 1 30 ? 6.178   -20.234 -9.226  1.00 20.33 ? 22   ASP A CA  1 
ATOM   164  C C   . ASP A 1 30 ? 6.514   -21.718 -9.426  1.00 20.95 ? 22   ASP A C   1 
ATOM   165  O O   . ASP A 1 30 ? 7.241   -22.073 -10.358 1.00 21.11 ? 22   ASP A O   1 
ATOM   166  C CB  . ASP A 1 30 ? 6.904   -19.673 -7.993  1.00 20.09 ? 22   ASP A CB  1 
ATOM   167  C CG  . ASP A 1 30 ? 8.384   -19.428 -8.225  1.00 19.64 ? 22   ASP A CG  1 
ATOM   168  O OD1 . ASP A 1 30 ? 8.979   -20.010 -9.163  1.00 19.57 ? 22   ASP A OD1 1 
ATOM   169  O OD2 . ASP A 1 30 ? 8.964   -18.646 -7.442  1.00 18.46 ? 22   ASP A OD2 1 
ATOM   170  N N   . LYS A 1 31 ? 5.975   -22.573 -8.557  1.00 21.57 ? 23   LYS A N   1 
ATOM   171  C CA  . LYS A 1 31 ? 6.230   -24.016 -8.614  1.00 22.27 ? 23   LYS A CA  1 
ATOM   172  C C   . LYS A 1 31 ? 5.572   -24.702 -9.817  1.00 22.30 ? 23   LYS A C   1 
ATOM   173  O O   . LYS A 1 31 ? 6.016   -25.768 -10.251 1.00 22.53 ? 23   LYS A O   1 
ATOM   174  C CB  . LYS A 1 31 ? 5.820   -24.694 -7.302  1.00 22.17 ? 23   LYS A CB  1 
ATOM   175  C CG  . LYS A 1 31 ? 6.699   -24.301 -6.106  1.00 22.92 ? 23   LYS A CG  1 
ATOM   176  C CD  . LYS A 1 31 ? 6.325   -25.076 -4.848  1.00 23.39 ? 23   LYS A CD  1 
ATOM   177  C CE  . LYS A 1 31 ? 6.977   -24.490 -3.597  1.00 24.91 ? 23   LYS A CE  1 
ATOM   178  N NZ  . LYS A 1 31 ? 8.458   -24.640 -3.566  1.00 25.88 ? 23   LYS A NZ  1 
ATOM   179  N N   . GLU A 1 32 ? 4.523   -24.083 -10.350 1.00 22.35 ? 24   GLU A N   1 
ATOM   180  C CA  . GLU A 1 32 ? 3.874   -24.541 -11.578 1.00 22.38 ? 24   GLU A CA  1 
ATOM   181  C C   . GLU A 1 32 ? 4.564   -24.028 -12.855 1.00 22.07 ? 24   GLU A C   1 
ATOM   182  O O   . GLU A 1 32 ? 4.150   -24.362 -13.969 1.00 22.23 ? 24   GLU A O   1 
ATOM   183  C CB  . GLU A 1 32 ? 2.394   -24.150 -11.563 1.00 22.64 ? 24   GLU A CB  1 
ATOM   184  C CG  . GLU A 1 32 ? 1.571   -24.986 -10.590 1.00 24.16 ? 24   GLU A CG  1 
ATOM   185  C CD  . GLU A 1 32 ? 0.208   -24.394 -10.282 1.00 26.22 ? 24   GLU A CD  1 
ATOM   186  O OE1 . GLU A 1 32 ? -0.277  -23.539 -11.056 1.00 25.96 ? 24   GLU A OE1 1 
ATOM   187  O OE2 . GLU A 1 32 ? -0.380  -24.800 -9.255  1.00 27.71 ? 24   GLU A OE2 1 
ATOM   188  N N   . GLY A 1 33 ? 5.611   -23.223 -12.687 1.00 21.64 ? 25   GLY A N   1 
ATOM   189  C CA  . GLY A 1 33 ? 6.416   -22.730 -13.807 1.00 21.19 ? 25   GLY A CA  1 
ATOM   190  C C   . GLY A 1 33 ? 5.767   -21.613 -14.608 1.00 20.98 ? 25   GLY A C   1 
ATOM   191  O O   . GLY A 1 33 ? 6.023   -21.473 -15.810 1.00 21.24 ? 25   GLY A O   1 
ATOM   192  N N   . ASN A 1 34 ? 4.907   -20.838 -13.949 1.00 20.24 ? 26   ASN A N   1 
ATOM   193  C CA  . ASN A 1 34 ? 4.279   -19.664 -14.548 1.00 19.89 ? 26   ASN A CA  1 
ATOM   194  C C   . ASN A 1 34 ? 4.949   -18.400 -14.005 1.00 19.23 ? 26   ASN A C   1 
ATOM   195  O O   . ASN A 1 34 ? 4.460   -17.786 -13.049 1.00 19.04 ? 26   ASN A O   1 
ATOM   196  C CB  . ASN A 1 34 ? 2.776   -19.649 -14.240 1.00 20.11 ? 26   ASN A CB  1 
ATOM   197  C CG  . ASN A 1 34 ? 1.982   -18.728 -15.170 1.00 21.46 ? 26   ASN A CG  1 
ATOM   198  O OD1 . ASN A 1 34 ? 0.862   -19.065 -15.567 1.00 23.43 ? 26   ASN A OD1 1 
ATOM   199  N ND2 . ASN A 1 34 ? 2.546   -17.564 -15.513 1.00 20.51 ? 26   ASN A ND2 1 
ATOM   200  N N   . ALA A 1 35 ? 6.068   -18.025 -14.622 1.00 18.27 ? 27   ALA A N   1 
ATOM   201  C CA  . ALA A 1 35 ? 6.897   -16.913 -14.154 1.00 17.59 ? 27   ALA A CA  1 
ATOM   202  C C   . ALA A 1 35 ? 6.139   -15.600 -13.988 1.00 17.24 ? 27   ALA A C   1 
ATOM   203  O O   . ALA A 1 35 ? 6.291   -14.926 -12.964 1.00 17.13 ? 27   ALA A O   1 
ATOM   204  C CB  . ALA A 1 35 ? 8.105   -16.722 -15.060 1.00 17.35 ? 27   ALA A CB  1 
ATOM   205  N N   . GLU A 1 36 ? 5.319   -15.252 -14.980 1.00 16.81 ? 28   GLU A N   1 
ATOM   206  C CA  . GLU A 1 36 ? 4.570   -13.991 -14.971 1.00 16.73 ? 28   GLU A CA  1 
ATOM   207  C C   . GLU A 1 36 ? 3.554   -13.886 -13.827 1.00 16.54 ? 28   GLU A C   1 
ATOM   208  O O   . GLU A 1 36 ? 3.516   -12.871 -13.124 1.00 15.97 ? 28   GLU A O   1 
ATOM   209  C CB  . GLU A 1 36 ? 3.873   -13.752 -16.319 1.00 16.83 ? 28   GLU A CB  1 
ATOM   210  C CG  . GLU A 1 36 ? 2.977   -12.515 -16.351 1.00 16.76 ? 28   GLU A CG  1 
ATOM   211  C CD  . GLU A 1 36 ? 3.699   -11.236 -15.932 1.00 16.80 ? 28   GLU A CD  1 
ATOM   212  O OE1 . GLU A 1 36 ? 4.871   -11.039 -16.313 1.00 15.82 ? 28   GLU A OE1 1 
ATOM   213  O OE2 . GLU A 1 36 ? 3.085   -10.422 -15.213 1.00 17.50 ? 28   GLU A OE2 1 
ATOM   214  N N   . GLU A 1 37 ? 2.732   -14.926 -13.676 1.00 16.33 ? 29   GLU A N   1 
ATOM   215  C CA  . GLU A 1 37 ? 1.764   -15.034 -12.586 1.00 16.54 ? 29   GLU A CA  1 
ATOM   216  C C   . GLU A 1 37 ? 2.436   -15.075 -11.219 1.00 15.51 ? 29   GLU A C   1 
ATOM   217  O O   . GLU A 1 37 ? 1.935   -14.495 -10.257 1.00 15.46 ? 29   GLU A O   1 
ATOM   218  C CB  . GLU A 1 37 ? 0.883   -16.274 -12.774 1.00 17.11 ? 29   GLU A CB  1 
ATOM   219  C CG  . GLU A 1 37 ? -0.577  -15.951 -13.087 1.00 20.59 ? 29   GLU A CG  1 
ATOM   220  C CD  . GLU A 1 37 ? -1.505  -16.290 -11.929 1.00 24.38 ? 29   GLU A CD  1 
ATOM   221  O OE1 . GLU A 1 37 ? -1.686  -17.503 -11.659 1.00 25.72 ? 29   GLU A OE1 1 
ATOM   222  O OE2 . GLU A 1 37 ? -2.060  -15.354 -11.300 1.00 25.67 ? 29   GLU A OE2 1 
ATOM   223  N N   . ALA A 1 38 ? 3.568   -15.767 -11.138 1.00 14.59 ? 30   ALA A N   1 
ATOM   224  C CA  . ALA A 1 38 ? 4.367   -15.773 -9.919  1.00 13.86 ? 30   ALA A CA  1 
ATOM   225  C C   . ALA A 1 38 ? 4.832   -14.349 -9.599  1.00 13.43 ? 30   ALA A C   1 
ATOM   226  O O   . ALA A 1 38 ? 4.631   -13.863 -8.481  1.00 13.09 ? 30   ALA A O   1 
ATOM   227  C CB  . ALA A 1 38 ? 5.548   -16.722 -10.057 1.00 13.55 ? 30   ALA A CB  1 
ATOM   228  N N   . ILE A 1 39 ? 5.416   -13.681 -10.600 1.00 12.77 ? 31   ILE A N   1 
ATOM   229  C CA  . ILE A 1 39 ? 5.891   -12.304 -10.451 1.00 12.56 ? 31   ILE A CA  1 
ATOM   230  C C   . ILE A 1 39 ? 4.787   -11.317 -10.058 1.00 12.30 ? 31   ILE A C   1 
ATOM   231  O O   . ILE A 1 39 ? 4.981   -10.523 -9.134  1.00 12.15 ? 31   ILE A O   1 
ATOM   232  C CB  . ILE A 1 39 ? 6.670   -11.806 -11.702 1.00 12.50 ? 31   ILE A CB  1 
ATOM   233  C CG1 . ILE A 1 39 ? 8.035   -12.507 -11.799 1.00 12.50 ? 31   ILE A CG1 1 
ATOM   234  C CG2 . ILE A 1 39 ? 6.883   -10.308 -11.641 1.00 12.44 ? 31   ILE A CG2 1 
ATOM   235  C CD1 . ILE A 1 39 ? 8.679   -12.454 -13.202 1.00 12.82 ? 31   ILE A CD1 1 
ATOM   236  N N   . THR A 1 40 ? 3.639   -11.374 -10.742 1.00 12.01 ? 32   THR A N   1 
ATOM   237  C CA  . THR A 1 40 ? 2.504   -10.486 -10.450 1.00 12.10 ? 32   THR A CA  1 
ATOM   238  C C   . THR A 1 40 ? 2.118   -10.572 -8.976  1.00 11.45 ? 32   THR A C   1 
ATOM   239  O O   . THR A 1 40 ? 1.936   -9.562  -8.309  1.00 11.63 ? 32   THR A O   1 
ATOM   240  C CB  . THR A 1 40 ? 1.257   -10.806 -11.325 1.00 12.04 ? 32   THR A CB  1 
ATOM   241  O OG1 . THR A 1 40 ? 1.632   -10.889 -12.699 1.00 13.25 ? 32   THR A OG1 1 
ATOM   242  C CG2 . THR A 1 40 ? 0.208   -9.720  -11.197 1.00 13.14 ? 32   THR A CG2 1 
ATOM   243  N N   . ASN A 1 41 ? 1.998   -11.797 -8.484  1.00 11.02 ? 33   ASN A N   1 
ATOM   244  C CA  . ASN A 1 41 ? 1.591   -12.045 -7.113  1.00 10.62 ? 33   ASN A CA  1 
ATOM   245  C C   . ASN A 1 41 ? 2.652   -11.673 -6.062  1.00 10.21 ? 33   ASN A C   1 
ATOM   246  O O   . ASN A 1 41 ? 2.311   -11.156 -5.001  1.00 9.64  ? 33   ASN A O   1 
ATOM   247  C CB  . ASN A 1 41 ? 1.099   -13.487 -6.978  1.00 10.31 ? 33   ASN A CB  1 
ATOM   248  C CG  . ASN A 1 41 ? -0.316  -13.663 -7.511  1.00 11.47 ? 33   ASN A CG  1 
ATOM   249  O OD1 . ASN A 1 41 ? -1.273  -13.193 -6.897  1.00 11.95 ? 33   ASN A OD1 1 
ATOM   250  N ND2 . ASN A 1 41 ? -0.454  -14.330 -8.660  1.00 10.58 ? 33   ASN A ND2 1 
ATOM   251  N N   . TYR A 1 42 ? 3.926   -11.921 -6.376  1.00 10.17 ? 34   TYR A N   1 
ATOM   252  C CA  . TYR A 1 42 ? 5.046   -11.475 -5.536  1.00 10.04 ? 34   TYR A CA  1 
ATOM   253  C C   . TYR A 1 42 ? 5.032   -9.944  -5.397  1.00 10.50 ? 34   TYR A C   1 
ATOM   254  O O   . TYR A 1 42 ? 5.192   -9.411  -4.290  1.00 10.23 ? 34   TYR A O   1 
ATOM   255  C CB  . TYR A 1 42 ? 6.397   -11.919 -6.120  1.00 9.84  ? 34   TYR A CB  1 
ATOM   256  C CG  . TYR A 1 42 ? 6.808   -13.365 -5.880  1.00 9.60  ? 34   TYR A CG  1 
ATOM   257  C CD1 . TYR A 1 42 ? 6.830   -13.914 -4.590  1.00 8.84  ? 34   TYR A CD1 1 
ATOM   258  C CD2 . TYR A 1 42 ? 7.227   -14.167 -6.941  1.00 10.13 ? 34   TYR A CD2 1 
ATOM   259  C CE1 . TYR A 1 42 ? 7.224   -15.241 -4.378  1.00 9.18  ? 34   TYR A CE1 1 
ATOM   260  C CE2 . TYR A 1 42 ? 7.620   -15.491 -6.744  1.00 10.26 ? 34   TYR A CE2 1 
ATOM   261  C CZ  . TYR A 1 42 ? 7.621   -16.017 -5.461  1.00 9.95  ? 34   TYR A CZ  1 
ATOM   262  O OH  . TYR A 1 42 ? 8.011   -17.315 -5.276  1.00 10.59 ? 34   TYR A OH  1 
ATOM   263  N N   . LYS A 1 43 ? 4.837   -9.244  -6.518  1.00 10.57 ? 35   LYS A N   1 
ATOM   264  C CA  . LYS A 1 43 ? 4.809   -7.777  -6.520  1.00 10.95 ? 35   LYS A CA  1 
ATOM   265  C C   . LYS A 1 43 ? 3.668   -7.247  -5.660  1.00 10.70 ? 35   LYS A C   1 
ATOM   266  O O   . LYS A 1 43 ? 3.814   -6.230  -4.981  1.00 9.97  ? 35   LYS A O   1 
ATOM   267  C CB  . LYS A 1 43 ? 4.670   -7.221  -7.939  1.00 10.80 ? 35   LYS A CB  1 
ATOM   268  C CG  . LYS A 1 43 ? 5.907   -7.337  -8.802  1.00 12.94 ? 35   LYS A CG  1 
ATOM   269  C CD  . LYS A 1 43 ? 5.743   -6.502  -10.067 1.00 15.19 ? 35   LYS A CD  1 
ATOM   270  C CE  . LYS A 1 43 ? 6.820   -6.811  -11.090 1.00 17.04 ? 35   LYS A CE  1 
ATOM   271  N NZ  . LYS A 1 43 ? 8.126   -6.201  -10.768 1.00 18.23 ? 35   LYS A NZ  1 
ATOM   272  N N   . LYS A 1 44 ? 2.535   -7.946  -5.707  1.00 11.01 ? 36   LYS A N   1 
ATOM   273  C CA  . LYS A 1 44 ? 1.347   -7.557  -4.953  1.00 11.65 ? 36   LYS A CA  1 
ATOM   274  C C   . LYS A 1 44 ? 1.526   -7.818  -3.461  1.00 11.46 ? 36   LYS A C   1 
ATOM   275  O O   . LYS A 1 44 ? 1.015   -7.067  -2.631  1.00 11.69 ? 36   LYS A O   1 
ATOM   276  C CB  . LYS A 1 44 ? 0.088   -8.243  -5.502  1.00 11.49 ? 36   LYS A CB  1 
ATOM   277  C CG  . LYS A 1 44 ? -0.390  -7.638  -6.823  1.00 12.02 ? 36   LYS A CG  1 
ATOM   278  C CD  . LYS A 1 44 ? -1.591  -8.382  -7.397  1.00 12.27 ? 36   LYS A CD  1 
ATOM   279  C CE  . LYS A 1 44 ? -2.017  -7.821  -8.763  1.00 14.08 ? 36   LYS A CE  1 
ATOM   280  N NZ  . LYS A 1 44 ? -2.404  -6.368  -8.718  1.00 15.60 ? 36   LYS A NZ  1 
ATOM   281  N N   . ALA A 1 45 ? 2.253   -8.882  -3.133  1.00 11.31 ? 37   ALA A N   1 
ATOM   282  C CA  . ALA A 1 45 ? 2.649   -9.155  -1.752  1.00 11.34 ? 37   ALA A CA  1 
ATOM   283  C C   . ALA A 1 45 ? 3.629   -8.088  -1.249  1.00 11.42 ? 37   ALA A C   1 
ATOM   284  O O   . ALA A 1 45 ? 3.494   -7.594  -0.127  1.00 10.88 ? 37   ALA A O   1 
ATOM   285  C CB  . ALA A 1 45 ? 3.253   -10.546 -1.639  1.00 10.97 ? 37   ALA A CB  1 
ATOM   286  N N   . ILE A 1 46 ? 4.599   -7.731  -2.094  1.00 11.87 ? 38   ILE A N   1 
ATOM   287  C CA  . ILE A 1 46 ? 5.580   -6.680  -1.779  1.00 12.50 ? 38   ILE A CA  1 
ATOM   288  C C   . ILE A 1 46 ? 4.888   -5.344  -1.475  1.00 12.63 ? 38   ILE A C   1 
ATOM   289  O O   . ILE A 1 46 ? 5.172   -4.706  -0.459  1.00 12.21 ? 38   ILE A O   1 
ATOM   290  C CB  . ILE A 1 46 ? 6.643   -6.508  -2.902  1.00 12.25 ? 38   ILE A CB  1 
ATOM   291  C CG1 . ILE A 1 46 ? 7.616   -7.688  -2.900  1.00 12.49 ? 38   ILE A CG1 1 
ATOM   292  C CG2 . ILE A 1 46 ? 7.425   -5.186  -2.725  1.00 13.33 ? 38   ILE A CG2 1 
ATOM   293  C CD1 . ILE A 1 46 ? 8.381   -7.878  -4.218  1.00 12.79 ? 38   ILE A CD1 1 
ATOM   294  N N   . GLU A 1 47 ? 3.957   -4.950  -2.343  1.00 12.90 ? 39   GLU A N   1 
ATOM   295  C CA  . GLU A 1 47 ? 3.215   -3.707  -2.151  1.00 13.47 ? 39   GLU A CA  1 
ATOM   296  C C   . GLU A 1 47 ? 2.422   -3.676  -0.835  1.00 12.73 ? 39   GLU A C   1 
ATOM   297  O O   . GLU A 1 47 ? 2.412   -2.660  -0.140  1.00 12.67 ? 39   GLU A O   1 
ATOM   298  C CB  . GLU A 1 47 ? 2.296   -3.443  -3.346  1.00 13.47 ? 39   GLU A CB  1 
ATOM   299  C CG  . GLU A 1 47 ? 1.738   -2.029  -3.401  1.00 14.86 ? 39   GLU A CG  1 
ATOM   300  C CD  . GLU A 1 47 ? 0.632   -1.878  -4.438  1.00 15.16 ? 39   GLU A CD  1 
ATOM   301  O OE1 . GLU A 1 47 ? 0.216   -2.902  -5.028  1.00 17.96 ? 39   GLU A OE1 1 
ATOM   302  O OE2 . GLU A 1 47 ? 0.182   -0.734  -4.658  1.00 16.37 ? 39   GLU A OE2 1 
ATOM   303  N N   . VAL A 1 48 ? 1.754   -4.776  -0.496  1.00 12.18 ? 40   VAL A N   1 
ATOM   304  C CA  . VAL A 1 48 ? 1.035   -4.854  0.790   1.00 11.77 ? 40   VAL A CA  1 
ATOM   305  C C   . VAL A 1 48 ? 2.021   -4.825  1.966   1.00 11.31 ? 40   VAL A C   1 
ATOM   306  O O   . VAL A 1 48 ? 1.772   -4.162  2.975   1.00 11.11 ? 40   VAL A O   1 
ATOM   307  C CB  . VAL A 1 48 ? 0.112   -6.099  0.894   1.00 11.68 ? 40   VAL A CB  1 
ATOM   308  C CG1 . VAL A 1 48 ? -0.622  -6.118  2.228   1.00 11.75 ? 40   VAL A CG1 1 
ATOM   309  C CG2 . VAL A 1 48 ? -0.903  -6.128  -0.260  1.00 11.84 ? 40   VAL A CG2 1 
ATOM   310  N N   . LEU A 1 49 ? 3.140   -5.537  1.822   1.00 11.07 ? 41   LEU A N   1 
ATOM   311  C CA  . LEU A 1 49 ? 4.174   -5.572  2.859   1.00 11.09 ? 41   LEU A CA  1 
ATOM   312  C C   . LEU A 1 49 ? 4.856   -4.208  3.037   1.00 11.25 ? 41   LEU A C   1 
ATOM   313  O O   . LEU A 1 49 ? 5.198   -3.828  4.156   1.00 10.75 ? 41   LEU A O   1 
ATOM   314  C CB  . LEU A 1 49 ? 5.200   -6.686  2.591   1.00 11.04 ? 41   LEU A CB  1 
ATOM   315  C CG  . LEU A 1 49 ? 4.761   -8.155  2.763   1.00 11.04 ? 41   LEU A CG  1 
ATOM   316  C CD1 . LEU A 1 49 ? 5.786   -9.130  2.165   1.00 10.99 ? 41   LEU A CD1 1 
ATOM   317  C CD2 . LEU A 1 49 ? 4.475   -8.511  4.222   1.00 10.78 ? 41   LEU A CD2 1 
ATOM   318  N N   . ALA A 1 50 ? 5.024   -3.470  1.939   1.00 11.51 ? 42   ALA A N   1 
ATOM   319  C CA  . ALA A 1 50 ? 5.544   -2.104  2.009   1.00 11.88 ? 42   ALA A CA  1 
ATOM   320  C C   . ALA A 1 50 ? 4.580   -1.182  2.758   1.00 11.91 ? 42   ALA A C   1 
ATOM   321  O O   . ALA A 1 50 ? 5.010   -0.331  3.537   1.00 12.13 ? 42   ALA A O   1 
ATOM   322  C CB  . ALA A 1 50 ? 5.856   -1.559  0.609   1.00 11.84 ? 42   ALA A CB  1 
ATOM   323  N N   . GLN A 1 51 ? 3.281   -1.370  2.533   1.00 11.74 ? 43   GLN A N   1 
ATOM   324  C CA  . GLN A 1 51 ? 2.252   -0.607  3.234   1.00 11.69 ? 43   GLN A CA  1 
ATOM   325  C C   . GLN A 1 51 ? 2.275   -0.876  4.748   1.00 11.72 ? 43   GLN A C   1 
ATOM   326  O O   . GLN A 1 51 ? 2.165   0.059   5.555   1.00 11.13 ? 43   GLN A O   1 
ATOM   327  C CB  . GLN A 1 51 ? 0.867   -0.924  2.658   1.00 11.82 ? 43   GLN A CB  1 
ATOM   328  C CG  . GLN A 1 51 ? -0.286  -0.192  3.346   1.00 12.40 ? 43   GLN A CG  1 
ATOM   329  C CD  . GLN A 1 51 ? -0.293  1.295   3.044   1.00 13.60 ? 43   GLN A CD  1 
ATOM   330  O OE1 . GLN A 1 51 ? -0.311  1.696   1.883   1.00 14.71 ? 43   GLN A OE1 1 
ATOM   331  N NE2 . GLN A 1 51 ? -0.292  2.123   4.091   1.00 13.30 ? 43   GLN A NE2 1 
ATOM   332  N N   . LEU A 1 52 ? 2.405   -2.157  5.107   1.00 11.52 ? 44   LEU A N   1 
ATOM   333  C CA  . LEU A 1 52 ? 2.554   -2.587  6.503   1.00 11.76 ? 44   LEU A CA  1 
ATOM   334  C C   . LEU A 1 52 ? 3.789   -1.975  7.173   1.00 11.92 ? 44   LEU A C   1 
ATOM   335  O O   . LEU A 1 52 ? 3.709   -1.501  8.306   1.00 11.93 ? 44   LEU A O   1 
ATOM   336  C CB  . LEU A 1 52 ? 2.567   -4.119  6.606   1.00 11.52 ? 44   LEU A CB  1 
ATOM   337  C CG  . LEU A 1 52 ? 1.222   -4.866  6.559   1.00 11.08 ? 44   LEU A CG  1 
ATOM   338  C CD1 . LEU A 1 52 ? 1.420   -6.331  6.230   1.00 10.31 ? 44   LEU A CD1 1 
ATOM   339  C CD2 . LEU A 1 52 ? 0.436   -4.725  7.863   1.00 10.94 ? 44   LEU A CD2 1 
ATOM   340  N N   . VAL A 1 53 ? 4.914   -1.978  6.460   1.00 12.58 ? 45   VAL A N   1 
ATOM   341  C CA  . VAL A 1 53 ? 6.126   -1.266  6.880   1.00 13.27 ? 45   VAL A CA  1 
ATOM   342  C C   . VAL A 1 53 ? 5.882   0.236   7.141   1.00 13.64 ? 45   VAL A C   1 
ATOM   343  O O   . VAL A 1 53 ? 6.316   0.743   8.161   1.00 13.50 ? 45   VAL A O   1 
ATOM   344  C CB  . VAL A 1 53 ? 7.295   -1.475  5.873   1.00 13.46 ? 45   VAL A CB  1 
ATOM   345  C CG1 . VAL A 1 53 ? 8.443   -0.476  6.122   1.00 13.05 ? 45   VAL A CG1 1 
ATOM   346  C CG2 . VAL A 1 53 ? 7.813   -2.909  5.948   1.00 13.24 ? 45   VAL A CG2 1 
ATOM   347  N N   . SER A 1 54 ? 5.189   0.937   6.237   1.00 14.13 ? 46   SER A N   1 
ATOM   348  C CA  . SER A 1 54 ? 4.822   2.349   6.482   1.00 14.76 ? 46   SER A CA  1 
ATOM   349  C C   . SER A 1 54 ? 3.989   2.545   7.741   1.00 14.51 ? 46   SER A C   1 
ATOM   350  O O   . SER A 1 54 ? 4.215   3.490   8.492   1.00 14.74 ? 46   SER A O   1 
ATOM   351  C CB  . SER A 1 54 ? 4.051   2.950   5.306   1.00 14.58 ? 46   SER A CB  1 
ATOM   352  O OG  . SER A 1 54 ? 4.878   3.067   4.168   1.00 16.52 ? 46   SER A OG  1 
ATOM   353  N N   . LEU A 1 55 ? 3.022   1.657   7.953   1.00 14.52 ? 47   LEU A N   1 
ATOM   354  C CA  . LEU A 1 55 ? 2.070   1.779   9.056   1.00 14.62 ? 47   LEU A CA  1 
ATOM   355  C C   . LEU A 1 55 ? 2.666   1.388   10.410  1.00 14.41 ? 47   LEU A C   1 
ATOM   356  O O   . LEU A 1 55 ? 2.285   1.947   11.440  1.00 14.32 ? 47   LEU A O   1 
ATOM   357  C CB  . LEU A 1 55 ? 0.821   0.937   8.785   1.00 14.43 ? 47   LEU A CB  1 
ATOM   358  C CG  . LEU A 1 55 ? -0.292  1.435   7.851   1.00 15.80 ? 47   LEU A CG  1 
ATOM   359  C CD1 . LEU A 1 55 ? -1.141  0.261   7.381   1.00 14.85 ? 47   LEU A CD1 1 
ATOM   360  C CD2 . LEU A 1 55 ? -1.174  2.477   8.528   1.00 16.12 ? 47   LEU A CD2 1 
ATOM   361  N N   . TYR A 1 56 ? 3.594   0.431   10.403  1.00 14.23 ? 48   TYR A N   1 
ATOM   362  C CA  . TYR A 1 56 ? 4.149   -0.115  11.645  1.00 14.05 ? 48   TYR A CA  1 
ATOM   363  C C   . TYR A 1 56 ? 5.671   -0.235  11.581  1.00 13.85 ? 48   TYR A C   1 
ATOM   364  O O   . TYR A 1 56 ? 6.241   -1.216  12.051  1.00 13.47 ? 48   TYR A O   1 
ATOM   365  C CB  . TYR A 1 56 ? 3.491   -1.468  11.980  1.00 14.13 ? 48   TYR A CB  1 
ATOM   366  C CG  . TYR A 1 56 ? 1.986   -1.454  11.822  1.00 14.53 ? 48   TYR A CG  1 
ATOM   367  C CD1 . TYR A 1 56 ? 1.159   -0.918  12.820  1.00 14.77 ? 48   TYR A CD1 1 
ATOM   368  C CD2 . TYR A 1 56 ? 1.391   -1.943  10.660  1.00 13.44 ? 48   TYR A CD2 1 
ATOM   369  C CE1 . TYR A 1 56 ? -0.219  -0.883  12.666  1.00 14.13 ? 48   TYR A CE1 1 
ATOM   370  C CE2 . TYR A 1 56 ? 0.016   -1.908  10.494  1.00 14.94 ? 48   TYR A CE2 1 
ATOM   371  C CZ  . TYR A 1 56 ? -0.785  -1.380  11.499  1.00 15.20 ? 48   TYR A CZ  1 
ATOM   372  O OH  . TYR A 1 56 ? -2.149  -1.358  11.323  1.00 14.97 ? 48   TYR A OH  1 
ATOM   373  N N   . ARG A 1 57 ? 6.309   0.789   11.007  1.00 13.93 ? 49   ARG A N   1 
ATOM   374  C CA  . ARG A 1 57 ? 7.755   0.832   10.770  1.00 14.12 ? 49   ARG A CA  1 
ATOM   375  C C   . ARG A 1 57 ? 8.612   0.509   11.997  1.00 13.37 ? 49   ARG A C   1 
ATOM   376  O O   . ARG A 1 57 ? 9.654   -0.136  11.883  1.00 12.78 ? 49   ARG A O   1 
ATOM   377  C CB  . ARG A 1 57 ? 8.147   2.207   10.213  1.00 14.28 ? 49   ARG A CB  1 
ATOM   378  C CG  . ARG A 1 57 ? 9.594   2.319   9.722   1.00 15.56 ? 49   ARG A CG  1 
ATOM   379  C CD  . ARG A 1 57 ? 9.850   3.667   9.024   1.00 16.12 ? 49   ARG A CD  1 
ATOM   380  N NE  . ARG A 1 57 ? 8.935   3.870   7.894   1.00 19.95 ? 49   ARG A NE  1 
ATOM   381  C CZ  . ARG A 1 57 ? 9.201   3.530   6.637   1.00 20.98 ? 49   ARG A CZ  1 
ATOM   382  N NH1 . ARG A 1 57 ? 10.360  2.967   6.322   1.00 21.84 ? 49   ARG A NH1 1 
ATOM   383  N NH2 . ARG A 1 57 ? 8.303   3.751   5.686   1.00 22.48 ? 49   ARG A NH2 1 
ATOM   384  N N   . ASP A 1 58 ? 8.158   0.957   13.163  1.00 13.25 ? 50   ASP A N   1 
ATOM   385  C CA  . ASP A 1 58 ? 8.972   0.901   14.371  1.00 13.10 ? 50   ASP A CA  1 
ATOM   386  C C   . ASP A 1 58 ? 8.639   -0.279  15.272  1.00 13.02 ? 50   ASP A C   1 
ATOM   387  O O   . ASP A 1 58 ? 9.217   -0.410  16.355  1.00 13.45 ? 50   ASP A O   1 
ATOM   388  C CB  . ASP A 1 58 ? 8.865   2.221   15.130  1.00 13.24 ? 50   ASP A CB  1 
ATOM   389  C CG  . ASP A 1 58 ? 9.350   3.402   14.305  1.00 13.47 ? 50   ASP A CG  1 
ATOM   390  O OD1 . ASP A 1 58 ? 10.540  3.417   13.932  1.00 13.13 ? 50   ASP A OD1 1 
ATOM   391  O OD2 . ASP A 1 58 ? 8.538   4.308   14.024  1.00 14.19 ? 50   ASP A OD2 1 
ATOM   392  N N   . GLY A 1 59 ? 7.719   -1.137  14.818  1.00 12.60 ? 51   GLY A N   1 
ATOM   393  C CA  . GLY A 1 59 ? 7.325   -2.340  15.556  1.00 11.97 ? 51   GLY A CA  1 
ATOM   394  C C   . GLY A 1 59 ? 8.263   -3.517  15.340  1.00 11.92 ? 51   GLY A C   1 
ATOM   395  O O   . GLY A 1 59 ? 9.172   -3.455  14.513  1.00 12.13 ? 51   GLY A O   1 
ATOM   396  N N   . SER A 1 60 ? 8.036   -4.596  16.084  1.00 11.74 ? 52   SER A N   1 
ATOM   397  C CA  . SER A 1 60 ? 8.869   -5.791  15.993  1.00 11.92 ? 52   SER A CA  1 
ATOM   398  C C   . SER A 1 60 ? 8.624   -6.626  14.729  1.00 11.82 ? 52   SER A C   1 
ATOM   399  O O   . SER A 1 60 ? 9.553   -7.264  14.226  1.00 11.93 ? 52   SER A O   1 
ATOM   400  C CB  . SER A 1 60 ? 8.742   -6.658  17.257  1.00 11.80 ? 52   SER A CB  1 
ATOM   401  O OG  . SER A 1 60 ? 7.401   -7.040  17.488  1.00 11.60 ? 52   SER A OG  1 
ATOM   402  N N   . THR A 1 61 ? 7.395   -6.608  14.213  1.00 11.76 ? 53   THR A N   1 
ATOM   403  C CA  . THR A 1 61 ? 7.058   -7.368  13.000  1.00 11.56 ? 53   THR A CA  1 
ATOM   404  C C   . THR A 1 61 ? 7.739   -6.800  11.744  1.00 11.73 ? 53   THR A C   1 
ATOM   405  O O   . THR A 1 61 ? 7.946   -7.529  10.772  1.00 11.96 ? 53   THR A O   1 
ATOM   406  C CB  . THR A 1 61 ? 5.514   -7.455  12.740  1.00 11.84 ? 53   THR A CB  1 
ATOM   407  O OG1 . THR A 1 61 ? 4.789   -7.422  13.971  1.00 10.64 ? 53   THR A OG1 1 
ATOM   408  C CG2 . THR A 1 61 ? 5.159   -8.742  11.982  1.00 11.08 ? 53   THR A CG2 1 
ATOM   409  N N   . ALA A 1 62 ? 8.092   -5.512  11.771  1.00 11.58 ? 54   ALA A N   1 
ATOM   410  C CA  . ALA A 1 62 ? 8.614   -4.817  10.582  1.00 11.89 ? 54   ALA A CA  1 
ATOM   411  C C   . ALA A 1 62 ? 9.838   -5.504  9.961   1.00 12.22 ? 54   ALA A C   1 
ATOM   412  O O   . ALA A 1 62 ? 9.959   -5.541  8.734   1.00 11.99 ? 54   ALA A O   1 
ATOM   413  C CB  . ALA A 1 62 ? 8.911   -3.347  10.886  1.00 11.92 ? 54   ALA A CB  1 
ATOM   414  N N   . ALA A 1 63 ? 10.713  -6.062  10.806  1.00 12.19 ? 55   ALA A N   1 
ATOM   415  C CA  . ALA A 1 63 ? 11.897  -6.795  10.350  1.00 12.53 ? 55   ALA A CA  1 
ATOM   416  C C   . ALA A 1 63 ? 11.530  -8.012  9.497   1.00 12.83 ? 55   ALA A C   1 
ATOM   417  O O   . ALA A 1 63 ? 12.218  -8.319  8.521   1.00 13.04 ? 55   ALA A O   1 
ATOM   418  C CB  . ALA A 1 63 ? 12.769  -7.210  11.536  1.00 12.63 ? 55   ALA A CB  1 
ATOM   419  N N   . ILE A 1 64 ? 10.448  -8.695  9.868   1.00 13.02 ? 56   ILE A N   1 
ATOM   420  C CA  . ILE A 1 64 ? 9.923   -9.811  9.077   1.00 13.46 ? 56   ILE A CA  1 
ATOM   421  C C   . ILE A 1 64 ? 9.305   -9.341  7.749   1.00 13.50 ? 56   ILE A C   1 
ATOM   422  O O   . ILE A 1 64 ? 9.552   -9.951  6.698   1.00 13.52 ? 56   ILE A O   1 
ATOM   423  C CB  . ILE A 1 64 ? 8.919   -10.676 9.884   1.00 13.48 ? 56   ILE A CB  1 
ATOM   424  C CG1 . ILE A 1 64 ? 9.627   -11.345 11.073  1.00 14.12 ? 56   ILE A CG1 1 
ATOM   425  C CG2 . ILE A 1 64 ? 8.259   -11.720 8.984   1.00 14.02 ? 56   ILE A CG2 1 
ATOM   426  C CD1 . ILE A 1 64 ? 8.698   -11.740 12.220  1.00 14.54 ? 56   ILE A CD1 1 
ATOM   427  N N   . TYR A 1 65 ? 8.512   -8.267  7.791   1.00 13.44 ? 57   TYR A N   1 
ATOM   428  C CA  . TYR A 1 65 ? 7.990   -7.661  6.553   1.00 13.47 ? 57   TYR A CA  1 
ATOM   429  C C   . TYR A 1 65 ? 9.135   -7.336  5.598   1.00 13.68 ? 57   TYR A C   1 
ATOM   430  O O   . TYR A 1 65 ? 9.081   -7.664  4.410   1.00 13.22 ? 57   TYR A O   1 
ATOM   431  C CB  . TYR A 1 65 ? 7.244   -6.353  6.816   1.00 13.05 ? 57   TYR A CB  1 
ATOM   432  C CG  . TYR A 1 65 ? 6.079   -6.376  7.780   1.00 12.83 ? 57   TYR A CG  1 
ATOM   433  C CD1 . TYR A 1 65 ? 5.272   -7.507  7.939   1.00 12.20 ? 57   TYR A CD1 1 
ATOM   434  C CD2 . TYR A 1 65 ? 5.747   -5.222  8.493   1.00 11.70 ? 57   TYR A CD2 1 
ATOM   435  C CE1 . TYR A 1 65 ? 4.192   -7.489  8.818   1.00 11.78 ? 57   TYR A CE1 1 
ATOM   436  C CE2 . TYR A 1 65 ? 4.679   -5.193  9.368   1.00 11.47 ? 57   TYR A CE2 1 
ATOM   437  C CZ  . TYR A 1 65 ? 3.905   -6.324  9.528   1.00 11.73 ? 57   TYR A CZ  1 
ATOM   438  O OH  . TYR A 1 65 ? 2.849   -6.273  10.404  1.00 12.59 ? 57   TYR A OH  1 
ATOM   439  N N   . GLU A 1 66 ? 10.165  -6.680  6.137   1.00 14.14 ? 58   GLU A N   1 
ATOM   440  C CA  . GLU A 1 66 ? 11.302  -6.211  5.358   1.00 14.85 ? 58   GLU A CA  1 
ATOM   441  C C   . GLU A 1 66 ? 12.141  -7.359  4.796   1.00 14.91 ? 58   GLU A C   1 
ATOM   442  O O   . GLU A 1 66 ? 12.597  -7.287  3.653   1.00 14.90 ? 58   GLU A O   1 
ATOM   443  C CB  . GLU A 1 66 ? 12.146  -5.237  6.188   1.00 15.51 ? 58   GLU A CB  1 
ATOM   444  C CG  . GLU A 1 66 ? 11.450  -3.878  6.409   1.00 17.21 ? 58   GLU A CG  1 
ATOM   445  C CD  . GLU A 1 66 ? 11.863  -3.169  7.695   1.00 20.29 ? 58   GLU A CD  1 
ATOM   446  O OE1 . GLU A 1 66 ? 12.833  -3.606  8.353   1.00 22.78 ? 58   GLU A OE1 1 
ATOM   447  O OE2 . GLU A 1 66 ? 11.208  -2.164  8.054   1.00 21.70 ? 58   GLU A OE2 1 
ATOM   448  N N   . GLN A 1 67 ? 12.315  -8.414  5.594   1.00 14.79 ? 59   GLN A N   1 
ATOM   449  C CA  . GLN A 1 67 ? 12.962  -9.648  5.154   1.00 14.97 ? 59   GLN A CA  1 
ATOM   450  C C   . GLN A 1 67 ? 12.230  -10.297 3.979   1.00 14.40 ? 59   GLN A C   1 
ATOM   451  O O   . GLN A 1 67 ? 12.860  -10.722 3.012   1.00 14.51 ? 59   GLN A O   1 
ATOM   452  C CB  . GLN A 1 67 ? 13.069  -10.650 6.315   1.00 14.92 ? 59   GLN A CB  1 
ATOM   453  C CG  . GLN A 1 67 ? 13.787  -11.961 5.967   1.00 15.64 ? 59   GLN A CG  1 
ATOM   454  C CD  . GLN A 1 67 ? 13.512  -13.086 6.971   1.00 16.22 ? 59   GLN A CD  1 
ATOM   455  O OE1 . GLN A 1 67 ? 13.578  -12.878 8.185   1.00 18.60 ? 59   GLN A OE1 1 
ATOM   456  N NE2 . GLN A 1 67 ? 13.209  -14.287 6.462   1.00 16.10 ? 59   GLN A NE2 1 
ATOM   457  N N   . MET A 1 68 ? 10.907  -10.383 4.071   1.00 14.09 ? 60   MET A N   1 
ATOM   458  C CA  . MET A 1 68 ? 10.115  -11.040 3.034   1.00 13.76 ? 60   MET A CA  1 
ATOM   459  C C   . MET A 1 68 ? 10.036  -10.229 1.733   1.00 13.47 ? 60   MET A C   1 
ATOM   460  O O   . MET A 1 68 ? 10.060  -10.803 0.636   1.00 13.23 ? 60   MET A O   1 
ATOM   461  C CB  . MET A 1 68 ? 8.730   -11.431 3.558   1.00 13.82 ? 60   MET A CB  1 
ATOM   462  C CG  . MET A 1 68 ? 8.773   -12.500 4.665   1.00 14.36 ? 60   MET A CG  1 
ATOM   463  S SD  . MET A 1 68 ? 9.930   -13.877 4.389   1.00 14.57 ? 60   MET A SD  1 
ATOM   464  C CE  . MET A 1 68 ? 9.074   -14.791 3.111   1.00 11.95 ? 60   MET A CE  1 
ATOM   465  N N   . ILE A 1 69 ? 9.953   -8.906  1.865   1.00 13.11 ? 61   ILE A N   1 
ATOM   466  C CA  . ILE A 1 69 ? 10.038  -7.994  0.716   1.00 13.24 ? 61   ILE A CA  1 
ATOM   467  C C   . ILE A 1 69 ? 11.297  -8.318  -0.096  1.00 13.49 ? 61   ILE A C   1 
ATOM   468  O O   . ILE A 1 69 ? 11.232  -8.493  -1.311  1.00 13.29 ? 61   ILE A O   1 
ATOM   469  C CB  . ILE A 1 69 ? 10.010  -6.494  1.152   1.00 13.02 ? 61   ILE A CB  1 
ATOM   470  C CG1 . ILE A 1 69 ? 8.590   -6.077  1.547   1.00 12.41 ? 61   ILE A CG1 1 
ATOM   471  C CG2 . ILE A 1 69 ? 10.530  -5.566  0.040   1.00 13.05 ? 61   ILE A CG2 1 
ATOM   472  C CD1 . ILE A 1 69 ? 8.489   -4.707  2.195   1.00 12.65 ? 61   ILE A CD1 1 
ATOM   473  N N   . ASN A 1 70 ? 12.427  -8.439  0.591   1.00 13.92 ? 62   ASN A N   1 
ATOM   474  C CA  . ASN A 1 70 ? 13.700  -8.695  -0.072  1.00 14.36 ? 62   ASN A CA  1 
ATOM   475  C C   . ASN A 1 70 ? 13.793  -10.071 -0.720  1.00 14.17 ? 62   ASN A C   1 
ATOM   476  O O   . ASN A 1 70 ? 14.304  -10.199 -1.833  1.00 14.23 ? 62   ASN A O   1 
ATOM   477  C CB  . ASN A 1 70 ? 14.863  -8.456  0.891   1.00 14.61 ? 62   ASN A CB  1 
ATOM   478  C CG  . ASN A 1 70 ? 15.029  -7.000  1.242   1.00 15.63 ? 62   ASN A CG  1 
ATOM   479  O OD1 . ASN A 1 70 ? 14.831  -6.119  0.402   1.00 17.97 ? 62   ASN A OD1 1 
ATOM   480  N ND2 . ASN A 1 70 ? 15.399  -6.731  2.487   1.00 16.45 ? 62   ASN A ND2 1 
ATOM   481  N N   . GLU A 1 71 ? 13.283  -11.088 -0.031  1.00 14.21 ? 63   GLU A N   1 
ATOM   482  C CA  . GLU A 1 71 ? 13.219  -12.435 -0.586  1.00 14.34 ? 63   GLU A CA  1 
ATOM   483  C C   . GLU A 1 71 ? 12.378  -12.463 -1.855  1.00 14.25 ? 63   GLU A C   1 
ATOM   484  O O   . GLU A 1 71 ? 12.778  -13.056 -2.857  1.00 14.41 ? 63   GLU A O   1 
ATOM   485  C CB  . GLU A 1 71 ? 12.667  -13.427 0.442   1.00 14.22 ? 63   GLU A CB  1 
ATOM   486  C CG  . GLU A 1 71 ? 13.640  -13.749 1.568   1.00 14.90 ? 63   GLU A CG  1 
ATOM   487  C CD  . GLU A 1 71 ? 13.180  -14.891 2.457   1.00 14.90 ? 63   GLU A CD  1 
ATOM   488  O OE1 . GLU A 1 71 ? 13.681  -14.981 3.595   1.00 16.79 ? 63   GLU A OE1 1 
ATOM   489  O OE2 . GLU A 1 71 ? 12.330  -15.701 2.029   1.00 16.07 ? 63   GLU A OE2 1 
ATOM   490  N N   . TYR A 1 72 ? 11.219  -11.811 -1.810  1.00 14.24 ? 64   TYR A N   1 
ATOM   491  C CA  . TYR A 1 72 ? 10.313  -11.771 -2.957  1.00 14.12 ? 64   TYR A CA  1 
ATOM   492  C C   . TYR A 1 72 ? 10.889  -10.937 -4.095  1.00 14.44 ? 64   TYR A C   1 
ATOM   493  O O   . TYR A 1 72 ? 10.773  -11.330 -5.258  1.00 14.15 ? 64   TYR A O   1 
ATOM   494  C CB  . TYR A 1 72 ? 8.916   -11.282 -2.552  1.00 13.83 ? 64   TYR A CB  1 
ATOM   495  C CG  . TYR A 1 72 ? 8.212   -12.168 -1.537  1.00 13.37 ? 64   TYR A CG  1 
ATOM   496  C CD1 . TYR A 1 72 ? 8.515   -13.526 -1.431  1.00 12.74 ? 64   TYR A CD1 1 
ATOM   497  C CD2 . TYR A 1 72 ? 7.221   -11.650 -0.703  1.00 13.38 ? 64   TYR A CD2 1 
ATOM   498  C CE1 . TYR A 1 72 ? 7.869   -14.335 -0.504  1.00 12.80 ? 64   TYR A CE1 1 
ATOM   499  C CE2 . TYR A 1 72 ? 6.569   -12.451 0.223   1.00 12.37 ? 64   TYR A CE2 1 
ATOM   500  C CZ  . TYR A 1 72 ? 6.896   -13.793 0.314   1.00 13.25 ? 64   TYR A CZ  1 
ATOM   501  O OH  . TYR A 1 72 ? 6.255   -14.593 1.234   1.00 13.42 ? 64   TYR A OH  1 
ATOM   502  N N   . LYS A 1 73 ? 11.520  -9.808  -3.758  1.00 14.64 ? 65   LYS A N   1 
ATOM   503  C CA  . LYS A 1 73 ? 12.215  -8.986  -4.752  1.00 15.52 ? 65   LYS A CA  1 
ATOM   504  C C   . LYS A 1 73 ? 13.299  -9.790  -5.467  1.00 15.83 ? 65   LYS A C   1 
ATOM   505  O O   . LYS A 1 73 ? 13.457  -9.682  -6.682  1.00 15.84 ? 65   LYS A O   1 
ATOM   506  C CB  . LYS A 1 73 ? 12.851  -7.744  -4.120  1.00 15.42 ? 65   LYS A CB  1 
ATOM   507  C CG  . LYS A 1 73 ? 11.906  -6.602  -3.819  1.00 15.94 ? 65   LYS A CG  1 
ATOM   508  C CD  . LYS A 1 73 ? 12.700  -5.354  -3.459  1.00 16.66 ? 65   LYS A CD  1 
ATOM   509  C CE  . LYS A 1 73 ? 11.797  -4.179  -3.128  1.00 17.78 ? 65   LYS A CE  1 
ATOM   510  N NZ  . LYS A 1 73 ? 10.942  -3.777  -4.275  1.00 20.02 ? 65   LYS A NZ  1 
ATOM   511  N N   . ARG A 1 74 ? 14.041  -10.590 -4.703  1.00 16.34 ? 66   ARG A N   1 
ATOM   512  C CA  . ARG A 1 74 ? 15.107  -11.423 -5.261  1.00 17.20 ? 66   ARG A CA  1 
ATOM   513  C C   . ARG A 1 74 ? 14.569  -12.554 -6.135  1.00 17.00 ? 66   ARG A C   1 
ATOM   514  O O   . ARG A 1 74 ? 15.191  -12.907 -7.134  1.00 17.23 ? 66   ARG A O   1 
ATOM   515  C CB  . ARG A 1 74 ? 15.998  -11.987 -4.155  1.00 17.37 ? 66   ARG A CB  1 
ATOM   516  C CG  . ARG A 1 74 ? 17.225  -11.158 -3.855  1.00 20.11 ? 66   ARG A CG  1 
ATOM   517  C CD  . ARG A 1 74 ? 17.959  -11.737 -2.656  1.00 24.54 ? 66   ARG A CD  1 
ATOM   518  N NE  . ARG A 1 74 ? 17.570  -11.061 -1.422  1.00 27.24 ? 66   ARG A NE  1 
ATOM   519  C CZ  . ARG A 1 74 ? 17.379  -11.662 -0.252  1.00 28.16 ? 66   ARG A CZ  1 
ATOM   520  N NH1 . ARG A 1 74 ? 17.515  -12.976 -0.133  1.00 29.20 ? 66   ARG A NH1 1 
ATOM   521  N NH2 . ARG A 1 74 ? 17.033  -10.942 0.801   1.00 28.26 ? 66   ARG A NH2 1 
ATOM   522  N N   . ARG A 1 75 ? 13.423  -13.120 -5.763  1.00 16.90 ? 67   ARG A N   1 
ATOM   523  C CA  . ARG A 1 75 ? 12.785  -14.135 -6.604  1.00 16.89 ? 67   ARG A CA  1 
ATOM   524  C C   . ARG A 1 75 ? 12.234  -13.548 -7.914  1.00 16.84 ? 67   ARG A C   1 
ATOM   525  O O   . ARG A 1 75 ? 12.310  -14.192 -8.968  1.00 16.78 ? 67   ARG A O   1 
ATOM   526  C CB  . ARG A 1 75 ? 11.713  -14.923 -5.842  1.00 16.74 ? 67   ARG A CB  1 
ATOM   527  C CG  . ARG A 1 75 ? 11.191  -16.153 -6.600  1.00 17.01 ? 67   ARG A CG  1 
ATOM   528  C CD  . ARG A 1 75 ? 12.287  -17.206 -6.854  1.00 17.04 ? 67   ARG A CD  1 
ATOM   529  N NE  . ARG A 1 75 ? 11.763  -18.320 -7.642  1.00 17.65 ? 67   ARG A NE  1 
ATOM   530  C CZ  . ARG A 1 75 ? 12.478  -19.336 -8.120  1.00 17.38 ? 67   ARG A CZ  1 
ATOM   531  N NH1 . ARG A 1 75 ? 13.788  -19.421 -7.903  1.00 18.05 ? 67   ARG A NH1 1 
ATOM   532  N NH2 . ARG A 1 75 ? 11.874  -20.274 -8.830  1.00 16.85 ? 67   ARG A NH2 1 
ATOM   533  N N   . ILE A 1 76 ? 11.694  -12.328 -7.838  1.00 16.82 ? 68   ILE A N   1 
ATOM   534  C CA  . ILE A 1 76 ? 11.278  -11.573 -9.029  1.00 16.62 ? 68   ILE A CA  1 
ATOM   535  C C   . ILE A 1 76 ? 12.429  -11.433 -10.019 1.00 16.61 ? 68   ILE A C   1 
ATOM   536  O O   . ILE A 1 76 ? 12.256  -11.676 -11.213 1.00 16.69 ? 68   ILE A O   1 
ATOM   537  C CB  . ILE A 1 76 ? 10.791  -10.139 -8.688  1.00 16.60 ? 68   ILE A CB  1 
ATOM   538  C CG1 . ILE A 1 76 ? 9.588   -10.154 -7.727  1.00 16.88 ? 68   ILE A CG1 1 
ATOM   539  C CG2 . ILE A 1 76 ? 10.498  -9.344  -9.970  1.00 16.09 ? 68   ILE A CG2 1 
ATOM   540  C CD1 . ILE A 1 76 ? 8.263   -10.290 -8.370  1.00 17.05 ? 68   ILE A CD1 1 
ATOM   541  N N   . GLU A 1 77 ? 13.594  -11.027 -9.517  1.00 16.66 ? 69   GLU A N   1 
ATOM   542  C CA  . GLU A 1 77 ? 14.761  -10.774 -10.360 1.00 17.00 ? 69   GLU A CA  1 
ATOM   543  C C   . GLU A 1 77 ? 15.277  -12.037 -11.046 1.00 16.47 ? 69   GLU A C   1 
ATOM   544  O O   . GLU A 1 77 ? 15.745  -11.972 -12.180 1.00 16.28 ? 69   GLU A O   1 
ATOM   545  C CB  . GLU A 1 77 ? 15.877  -10.057 -9.577  1.00 17.47 ? 69   GLU A CB  1 
ATOM   546  C CG  . GLU A 1 77 ? 15.540  -8.595  -9.207  1.00 19.58 ? 69   GLU A CG  1 
ATOM   547  C CD  . GLU A 1 77 ? 14.920  -7.799  -10.373 1.00 22.41 ? 69   GLU A CD  1 
ATOM   548  O OE1 . GLU A 1 77 ? 15.646  -7.508  -11.355 1.00 22.94 ? 69   GLU A OE1 1 
ATOM   549  O OE2 . GLU A 1 77 ? 13.708  -7.465  -10.304 1.00 22.13 ? 69   GLU A OE2 1 
ATOM   550  N N   . VAL A 1 78 ? 15.166  -13.178 -10.368 1.00 16.24 ? 70   VAL A N   1 
ATOM   551  C CA  . VAL A 1 78 ? 15.454  -14.473 -10.986 1.00 16.19 ? 70   VAL A CA  1 
ATOM   552  C C   . VAL A 1 78 ? 14.430  -14.803 -12.092 1.00 16.18 ? 70   VAL A C   1 
ATOM   553  O O   . VAL A 1 78 ? 14.812  -15.044 -13.242 1.00 16.05 ? 70   VAL A O   1 
ATOM   554  C CB  . VAL A 1 78 ? 15.526  -15.617 -9.941  1.00 16.31 ? 70   VAL A CB  1 
ATOM   555  C CG1 . VAL A 1 78 ? 15.816  -16.954 -10.617 1.00 16.51 ? 70   VAL A CG1 1 
ATOM   556  C CG2 . VAL A 1 78 ? 16.596  -15.317 -8.876  1.00 16.12 ? 70   VAL A CG2 1 
ATOM   557  N N   . LEU A 1 79 ? 13.143  -14.784 -11.745 1.00 15.95 ? 71   LEU A N   1 
ATOM   558  C CA  . LEU A 1 79 ? 12.069  -15.199 -12.674 1.00 15.51 ? 71   LEU A CA  1 
ATOM   559  C C   . LEU A 1 79 ? 11.936  -14.304 -13.913 1.00 15.30 ? 71   LEU A C   1 
ATOM   560  O O   . LEU A 1 79 ? 11.567  -14.770 -14.988 1.00 14.52 ? 71   LEU A O   1 
ATOM   561  C CB  . LEU A 1 79 ? 10.726  -15.313 -11.945 1.00 15.10 ? 71   LEU A CB  1 
ATOM   562  C CG  . LEU A 1 79 ? 10.591  -16.378 -10.849 1.00 15.23 ? 71   LEU A CG  1 
ATOM   563  C CD1 . LEU A 1 79 ? 9.296   -16.178 -10.065 1.00 13.96 ? 71   LEU A CD1 1 
ATOM   564  C CD2 . LEU A 1 79 ? 10.661  -17.782 -11.428 1.00 15.43 ? 71   LEU A CD2 1 
ATOM   565  N N   . LYS A 1 80 ? 12.244  -13.024 -13.735 1.00 15.72 ? 72   LYS A N   1 
ATOM   566  C CA  . LYS A 1 80 ? 12.244  -12.022 -14.798 1.00 16.53 ? 72   LYS A CA  1 
ATOM   567  C C   . LYS A 1 80 ? 13.137  -12.413 -15.980 1.00 16.54 ? 72   LYS A C   1 
ATOM   568  O O   . LYS A 1 80 ? 12.813  -12.108 -17.125 1.00 16.06 ? 72   LYS A O   1 
ATOM   569  C CB  . LYS A 1 80 ? 12.714  -10.683 -14.225 1.00 16.48 ? 72   LYS A CB  1 
ATOM   570  C CG  . LYS A 1 80 ? 12.480  -9.475  -15.117 1.00 17.84 ? 72   LYS A CG  1 
ATOM   571  C CD  . LYS A 1 80 ? 13.048  -8.219  -14.471 1.00 17.76 ? 72   LYS A CD  1 
ATOM   572  C CE  . LYS A 1 80 ? 12.788  -6.984  -15.327 1.00 20.37 ? 72   LYS A CE  1 
ATOM   573  N NZ  . LYS A 1 80 ? 12.898  -5.728  -14.524 1.00 20.22 ? 72   LYS A NZ  1 
ATOM   574  N N   . GLU A 1 81 ? 14.253  -13.084 -15.682 1.00 16.82 ? 73   GLU A N   1 
ATOM   575  C CA  . GLU A 1 81 ? 15.237  -13.499 -16.688 1.00 17.42 ? 73   GLU A CA  1 
ATOM   576  C C   . GLU A 1 81 ? 14.748  -14.651 -17.556 1.00 17.44 ? 73   GLU A C   1 
ATOM   577  O O   . GLU A 1 81 ? 15.215  -14.849 -18.676 1.00 17.76 ? 73   GLU A O   1 
ATOM   578  C CB  . GLU A 1 81 ? 16.560  -13.877 -16.014 1.00 17.54 ? 73   GLU A CB  1 
ATOM   579  C CG  . GLU A 1 81 ? 17.298  -12.711 -15.365 1.00 18.58 ? 73   GLU A CG  1 
ATOM   580  C CD  . GLU A 1 81 ? 17.616  -11.581 -16.339 1.00 21.13 ? 73   GLU A CD  1 
ATOM   581  O OE1 . GLU A 1 81 ? 17.764  -11.836 -17.560 1.00 22.18 ? 73   GLU A OE1 1 
ATOM   582  O OE2 . GLU A 1 81 ? 17.725  -10.428 -15.876 1.00 22.04 ? 73   GLU A OE2 1 
ATOM   583  N N   . LEU A 1 82 ? 13.829  -15.436 -17.011 1.00 17.47 ? 74   LEU A N   1 
ATOM   584  C CA  . LEU A 1 82 ? 13.093  -16.410 -17.786 1.00 17.52 ? 74   LEU A CA  1 
ATOM   585  C C   . LEU A 1 82 ? 11.984  -15.523 -18.320 1.00 17.72 ? 74   LEU A C   1 
ATOM   586  O O   . LEU A 1 82 ? 11.727  -14.478 -17.731 1.00 18.74 ? 74   LEU A O   1 
ATOM   587  C CB  . LEU A 1 82 ? 12.564  -17.510 -16.861 1.00 17.22 ? 74   LEU A CB  1 
ATOM   588  C CG  . LEU A 1 82 ? 13.492  -17.885 -15.691 1.00 16.87 ? 74   LEU A CG  1 
ATOM   589  C CD1 . LEU A 1 82 ? 12.802  -18.770 -14.672 1.00 16.73 ? 74   LEU A CD1 1 
ATOM   590  C CD2 . LEU A 1 82 ? 14.795  -18.532 -16.171 1.00 18.43 ? 74   LEU A CD2 1 
ATOM   591  N N   . ILE A 1 83 ? 11.342  -15.879 -19.422 1.00 17.22 ? 75   ILE A N   1 
ATOM   592  C CA  . ILE A 1 83 ? 10.393  -14.934 -20.057 1.00 16.54 ? 75   ILE A CA  1 
ATOM   593  C C   . ILE A 1 83 ? 11.037  -13.554 -20.286 1.00 16.69 ? 75   ILE A C   1 
ATOM   594  O O   . ILE A 1 83 ? 10.438  -12.668 -20.897 1.00 16.66 ? 75   ILE A O   1 
ATOM   595  C CB  . ILE A 1 83 ? 9.024   -14.793 -19.280 1.00 16.42 ? 75   ILE A CB  1 
ATOM   596  C CG1 . ILE A 1 83 ? 9.169   -13.922 -18.014 1.00 15.88 ? 75   ILE A CG1 1 
ATOM   597  C CG2 . ILE A 1 83 ? 8.418   -16.175 -18.993 1.00 15.15 ? 75   ILE A CG2 1 
ATOM   598  C CD1 . ILE A 1 83 ? 7.860   -13.585 -17.289 1.00 16.27 ? 75   ILE A CD1 1 
ATOM   599  N N   . SER B 1 10 ? -15.248 -4.891  4.823   1.00 18.87 ? 2    SER B N   1 
ATOM   600  C CA  . SER B 1 10 ? -14.402 -5.202  3.632   1.00 18.72 ? 2    SER B CA  1 
ATOM   601  C C   . SER B 1 10 ? -13.058 -4.491  3.710   1.00 18.39 ? 2    SER B C   1 
ATOM   602  O O   . SER B 1 10 ? -12.921 -3.483  4.408   1.00 18.27 ? 2    SER B O   1 
ATOM   603  C CB  . SER B 1 10 ? -15.116 -4.795  2.344   1.00 18.70 ? 2    SER B CB  1 
ATOM   604  O OG  . SER B 1 10 ? -15.140 -3.384  2.211   1.00 19.62 ? 2    SER B OG  1 
ATOM   605  N N   . ALA B 1 11 ? -12.077 -5.024  2.982   1.00 18.01 ? 3    ALA B N   1 
ATOM   606  C CA  . ALA B 1 11 ? -10.759 -4.405  2.873   1.00 17.80 ? 3    ALA B CA  1 
ATOM   607  C C   . ALA B 1 11 ? -10.825 -3.031  2.198   1.00 17.34 ? 3    ALA B C   1 
ATOM   608  O O   . ALA B 1 11 ? -10.143 -2.099  2.630   1.00 17.57 ? 3    ALA B O   1 
ATOM   609  C CB  . ALA B 1 11 ? -9.783  -5.328  2.136   1.00 17.71 ? 3    ALA B CB  1 
ATOM   610  N N   . GLN B 1 12 ? -11.657 -2.914  1.160   1.00 16.79 ? 4    GLN B N   1 
ATOM   611  C CA  . GLN B 1 12 ? -11.834 -1.664  0.416   1.00 16.22 ? 4    GLN B CA  1 
ATOM   612  C C   . GLN B 1 12 ? -12.267 -0.516  1.322   1.00 16.18 ? 4    GLN B C   1 
ATOM   613  O O   . GLN B 1 12 ? -11.654 0.551   1.313   1.00 16.36 ? 4    GLN B O   1 
ATOM   614  C CB  . GLN B 1 12 ? -12.842 -1.847  -0.725  1.00 16.26 ? 4    GLN B CB  1 
ATOM   615  C CG  . GLN B 1 12 ? -12.879 -0.684  -1.738  1.00 15.64 ? 4    GLN B CG  1 
ATOM   616  C CD  . GLN B 1 12 ? -13.619 -1.034  -3.022  1.00 15.62 ? 4    GLN B CD  1 
ATOM   617  O OE1 . GLN B 1 12 ? -14.419 -1.961  -3.048  1.00 15.58 ? 4    GLN B OE1 1 
ATOM   618  N NE2 . GLN B 1 12 ? -13.348 -0.291  -4.094  1.00 14.84 ? 4    GLN B NE2 1 
ATOM   619  N N   . VAL B 1 13 ? -13.313 -0.757  2.109   1.00 15.88 ? 5    VAL B N   1 
ATOM   620  C CA  . VAL B 1 13 ? -13.913 0.240   2.996   1.00 15.87 ? 5    VAL B CA  1 
ATOM   621  C C   . VAL B 1 13 ? -12.962 0.630   4.131   1.00 16.06 ? 5    VAL B C   1 
ATOM   622  O O   . VAL B 1 13 ? -12.842 1.805   4.483   1.00 15.93 ? 5    VAL B O   1 
ATOM   623  C CB  . VAL B 1 13 ? -15.284 -0.267  3.545   1.00 15.94 ? 5    VAL B CB  1 
ATOM   624  C CG1 . VAL B 1 13 ? -15.748 0.531   4.762   1.00 15.43 ? 5    VAL B CG1 1 
ATOM   625  C CG2 . VAL B 1 13 ? -16.348 -0.234  2.432   1.00 15.90 ? 5    VAL B CG2 1 
ATOM   626  N N   . MET B 1 14 ? -12.277 -0.360  4.689   1.00 16.23 ? 6    MET B N   1 
ATOM   627  C CA  . MET B 1 14 ? -11.309 -0.111  5.738   1.00 17.16 ? 6    MET B CA  1 
ATOM   628  C C   . MET B 1 14 ? -10.106 0.694   5.218   1.00 15.65 ? 6    MET B C   1 
ATOM   629  O O   . MET B 1 14 ? -9.639  1.601   5.894   1.00 15.19 ? 6    MET B O   1 
ATOM   630  C CB  . MET B 1 14 ? -10.859 -1.425  6.373   1.00 16.94 ? 6    MET B CB  1 
ATOM   631  C CG  . MET B 1 14 ? -10.410 -1.283  7.814   1.00 18.71 ? 6    MET B CG  1 
ATOM   632  S SD  . MET B 1 14 ? -9.048  -2.406  8.189   1.00 21.11 ? 6    MET B SD  1 
ATOM   633  C CE  . MET B 1 14 ? -7.865  -1.815  6.959   1.00 19.34 ? 6    MET B CE  1 
ATOM   634  N N   . LEU B 1 15 ? -9.623  0.361   4.020   1.00 15.01 ? 7    LEU B N   1 
ATOM   635  C CA  . LEU B 1 15 ? -8.548  1.134   3.376   1.00 14.32 ? 7    LEU B CA  1 
ATOM   636  C C   . LEU B 1 15 ? -8.986  2.550   2.980   1.00 14.05 ? 7    LEU B C   1 
ATOM   637  O O   . LEU B 1 15 ? -8.228  3.503   3.148   1.00 13.34 ? 7    LEU B O   1 
ATOM   638  C CB  . LEU B 1 15 ? -7.951  0.384   2.179   1.00 14.08 ? 7    LEU B CB  1 
ATOM   639  C CG  . LEU B 1 15 ? -7.072  -0.850  2.447   1.00 13.49 ? 7    LEU B CG  1 
ATOM   640  C CD1 . LEU B 1 15 ? -6.795  -1.572  1.152   1.00 12.72 ? 7    LEU B CD1 1 
ATOM   641  C CD2 . LEU B 1 15 ? -5.751  -0.511  3.149   1.00 14.80 ? 7    LEU B CD2 1 
ATOM   642  N N   . GLU B 1 16 ? -10.213 2.685   2.470   1.00 14.21 ? 8    GLU B N   1 
ATOM   643  C CA  . GLU B 1 16 ? -10.801 4.007   2.210   1.00 14.32 ? 8    GLU B CA  1 
ATOM   644  C C   . GLU B 1 16 ? -10.848 4.879   3.470   1.00 14.69 ? 8    GLU B C   1 
ATOM   645  O O   . GLU B 1 16 ? -10.562 6.078   3.407   1.00 14.50 ? 8    GLU B O   1 
ATOM   646  C CB  . GLU B 1 16 ? -12.197 3.881   1.588   1.00 14.28 ? 8    GLU B CB  1 
ATOM   647  C CG  . GLU B 1 16 ? -12.178 3.528   0.107   1.00 13.74 ? 8    GLU B CG  1 
ATOM   648  C CD  . GLU B 1 16 ? -13.552 3.208   -0.471  1.00 13.95 ? 8    GLU B CD  1 
ATOM   649  O OE1 . GLU B 1 16 ? -14.549 3.167   0.281   1.00 12.05 ? 8    GLU B OE1 1 
ATOM   650  O OE2 . GLU B 1 16 ? -13.632 3.000   -1.703  1.00 13.48 ? 8    GLU B OE2 1 
ATOM   651  N N   . GLU B 1 17 ? -11.198 4.273   4.604   1.00 15.25 ? 9    GLU B N   1 
ATOM   652  C CA  . GLU B 1 17 ? -11.247 4.985   5.893   1.00 16.16 ? 9    GLU B CA  1 
ATOM   653  C C   . GLU B 1 17 ? -9.859  5.423   6.369   1.00 15.66 ? 9    GLU B C   1 
ATOM   654  O O   . GLU B 1 17 ? -9.706  6.507   6.935   1.00 15.30 ? 9    GLU B O   1 
ATOM   655  C CB  . GLU B 1 17 ? -11.960 4.143   6.968   1.00 15.92 ? 9    GLU B CB  1 
ATOM   656  C CG  . GLU B 1 17 ? -13.483 4.215   6.859   1.00 17.92 ? 9    GLU B CG  1 
ATOM   657  C CD  . GLU B 1 17 ? -14.249 3.398   7.902   1.00 18.52 ? 9    GLU B CD  1 
ATOM   658  O OE1 . GLU B 1 17 ? -13.623 2.834   8.844   1.00 21.52 ? 9    GLU B OE1 1 
ATOM   659  O OE2 . GLU B 1 17 ? -15.495 3.334   7.767   1.00 19.81 ? 9    GLU B OE2 1 
ATOM   660  N N   . MET B 1 18 ? -8.861  4.574   6.131   1.00 15.57 ? 10   MET B N   1 
ATOM   661  C CA  . MET B 1 18 ? -7.465  4.875   6.463   1.00 16.16 ? 10   MET B CA  1 
ATOM   662  C C   . MET B 1 18 ? -6.941  6.052   5.653   1.00 14.90 ? 10   MET B C   1 
ATOM   663  O O   . MET B 1 18 ? -6.384  6.999   6.208   1.00 14.82 ? 10   MET B O   1 
ATOM   664  C CB  . MET B 1 18 ? -6.575  3.649   6.219   1.00 15.82 ? 10   MET B CB  1 
ATOM   665  C CG  . MET B 1 18 ? -6.928  2.454   7.073   1.00 17.40 ? 10   MET B CG  1 
ATOM   666  S SD  . MET B 1 18 ? -5.997  0.969   6.658   1.00 19.57 ? 10   MET B SD  1 
ATOM   667  C CE  . MET B 1 18 ? -4.437  1.329   7.441   1.00 18.52 ? 10   MET B CE  1 
ATOM   668  N N   . ALA B 1 19 ? -7.122  5.977   4.337   1.00 14.19 ? 11   ALA B N   1 
ATOM   669  C CA  . ALA B 1 19 ? -6.732  7.050   3.429   1.00 13.75 ? 11   ALA B CA  1 
ATOM   670  C C   . ALA B 1 19 ? -7.423  8.370   3.784   1.00 13.52 ? 11   ALA B C   1 
ATOM   671  O O   . ALA B 1 19 ? -6.769  9.419   3.819   1.00 13.65 ? 11   ALA B O   1 
ATOM   672  C CB  . ALA B 1 19 ? -7.015  6.658   1.984   1.00 13.58 ? 11   ALA B CB  1 
ATOM   673  N N   . ARG B 1 20 ? -8.730  8.315   4.055   1.00 13.28 ? 12   ARG B N   1 
ATOM   674  C CA  . ARG B 1 20 ? -9.480  9.510   4.469   1.00 13.46 ? 12   ARG B CA  1 
ATOM   675  C C   . ARG B 1 20 ? -8.959  10.146  5.762   1.00 13.02 ? 12   ARG B C   1 
ATOM   676  O O   . ARG B 1 20 ? -8.856  11.363  5.847   1.00 12.51 ? 12   ARG B O   1 
ATOM   677  C CB  . ARG B 1 20 ? -10.985 9.241   4.586   1.00 13.16 ? 12   ARG B CB  1 
ATOM   678  C CG  . ARG B 1 20 ? -11.786 10.533  4.587   1.00 13.97 ? 12   ARG B CG  1 
ATOM   679  C CD  . ARG B 1 20 ? -13.298 10.335  4.646   1.00 14.73 ? 12   ARG B CD  1 
ATOM   680  N NE  . ARG B 1 20 ? -13.965 11.637  4.719   1.00 17.59 ? 12   ARG B NE  1 
ATOM   681  C CZ  . ARG B 1 20 ? -14.539 12.135  5.813   1.00 19.62 ? 12   ARG B CZ  1 
ATOM   682  N NH1 . ARG B 1 20 ? -14.562 11.441  6.947   1.00 19.93 ? 12   ARG B NH1 1 
ATOM   683  N NH2 . ARG B 1 20 ? -15.111 13.330  5.770   1.00 21.01 ? 12   ARG B NH2 1 
ATOM   684  N N   . LYS B 1 21 ? -8.645  9.324   6.759   1.00 13.25 ? 13   LYS B N   1 
ATOM   685  C CA  . LYS B 1 21 ? -8.067  9.832   8.009   1.00 14.02 ? 13   LYS B CA  1 
ATOM   686  C C   . LYS B 1 21 ? -6.768  10.601  7.770   1.00 13.00 ? 13   LYS B C   1 
ATOM   687  O O   . LYS B 1 21 ? -6.590  11.696  8.297   1.00 12.87 ? 13   LYS B O   1 
ATOM   688  C CB  . LYS B 1 21 ? -7.836  8.717   9.035   1.00 13.95 ? 13   LYS B CB  1 
ATOM   689  C CG  . LYS B 1 21 ? -7.346  9.260   10.387  1.00 16.00 ? 13   LYS B CG  1 
ATOM   690  C CD  . LYS B 1 21 ? -7.017  8.155   11.378  1.00 15.75 ? 13   LYS B CD  1 
ATOM   691  C CE  . LYS B 1 21 ? -6.732  8.722   12.760  1.00 18.70 ? 13   LYS B CE  1 
ATOM   692  N NZ  . LYS B 1 21 ? -6.667  7.628   13.783  1.00 19.62 ? 13   LYS B NZ  1 
ATOM   693  N N   . TYR B 1 22 ? -5.868  10.023  6.977   1.00 12.65 ? 14   TYR B N   1 
ATOM   694  C CA  . TYR B 1 22 ? -4.631  10.706  6.600   1.00 12.27 ? 14   TYR B CA  1 
ATOM   695  C C   . TYR B 1 22 ? -4.924  12.005  5.862   1.00 12.32 ? 14   TYR B C   1 
ATOM   696  O O   . TYR B 1 22 ? -4.344  13.042  6.180   1.00 12.28 ? 14   TYR B O   1 
ATOM   697  C CB  . TYR B 1 22 ? -3.732  9.796   5.755   1.00 12.24 ? 14   TYR B CB  1 
ATOM   698  C CG  . TYR B 1 22 ? -3.062  8.687   6.540   1.00 11.88 ? 14   TYR B CG  1 
ATOM   699  C CD1 . TYR B 1 22 ? -2.310  8.973   7.682   1.00 11.53 ? 14   TYR B CD1 1 
ATOM   700  C CD2 . TYR B 1 22 ? -3.168  7.361   6.135   1.00 11.62 ? 14   TYR B CD2 1 
ATOM   701  C CE1 . TYR B 1 22 ? -1.685  7.964   8.409   1.00 12.55 ? 14   TYR B CE1 1 
ATOM   702  C CE2 . TYR B 1 22 ? -2.549  6.336   6.853   1.00 12.34 ? 14   TYR B CE2 1 
ATOM   703  C CZ  . TYR B 1 22 ? -1.807  6.653   7.989   1.00 12.85 ? 14   TYR B CZ  1 
ATOM   704  O OH  . TYR B 1 22 ? -1.187  5.661   8.701   1.00 14.07 ? 14   TYR B OH  1 
ATOM   705  N N   . ALA B 1 23 ? -5.845  11.938  4.898   1.00 12.10 ? 15   ALA B N   1 
ATOM   706  C CA  . ALA B 1 23 ? -6.232  13.088  4.087   1.00 12.16 ? 15   ALA B CA  1 
ATOM   707  C C   . ALA B 1 23 ? -6.762  14.241  4.938   1.00 12.31 ? 15   ALA B C   1 
ATOM   708  O O   . ALA B 1 23 ? -6.335  15.379  4.764   1.00 12.23 ? 15   ALA B O   1 
ATOM   709  C CB  . ALA B 1 23 ? -7.255  12.677  3.026   1.00 11.82 ? 15   ALA B CB  1 
ATOM   710  N N   . ILE B 1 24 ? -7.688  13.927  5.849   1.00 12.56 ? 16   ILE B N   1 
ATOM   711  C CA  . ILE B 1 24 ? -8.242  14.883  6.810   1.00 12.88 ? 16   ILE B CA  1 
ATOM   712  C C   . ILE B 1 24 ? -7.154  15.494  7.690   1.00 13.11 ? 16   ILE B C   1 
ATOM   713  O O   . ILE B 1 24 ? -7.136  16.710  7.898   1.00 13.19 ? 16   ILE B O   1 
ATOM   714  C CB  . ILE B 1 24 ? -9.357  14.228  7.684   1.00 12.81 ? 16   ILE B CB  1 
ATOM   715  C CG1 . ILE B 1 24 ? -10.645 14.092  6.876   1.00 12.71 ? 16   ILE B CG1 1 
ATOM   716  C CG2 . ILE B 1 24 ? -9.632  15.041  8.973   1.00 12.90 ? 16   ILE B CG2 1 
ATOM   717  C CD1 . ILE B 1 24 ? -11.563 13.020  7.384   1.00 15.29 ? 16   ILE B CD1 1 
ATOM   718  N N   . ASN B 1 25 ? -6.261  14.650  8.206   1.00 13.66 ? 17   ASN B N   1 
ATOM   719  C CA  . ASN B 1 25 ? -5.105  15.110  8.975   1.00 14.25 ? 17   ASN B CA  1 
ATOM   720  C C   . ASN B 1 25 ? -4.165  16.002  8.155   1.00 14.31 ? 17   ASN B C   1 
ATOM   721  O O   . ASN B 1 25 ? -3.661  17.005  8.659   1.00 14.06 ? 17   ASN B O   1 
ATOM   722  C CB  . ASN B 1 25 ? -4.342  13.918  9.565   1.00 14.73 ? 17   ASN B CB  1 
ATOM   723  C CG  . ASN B 1 25 ? -5.039  13.322  10.772  1.00 15.92 ? 17   ASN B CG  1 
ATOM   724  O OD1 . ASN B 1 25 ? -5.892  13.958  11.384  1.00 18.29 ? 17   ASN B OD1 1 
ATOM   725  N ND2 . ASN B 1 25 ? -4.677  12.097  11.121  1.00 16.95 ? 17   ASN B ND2 1 
ATOM   726  N N   . ALA B 1 26 ? -3.951  15.637  6.889   1.00 14.41 ? 18   ALA B N   1 
ATOM   727  C CA  . ALA B 1 26 ? -3.129  16.437  5.974   1.00 14.83 ? 18   ALA B CA  1 
ATOM   728  C C   . ALA B 1 26 ? -3.704  17.834  5.777   1.00 15.22 ? 18   ALA B C   1 
ATOM   729  O O   . ALA B 1 26 ? -2.982  18.824  5.920   1.00 15.19 ? 18   ALA B O   1 
ATOM   730  C CB  . ALA B 1 26 ? -2.986  15.738  4.636   1.00 14.40 ? 18   ALA B CB  1 
ATOM   731  N N   . VAL B 1 27 ? -5.000  17.901  5.460   1.00 15.39 ? 19   VAL B N   1 
ATOM   732  C CA  . VAL B 1 27 ? -5.676  19.167  5.179   1.00 16.07 ? 19   VAL B CA  1 
ATOM   733  C C   . VAL B 1 27 ? -5.688  20.070  6.412   1.00 16.70 ? 19   VAL B C   1 
ATOM   734  O O   . VAL B 1 27 ? -5.437  21.272  6.302   1.00 16.84 ? 19   VAL B O   1 
ATOM   735  C CB  . VAL B 1 27 ? -7.118  18.962  4.612   1.00 15.84 ? 19   VAL B CB  1 
ATOM   736  C CG1 . VAL B 1 27 ? -7.869  20.292  4.512   1.00 15.57 ? 19   VAL B CG1 1 
ATOM   737  C CG2 . VAL B 1 27 ? -7.072  18.276  3.243   1.00 15.54 ? 19   VAL B CG2 1 
ATOM   738  N N   . LYS B 1 28 ? -5.962  19.479  7.573   1.00 17.40 ? 20   LYS B N   1 
ATOM   739  C CA  . LYS B 1 28 ? -5.969  20.201  8.844   1.00 18.45 ? 20   LYS B CA  1 
ATOM   740  C C   . LYS B 1 28 ? -4.614  20.858  9.127   1.00 18.66 ? 20   LYS B C   1 
ATOM   741  O O   . LYS B 1 28 ? -4.547  22.067  9.366   1.00 18.94 ? 20   LYS B O   1 
ATOM   742  C CB  . LYS B 1 28 ? -6.376  19.268  9.993   1.00 18.43 ? 20   LYS B CB  1 
ATOM   743  C CG  . LYS B 1 28 ? -6.516  19.961  11.342  1.00 19.18 ? 20   LYS B CG  1 
ATOM   744  C CD  . LYS B 1 28 ? -7.011  19.007  12.418  1.00 19.28 ? 20   LYS B CD  1 
ATOM   745  C CE  . LYS B 1 28 ? -6.917  19.650  13.791  1.00 20.94 ? 20   LYS B CE  1 
ATOM   746  N NZ  . LYS B 1 28 ? -7.699  18.877  14.794  1.00 22.69 ? 20   LYS B NZ  1 
ATOM   747  N N   . ALA B 1 29 ? -3.551  20.057  9.078   1.00 18.79 ? 21   ALA B N   1 
ATOM   748  C CA  . ALA B 1 29 ? -2.186  20.538  9.265   1.00 19.19 ? 21   ALA B CA  1 
ATOM   749  C C   . ALA B 1 29 ? -1.819  21.576  8.211   1.00 19.62 ? 21   ALA B C   1 
ATOM   750  O O   . ALA B 1 29 ? -1.142  22.558  8.514   1.00 19.45 ? 21   ALA B O   1 
ATOM   751  C CB  . ALA B 1 29 ? -1.198  19.365  9.242   1.00 19.08 ? 21   ALA B CB  1 
ATOM   752  N N   . ASP B 1 30 ? -2.284  21.352  6.981   1.00 20.23 ? 22   ASP B N   1 
ATOM   753  C CA  . ASP B 1 30 ? -2.092  22.279  5.873   1.00 20.99 ? 22   ASP B CA  1 
ATOM   754  C C   . ASP B 1 30 ? -2.640  23.660  6.236   1.00 21.83 ? 22   ASP B C   1 
ATOM   755  O O   . ASP B 1 30 ? -1.937  24.673  6.116   1.00 22.16 ? 22   ASP B O   1 
ATOM   756  C CB  . ASP B 1 30 ? -2.783  21.731  4.619   1.00 20.82 ? 22   ASP B CB  1 
ATOM   757  C CG  . ASP B 1 30 ? -2.395  22.462  3.348   1.00 20.50 ? 22   ASP B CG  1 
ATOM   758  O OD1 . ASP B 1 30 ? -1.981  23.646  3.398   1.00 20.37 ? 22   ASP B OD1 1 
ATOM   759  O OD2 . ASP B 1 30 ? -2.523  21.841  2.274   1.00 19.83 ? 22   ASP B OD2 1 
ATOM   760  N N   . LYS B 1 31 ? -3.889  23.689  6.695   1.00 22.68 ? 23   LYS B N   1 
ATOM   761  C CA  . LYS B 1 31 ? -4.553  24.931  7.068   1.00 23.47 ? 23   LYS B CA  1 
ATOM   762  C C   . LYS B 1 31 ? -3.918  25.563  8.305   1.00 23.73 ? 23   LYS B C   1 
ATOM   763  O O   . LYS B 1 31 ? -3.915  26.784  8.441   1.00 23.93 ? 23   LYS B O   1 
ATOM   764  C CB  . LYS B 1 31 ? -6.052  24.701  7.278   1.00 23.67 ? 23   LYS B CB  1 
ATOM   765  C CG  . LYS B 1 31 ? -6.790  24.315  6.005   1.00 24.27 ? 23   LYS B CG  1 
ATOM   766  C CD  . LYS B 1 31 ? -8.296  24.293  6.202   1.00 25.56 ? 23   LYS B CD  1 
ATOM   767  C CE  . LYS B 1 31 ? -8.994  24.022  4.879   1.00 26.20 ? 23   LYS B CE  1 
ATOM   768  N NZ  . LYS B 1 31 ? -10.474 23.962  5.024   1.00 27.31 ? 23   LYS B NZ  1 
ATOM   769  N N   . GLU B 1 32 ? -3.368  24.726  9.186   1.00 24.13 ? 24   GLU B N   1 
ATOM   770  C CA  . GLU B 1 32 ? -2.673  25.190  10.394  1.00 24.46 ? 24   GLU B CA  1 
ATOM   771  C C   . GLU B 1 32 ? -1.287  25.781  10.116  1.00 23.90 ? 24   GLU B C   1 
ATOM   772  O O   . GLU B 1 32 ? -0.684  26.399  10.999  1.00 24.12 ? 24   GLU B O   1 
ATOM   773  C CB  . GLU B 1 32 ? -2.565  24.062  11.421  1.00 24.49 ? 24   GLU B CB  1 
ATOM   774  C CG  . GLU B 1 32 ? -3.853  23.804  12.188  1.00 25.82 ? 24   GLU B CG  1 
ATOM   775  C CD  . GLU B 1 32 ? -3.757  22.620  13.138  1.00 26.03 ? 24   GLU B CD  1 
ATOM   776  O OE1 . GLU B 1 32 ? -2.671  22.009  13.238  1.00 27.91 ? 24   GLU B OE1 1 
ATOM   777  O OE2 . GLU B 1 32 ? -4.783  22.300  13.784  1.00 28.31 ? 24   GLU B OE2 1 
ATOM   778  N N   . GLY B 1 33 ? -0.782  25.582  8.901   1.00 23.22 ? 25   GLY B N   1 
ATOM   779  C CA  . GLY B 1 33 ? 0.503   26.142  8.493   1.00 22.43 ? 25   GLY B CA  1 
ATOM   780  C C   . GLY B 1 33 ? 1.717   25.284  8.813   1.00 21.98 ? 25   GLY B C   1 
ATOM   781  O O   . GLY B 1 33 ? 2.848   25.773  8.803   1.00 21.79 ? 25   GLY B O   1 
ATOM   782  N N   . ASN B 1 34 ? 1.490   24.007  9.112   1.00 21.30 ? 26   ASN B N   1 
ATOM   783  C CA  . ASN B 1 34 ? 2.591   23.075  9.311   1.00 20.90 ? 26   ASN B CA  1 
ATOM   784  C C   . ASN B 1 34 ? 2.798   22.214  8.063   1.00 20.02 ? 26   ASN B C   1 
ATOM   785  O O   . ASN B 1 34 ? 2.156   21.172  7.882   1.00 19.39 ? 26   ASN B O   1 
ATOM   786  C CB  . ASN B 1 34 ? 2.386   22.241  10.582  1.00 21.51 ? 26   ASN B CB  1 
ATOM   787  C CG  . ASN B 1 34 ? 3.118   20.907  10.539  1.00 23.01 ? 26   ASN B CG  1 
ATOM   788  O OD1 . ASN B 1 34 ? 4.351   20.836  10.469  1.00 23.13 ? 26   ASN B OD1 1 
ATOM   789  N ND2 . ASN B 1 34 ? 2.346   19.836  10.571  1.00 26.03 ? 26   ASN B ND2 1 
ATOM   790  N N   . ALA B 1 35 ? 3.701   22.684  7.204   1.00 19.04 ? 27   ALA B N   1 
ATOM   791  C CA  . ALA B 1 35 ? 3.969   22.066  5.907   1.00 18.28 ? 27   ALA B CA  1 
ATOM   792  C C   . ALA B 1 35 ? 4.432   20.610  5.995   1.00 17.60 ? 27   ALA B C   1 
ATOM   793  O O   . ALA B 1 35 ? 4.002   19.788  5.197   1.00 17.56 ? 27   ALA B O   1 
ATOM   794  C CB  . ALA B 1 35 ? 4.968   22.909  5.111   1.00 18.09 ? 27   ALA B CB  1 
ATOM   795  N N   . GLU B 1 36 ? 5.283   20.290  6.968   1.00 16.93 ? 28   GLU B N   1 
ATOM   796  C CA  . GLU B 1 36 ? 5.854   18.942  7.075   1.00 16.84 ? 28   GLU B CA  1 
ATOM   797  C C   . GLU B 1 36 ? 4.827   17.855  7.428   1.00 16.83 ? 28   GLU B C   1 
ATOM   798  O O   . GLU B 1 36 ? 4.813   16.786  6.806   1.00 16.16 ? 28   GLU B O   1 
ATOM   799  C CB  . GLU B 1 36 ? 7.037   18.908  8.052   1.00 16.58 ? 28   GLU B CB  1 
ATOM   800  C CG  . GLU B 1 36 ? 7.598   17.494  8.336   1.00 16.65 ? 28   GLU B CG  1 
ATOM   801  C CD  . GLU B 1 36 ? 8.062   16.747  7.081   1.00 17.49 ? 28   GLU B CD  1 
ATOM   802  O OE1 . GLU B 1 36 ? 8.792   17.329  6.252   1.00 16.35 ? 28   GLU B OE1 1 
ATOM   803  O OE2 . GLU B 1 36 ? 7.692   15.562  6.923   1.00 18.36 ? 28   GLU B OE2 1 
ATOM   804  N N   . GLU B 1 37 ? 3.992   18.117  8.434   1.00 16.95 ? 29   GLU B N   1 
ATOM   805  C CA  . GLU B 1 37 ? 3.003   17.123  8.843   1.00 17.67 ? 29   GLU B CA  1 
ATOM   806  C C   . GLU B 1 37 ? 1.826   17.076  7.872   1.00 16.72 ? 29   GLU B C   1 
ATOM   807  O O   . GLU B 1 37 ? 1.205   16.034  7.715   1.00 16.90 ? 29   GLU B O   1 
ATOM   808  C CB  . GLU B 1 37 ? 2.551   17.311  10.300  1.00 18.24 ? 29   GLU B CB  1 
ATOM   809  C CG  . GLU B 1 37 ? 2.139   16.000  11.014  1.00 21.44 ? 29   GLU B CG  1 
ATOM   810  C CD  . GLU B 1 37 ? 3.277   14.974  11.132  1.00 25.45 ? 29   GLU B CD  1 
ATOM   811  O OE1 . GLU B 1 37 ? 4.469   15.357  11.024  1.00 27.85 ? 29   GLU B OE1 1 
ATOM   812  O OE2 . GLU B 1 37 ? 2.977   13.773  11.337  1.00 27.50 ? 29   GLU B OE2 1 
ATOM   813  N N   . ALA B 1 38 ? 1.545   18.192  7.205   1.00 16.18 ? 30   ALA B N   1 
ATOM   814  C CA  . ALA B 1 38 ? 0.627   18.183  6.063   1.00 15.69 ? 30   ALA B CA  1 
ATOM   815  C C   . ALA B 1 38 ? 1.146   17.242  4.971   1.00 15.41 ? 30   ALA B C   1 
ATOM   816  O O   . ALA B 1 38 ? 0.428   16.326  4.553   1.00 15.31 ? 30   ALA B O   1 
ATOM   817  C CB  . ALA B 1 38 ? 0.425   19.588  5.511   1.00 15.69 ? 30   ALA B CB  1 
ATOM   818  N N   . ILE B 1 39 ? 2.398   17.452  4.549   1.00 14.66 ? 31   ILE B N   1 
ATOM   819  C CA  . ILE B 1 39 ? 3.043   16.613  3.522   1.00 14.53 ? 31   ILE B CA  1 
ATOM   820  C C   . ILE B 1 39 ? 3.132   15.135  3.915   1.00 14.22 ? 31   ILE B C   1 
ATOM   821  O O   . ILE B 1 39 ? 2.829   14.265  3.095   1.00 14.10 ? 31   ILE B O   1 
ATOM   822  C CB  . ILE B 1 39 ? 4.458   17.139  3.104   1.00 14.44 ? 31   ILE B CB  1 
ATOM   823  C CG1 . ILE B 1 39 ? 4.352   18.490  2.387   1.00 14.17 ? 31   ILE B CG1 1 
ATOM   824  C CG2 . ILE B 1 39 ? 5.167   16.132  2.189   1.00 14.21 ? 31   ILE B CG2 1 
ATOM   825  C CD1 . ILE B 1 39 ? 5.668   19.296  2.383   1.00 14.47 ? 31   ILE B CD1 1 
ATOM   826  N N   . THR B 1 40 ? 3.548   14.870  5.158   1.00 14.04 ? 32   THR B N   1 
ATOM   827  C CA  . THR B 1 40 ? 3.644   13.509  5.709   1.00 13.57 ? 32   THR B CA  1 
ATOM   828  C C   . THR B 1 40 ? 2.310   12.783  5.565   1.00 12.90 ? 32   THR B C   1 
ATOM   829  O O   . THR B 1 40 ? 2.252   11.651  5.094   1.00 12.95 ? 32   THR B O   1 
ATOM   830  C CB  . THR B 1 40 ? 4.058   13.528  7.213   1.00 13.69 ? 32   THR B CB  1 
ATOM   831  O OG1 . THR B 1 40 ? 5.332   14.162  7.355   1.00 14.82 ? 32   THR B OG1 1 
ATOM   832  C CG2 . THR B 1 40 ? 4.161   12.125  7.779   1.00 14.22 ? 32   THR B CG2 1 
ATOM   833  N N   . ASN B 1 41 ? 1.241   13.458  5.972   1.00 12.20 ? 33   ASN B N   1 
ATOM   834  C CA  . ASN B 1 41 ? -0.104  12.910  5.901   1.00 11.50 ? 33   ASN B CA  1 
ATOM   835  C C   . ASN B 1 41 ? -0.680  12.793  4.497   1.00 11.01 ? 33   ASN B C   1 
ATOM   836  O O   . ASN B 1 41 ? -1.395  11.833  4.208   1.00 10.56 ? 33   ASN B O   1 
ATOM   837  C CB  . ASN B 1 41 ? -1.032  13.707  6.811   1.00 11.46 ? 33   ASN B CB  1 
ATOM   838  C CG  . ASN B 1 41 ? -0.873  13.322  8.256   1.00 11.19 ? 33   ASN B CG  1 
ATOM   839  O OD1 . ASN B 1 41 ? -1.291  12.240  8.665   1.00 10.35 ? 33   ASN B OD1 1 
ATOM   840  N ND2 . ASN B 1 41 ? -0.253  14.196  9.038   1.00 10.10 ? 33   ASN B ND2 1 
ATOM   841  N N   . TYR B 1 42 ? -0.378  13.767  3.634   1.00 11.13 ? 34   TYR B N   1 
ATOM   842  C CA  . TYR B 1 42 ? -0.757  13.683  2.213   1.00 11.14 ? 34   TYR B CA  1 
ATOM   843  C C   . TYR B 1 42 ? -0.094  12.460  1.560   1.00 11.11 ? 34   TYR B C   1 
ATOM   844  O O   . TYR B 1 42 ? -0.744  11.733  0.812   1.00 10.96 ? 34   TYR B O   1 
ATOM   845  C CB  . TYR B 1 42 ? -0.358  14.945  1.436   1.00 11.10 ? 34   TYR B CB  1 
ATOM   846  C CG  . TYR B 1 42 ? -1.269  16.145  1.578   1.00 11.35 ? 34   TYR B CG  1 
ATOM   847  C CD1 . TYR B 1 42 ? -2.626  16.067  1.261   1.00 10.88 ? 34   TYR B CD1 1 
ATOM   848  C CD2 . TYR B 1 42 ? -0.761  17.379  1.996   1.00 11.68 ? 34   TYR B CD2 1 
ATOM   849  C CE1 . TYR B 1 42 ? -3.457  17.177  1.383   1.00 11.54 ? 34   TYR B CE1 1 
ATOM   850  C CE2 . TYR B 1 42 ? -1.588  18.500  2.125   1.00 11.93 ? 34   TYR B CE2 1 
ATOM   851  C CZ  . TYR B 1 42 ? -2.932  18.387  1.811   1.00 11.28 ? 34   TYR B CZ  1 
ATOM   852  O OH  . TYR B 1 42 ? -3.753  19.479  1.927   1.00 11.64 ? 34   TYR B OH  1 
ATOM   853  N N   . LYS B 1 43 ? 1.190   12.243  1.852   1.00 11.20 ? 35   LYS B N   1 
ATOM   854  C CA  . LYS B 1 43 ? 1.935   11.095  1.309   1.00 11.75 ? 35   LYS B CA  1 
ATOM   855  C C   . LYS B 1 43 ? 1.393   9.741   1.793   1.00 11.36 ? 35   LYS B C   1 
ATOM   856  O O   . LYS B 1 43 ? 1.389   8.781   1.031   1.00 10.79 ? 35   LYS B O   1 
ATOM   857  C CB  . LYS B 1 43 ? 3.439   11.213  1.601   1.00 11.50 ? 35   LYS B CB  1 
ATOM   858  C CG  . LYS B 1 43 ? 4.141   12.309  0.807   1.00 12.51 ? 35   LYS B CG  1 
ATOM   859  C CD  . LYS B 1 43 ? 5.659   12.352  1.054   1.00 13.23 ? 35   LYS B CD  1 
ATOM   860  C CE  . LYS B 1 43 ? 6.336   13.251  0.015   1.00 15.72 ? 35   LYS B CE  1 
ATOM   861  N NZ  . LYS B 1 43 ? 7.832   13.190  0.051   1.00 18.09 ? 35   LYS B NZ  1 
ATOM   862  N N   . LYS B 1 44 ? 0.942   9.685   3.051   1.00 11.52 ? 36   LYS B N   1 
ATOM   863  C CA  . LYS B 1 44 ? 0.318   8.486   3.635   1.00 12.04 ? 36   LYS B CA  1 
ATOM   864  C C   . LYS B 1 44 ? -1.007  8.152   2.956   1.00 11.74 ? 36   LYS B C   1 
ATOM   865  O O   . LYS B 1 44 ? -1.302  6.983   2.691   1.00 12.07 ? 36   LYS B O   1 
ATOM   866  C CB  . LYS B 1 44 ? 0.063   8.664   5.141   1.00 12.24 ? 36   LYS B CB  1 
ATOM   867  C CG  . LYS B 1 44 ? 1.291   8.879   6.026   1.00 14.31 ? 36   LYS B CG  1 
ATOM   868  C CD  . LYS B 1 44 ? 1.903   7.581   6.473   1.00 17.59 ? 36   LYS B CD  1 
ATOM   869  C CE  . LYS B 1 44 ? 3.036   7.821   7.477   1.00 19.48 ? 36   LYS B CE  1 
ATOM   870  N NZ  . LYS B 1 44 ? 3.981   6.665   7.450   1.00 19.58 ? 36   LYS B NZ  1 
ATOM   871  N N   . ALA B 1 45 ? -1.814  9.179   2.712   1.00 11.29 ? 37   ALA B N   1 
ATOM   872  C CA  . ALA B 1 45 ? -3.069  9.034   1.968   1.00 11.19 ? 37   ALA B CA  1 
ATOM   873  C C   . ALA B 1 45 ? -2.808  8.486   0.563   1.00 11.04 ? 37   ALA B C   1 
ATOM   874  O O   . ALA B 1 45 ? -3.442  7.513   0.145   1.00 10.85 ? 37   ALA B O   1 
ATOM   875  C CB  . ALA B 1 45 ? -3.804  10.368  1.904   1.00 10.81 ? 37   ALA B CB  1 
ATOM   876  N N   . ILE B 1 46 ? -1.856  9.102   -0.142  1.00 11.01 ? 38   ILE B N   1 
ATOM   877  C CA  . ILE B 1 46 ? -1.463  8.683   -1.496  1.00 11.27 ? 38   ILE B CA  1 
ATOM   878  C C   . ILE B 1 46 ? -1.100  7.200   -1.504  1.00 11.36 ? 38   ILE B C   1 
ATOM   879  O O   . ILE B 1 46 ? -1.594  6.429   -2.332  1.00 10.64 ? 38   ILE B O   1 
ATOM   880  C CB  . ILE B 1 46 ? -0.280  9.537   -2.041  1.00 11.26 ? 38   ILE B CB  1 
ATOM   881  C CG1 . ILE B 1 46 ? -0.752  10.961  -2.340  1.00 11.60 ? 38   ILE B CG1 1 
ATOM   882  C CG2 . ILE B 1 46 ? 0.370   8.884   -3.296  1.00 11.08 ? 38   ILE B CG2 1 
ATOM   883  C CD1 . ILE B 1 46 ? 0.365   11.983  -2.465  1.00 12.16 ? 38   ILE B CD1 1 
ATOM   884  N N   . GLU B 1 47 ? -0.256  6.817   -0.548  1.00 11.73 ? 39   GLU B N   1 
ATOM   885  C CA  . GLU B 1 47 ? 0.184   5.445   -0.401  1.00 12.14 ? 39   GLU B CA  1 
ATOM   886  C C   . GLU B 1 47 ? -0.979  4.449   -0.248  1.00 11.60 ? 39   GLU B C   1 
ATOM   887  O O   . GLU B 1 47 ? -1.005  3.420   -0.915  1.00 11.69 ? 39   GLU B O   1 
ATOM   888  C CB  . GLU B 1 47 ? 1.141   5.339   0.784   1.00 12.41 ? 39   GLU B CB  1 
ATOM   889  C CG  . GLU B 1 47 ? 1.727   3.961   0.940   1.00 14.96 ? 39   GLU B CG  1 
ATOM   890  C CD  . GLU B 1 47 ? 2.685   3.849   2.106   1.00 18.99 ? 39   GLU B CD  1 
ATOM   891  O OE1 . GLU B 1 47 ? 2.715   4.768   2.968   1.00 18.93 ? 39   GLU B OE1 1 
ATOM   892  O OE2 . GLU B 1 47 ? 3.410   2.829   2.146   1.00 19.55 ? 39   GLU B OE2 1 
ATOM   893  N N   . VAL B 1 48 ? -1.918  4.749   0.643   1.00 11.25 ? 40   VAL B N   1 
ATOM   894  C CA  . VAL B 1 48 ? -3.096  3.895   0.833   1.00 11.29 ? 40   VAL B CA  1 
ATOM   895  C C   . VAL B 1 48 ? -3.984  3.919   -0.424  1.00 10.97 ? 40   VAL B C   1 
ATOM   896  O O   . VAL B 1 48 ? -4.531  2.887   -0.812  1.00 10.76 ? 40   VAL B O   1 
ATOM   897  C CB  . VAL B 1 48 ? -3.914  4.278   2.102   1.00 11.31 ? 40   VAL B CB  1 
ATOM   898  C CG1 . VAL B 1 48 ? -5.104  3.347   2.286   1.00 11.41 ? 40   VAL B CG1 1 
ATOM   899  C CG2 . VAL B 1 48 ? -3.037  4.238   3.360   1.00 11.24 ? 40   VAL B CG2 1 
ATOM   900  N N   . LEU B 1 49 ? -4.102  5.090   -1.058  1.00 10.92 ? 41   LEU B N   1 
ATOM   901  C CA  . LEU B 1 49 ? -4.918  5.237   -2.267  1.00 11.14 ? 41   LEU B CA  1 
ATOM   902  C C   . LEU B 1 49 ? -4.312  4.504   -3.468  1.00 11.48 ? 41   LEU B C   1 
ATOM   903  O O   . LEU B 1 49 ? -5.038  3.993   -4.318  1.00 11.32 ? 41   LEU B O   1 
ATOM   904  C CB  . LEU B 1 49 ? -5.171  6.719   -2.603  1.00 11.03 ? 41   LEU B CB  1 
ATOM   905  C CG  . LEU B 1 49 ? -6.156  7.553   -1.767  1.00 10.84 ? 41   LEU B CG  1 
ATOM   906  C CD1 . LEU B 1 49 ? -6.179  8.992   -2.266  1.00 11.32 ? 41   LEU B CD1 1 
ATOM   907  C CD2 . LEU B 1 49 ? -7.571  6.967   -1.756  1.00 10.25 ? 41   LEU B CD2 1 
ATOM   908  N N   . ALA B 1 50 ? -2.984  4.451   -3.525  1.00 11.91 ? 42   ALA B N   1 
ATOM   909  C CA  . ALA B 1 50 ? -2.287  3.705   -4.574  1.00 12.60 ? 42   ALA B CA  1 
ATOM   910  C C   . ALA B 1 50 ? -2.520  2.206   -4.389  1.00 12.88 ? 42   ALA B C   1 
ATOM   911  O O   . ALA B 1 50 ? -2.654  1.468   -5.368  1.00 13.25 ? 42   ALA B O   1 
ATOM   912  C CB  . ALA B 1 50 ? -0.785  4.043   -4.577  1.00 12.38 ? 42   ALA B CB  1 
ATOM   913  N N   . GLN B 1 51 ? -2.585  1.771   -3.130  1.00 12.88 ? 43   GLN B N   1 
ATOM   914  C CA  . GLN B 1 51 ? -2.903  0.380   -2.797  1.00 13.50 ? 43   GLN B CA  1 
ATOM   915  C C   . GLN B 1 51 ? -4.313  0.008   -3.272  1.00 13.38 ? 43   GLN B C   1 
ATOM   916  O O   . GLN B 1 51 ? -4.516  -1.054  -3.862  1.00 13.20 ? 43   GLN B O   1 
ATOM   917  C CB  . GLN B 1 51 ? -2.749  0.133   -1.288  1.00 13.42 ? 43   GLN B CB  1 
ATOM   918  C CG  . GLN B 1 51 ? -3.089  -1.286  -0.829  1.00 15.00 ? 43   GLN B CG  1 
ATOM   919  C CD  . GLN B 1 51 ? -2.027  -2.304  -1.207  1.00 17.53 ? 43   GLN B CD  1 
ATOM   920  O OE1 . GLN B 1 51 ? -0.885  -2.233  -0.738  1.00 19.38 ? 43   GLN B OE1 1 
ATOM   921  N NE2 . GLN B 1 51 ? -2.398  -3.266  -2.054  1.00 17.29 ? 43   GLN B NE2 1 
ATOM   922  N N   . LEU B 1 52 ? -5.266  0.901   -3.007  1.00 13.71 ? 44   LEU B N   1 
ATOM   923  C CA  . LEU B 1 52 ? -6.651  0.773   -3.451  1.00 13.70 ? 44   LEU B CA  1 
ATOM   924  C C   . LEU B 1 52 ? -6.789  0.698   -4.969  1.00 14.03 ? 44   LEU B C   1 
ATOM   925  O O   . LEU B 1 52 ? -7.599  -0.073  -5.480  1.00 14.20 ? 44   LEU B O   1 
ATOM   926  C CB  . LEU B 1 52 ? -7.492  1.938   -2.899  1.00 13.64 ? 44   LEU B CB  1 
ATOM   927  C CG  . LEU B 1 52 ? -7.979  1.801   -1.452  1.00 12.81 ? 44   LEU B CG  1 
ATOM   928  C CD1 . LEU B 1 52 ? -8.426  3.137   -0.894  1.00 12.44 ? 44   LEU B CD1 1 
ATOM   929  C CD2 . LEU B 1 52 ? -9.092  0.758   -1.344  1.00 12.06 ? 44   LEU B CD2 1 
ATOM   930  N N   . VAL B 1 53 ? -6.004  1.501   -5.681  1.00 14.47 ? 45   VAL B N   1 
ATOM   931  C CA  . VAL B 1 53 ? -5.902  1.399   -7.135  1.00 14.99 ? 45   VAL B CA  1 
ATOM   932  C C   . VAL B 1 53 ? -5.401  0.006   -7.557  1.00 15.75 ? 45   VAL B C   1 
ATOM   933  O O   . VAL B 1 53 ? -6.011  -0.623  -8.418  1.00 16.12 ? 45   VAL B O   1 
ATOM   934  C CB  . VAL B 1 53 ? -5.019  2.525   -7.738  1.00 15.09 ? 45   VAL B CB  1 
ATOM   935  C CG1 . VAL B 1 53 ? -4.750  2.287   -9.215  1.00 14.45 ? 45   VAL B CG1 1 
ATOM   936  C CG2 . VAL B 1 53 ? -5.674  3.881   -7.536  1.00 13.92 ? 45   VAL B CG2 1 
ATOM   937  N N   . SER B 1 54 ? -4.325  -0.489  -6.941  1.00 16.16 ? 46   SER B N   1 
ATOM   938  C CA  . SER B 1 54 ? -3.811  -1.827  -7.273  1.00 16.60 ? 46   SER B CA  1 
ATOM   939  C C   . SER B 1 54 ? -4.858  -2.908  -7.035  1.00 16.34 ? 46   SER B C   1 
ATOM   940  O O   . SER B 1 54 ? -5.016  -3.813  -7.847  1.00 16.66 ? 46   SER B O   1 
ATOM   941  C CB  . SER B 1 54 ? -2.545  -2.162  -6.476  1.00 16.62 ? 46   SER B CB  1 
ATOM   942  O OG  . SER B 1 54 ? -1.511  -1.229  -6.730  1.00 18.64 ? 46   SER B OG  1 
ATOM   943  N N   . LEU B 1 55 ? -5.564  -2.807  -5.916  1.00 16.43 ? 47   LEU B N   1 
ATOM   944  C CA  . LEU B 1 55 ? -6.591  -3.779  -5.559  1.00 16.37 ? 47   LEU B CA  1 
ATOM   945  C C   . LEU B 1 55 ? -7.838  -3.729  -6.460  1.00 16.23 ? 47   LEU B C   1 
ATOM   946  O O   . LEU B 1 55 ? -8.381  -4.771  -6.822  1.00 15.96 ? 47   LEU B O   1 
ATOM   947  C CB  . LEU B 1 55 ? -6.995  -3.597  -4.092  1.00 16.67 ? 47   LEU B CB  1 
ATOM   948  C CG  . LEU B 1 55 ? -6.199  -4.267  -2.965  1.00 16.92 ? 47   LEU B CG  1 
ATOM   949  C CD1 . LEU B 1 55 ? -6.642  -3.727  -1.619  1.00 16.59 ? 47   LEU B CD1 1 
ATOM   950  C CD2 . LEU B 1 55 ? -6.383  -5.769  -3.002  1.00 16.62 ? 47   LEU B CD2 1 
ATOM   951  N N   . TYR B 1 56 ? -8.292  -2.523  -6.809  1.00 15.99 ? 48   TYR B N   1 
ATOM   952  C CA  . TYR B 1 56 ? -9.550  -2.353  -7.556  1.00 15.96 ? 48   TYR B CA  1 
ATOM   953  C C   . TYR B 1 56 ? -9.380  -1.466  -8.791  1.00 15.77 ? 48   TYR B C   1 
ATOM   954  O O   . TYR B 1 56 ? -10.236 -0.624  -9.086  1.00 15.86 ? 48   TYR B O   1 
ATOM   955  C CB  . TYR B 1 56 ? -10.655 -1.820  -6.625  1.00 16.08 ? 48   TYR B CB  1 
ATOM   956  C CG  . TYR B 1 56 ? -10.644 -2.498  -5.267  1.00 16.45 ? 48   TYR B CG  1 
ATOM   957  C CD1 . TYR B 1 56 ? -11.198 -3.770  -5.091  1.00 15.81 ? 48   TYR B CD1 1 
ATOM   958  C CD2 . TYR B 1 56 ? -10.036 -1.883  -4.171  1.00 16.46 ? 48   TYR B CD2 1 
ATOM   959  C CE1 . TYR B 1 56 ? -11.165 -4.403  -3.850  1.00 16.48 ? 48   TYR B CE1 1 
ATOM   960  C CE2 . TYR B 1 56 ? -9.992  -2.510  -2.929  1.00 17.33 ? 48   TYR B CE2 1 
ATOM   961  C CZ  . TYR B 1 56 ? -10.561 -3.762  -2.777  1.00 16.49 ? 48   TYR B CZ  1 
ATOM   962  O OH  . TYR B 1 56 ? -10.513 -4.363  -1.546  1.00 16.32 ? 48   TYR B OH  1 
ATOM   963  N N   . ARG B 1 57 ? -8.272  -1.681  -9.506  1.00 15.57 ? 49   ARG B N   1 
ATOM   964  C CA  . ARG B 1 57 ? -7.866  -0.877  -10.675 1.00 15.47 ? 49   ARG B CA  1 
ATOM   965  C C   . ARG B 1 57 ? -8.964  -0.654  -11.710 1.00 14.89 ? 49   ARG B C   1 
ATOM   966  O O   . ARG B 1 57 ? -9.062  0.427   -12.294 1.00 14.75 ? 49   ARG B O   1 
ATOM   967  C CB  . ARG B 1 57 ? -6.659  -1.528  -11.359 1.00 15.32 ? 49   ARG B CB  1 
ATOM   968  C CG  . ARG B 1 57 ? -5.957  -0.643  -12.393 1.00 16.78 ? 49   ARG B CG  1 
ATOM   969  C CD  . ARG B 1 57 ? -4.579  -1.188  -12.785 1.00 16.95 ? 49   ARG B CD  1 
ATOM   970  N NE  . ARG B 1 57 ? -3.596  -1.080  -11.700 1.00 19.28 ? 49   ARG B NE  1 
ATOM   971  C CZ  . ARG B 1 57 ? -2.912  0.026   -11.400 1.00 20.91 ? 49   ARG B CZ  1 
ATOM   972  N NH1 . ARG B 1 57 ? -3.095  1.146   -12.092 1.00 22.17 ? 49   ARG B NH1 1 
ATOM   973  N NH2 . ARG B 1 57 ? -2.042  0.018   -10.396 1.00 21.38 ? 49   ARG B NH2 1 
ATOM   974  N N   . ASP B 1 58 ? -9.788  -1.675  -11.917 1.00 14.31 ? 50   ASP B N   1 
ATOM   975  C CA  . ASP B 1 58 ? -10.742 -1.689  -13.020 1.00 14.39 ? 50   ASP B CA  1 
ATOM   976  C C   . ASP B 1 58 ? -12.175 -1.381  -12.602 1.00 14.05 ? 50   ASP B C   1 
ATOM   977  O O   . ASP B 1 58 ? -13.099 -1.542  -13.399 1.00 14.14 ? 50   ASP B O   1 
ATOM   978  C CB  . ASP B 1 58 ? -10.654 -3.025  -13.760 1.00 14.47 ? 50   ASP B CB  1 
ATOM   979  C CG  . ASP B 1 58 ? -9.286  -3.258  -14.357 1.00 14.81 ? 50   ASP B CG  1 
ATOM   980  O OD1 . ASP B 1 58 ? -8.978  -2.630  -15.384 1.00 17.05 ? 50   ASP B OD1 1 
ATOM   981  O OD2 . ASP B 1 58 ? -8.505  -4.047  -13.793 1.00 15.72 ? 50   ASP B OD2 1 
ATOM   982  N N   . GLY B 1 59 ? -12.346 -0.910  -11.365 1.00 13.80 ? 51   GLY B N   1 
ATOM   983  C CA  . GLY B 1 59 ? -13.659 -0.577  -10.825 1.00 13.56 ? 51   GLY B CA  1 
ATOM   984  C C   . GLY B 1 59 ? -14.055 0.867   -11.057 1.00 13.67 ? 51   GLY B C   1 
ATOM   985  O O   . GLY B 1 59 ? -13.305 1.643   -11.653 1.00 13.99 ? 51   GLY B O   1 
ATOM   986  N N   . SER B 1 60 ? -15.244 1.219   -10.579 1.00 13.74 ? 52   SER B N   1 
ATOM   987  C CA  . SER B 1 60 ? -15.806 2.558   -10.746 1.00 13.58 ? 52   SER B CA  1 
ATOM   988  C C   . SER B 1 60 ? -15.204 3.585   -9.777  1.00 13.34 ? 52   SER B C   1 
ATOM   989  O O   . SER B 1 60 ? -15.174 4.776   -10.081 1.00 13.86 ? 52   SER B O   1 
ATOM   990  C CB  . SER B 1 60 ? -17.322 2.506   -10.569 1.00 13.40 ? 52   SER B CB  1 
ATOM   991  O OG  . SER B 1 60 ? -17.656 1.970   -9.296  1.00 13.57 ? 52   SER B OG  1 
ATOM   992  N N   . THR B 1 61 ? -14.726 3.129   -8.619  1.00 12.88 ? 53   THR B N   1 
ATOM   993  C CA  . THR B 1 61 ? -14.119 4.025   -7.632  1.00 12.41 ? 53   THR B CA  1 
ATOM   994  C C   . THR B 1 61 ? -12.692 4.450   -8.003  1.00 12.50 ? 53   THR B C   1 
ATOM   995  O O   . THR B 1 61 ? -12.203 5.468   -7.509  1.00 12.34 ? 53   THR B O   1 
ATOM   996  C CB  . THR B 1 61 ? -14.119 3.414   -6.206  1.00 12.43 ? 53   THR B CB  1 
ATOM   997  O OG1 . THR B 1 61 ? -15.221 2.512   -6.060  1.00 11.50 ? 53   THR B OG1 1 
ATOM   998  C CG2 . THR B 1 61 ? -14.235 4.517   -5.144  1.00 11.99 ? 53   THR B CG2 1 
ATOM   999  N N   . ALA B 1 62 ? -12.037 3.675   -8.872  1.00 12.52 ? 54   ALA B N   1 
ATOM   1000 C CA  . ALA B 1 62 ? -10.624 3.895   -9.224  1.00 13.03 ? 54   ALA B CA  1 
ATOM   1001 C C   . ALA B 1 62 ? -10.321 5.308   -9.731  1.00 13.05 ? 54   ALA B C   1 
ATOM   1002 O O   . ALA B 1 62 ? -9.262  5.853   -9.435  1.00 13.14 ? 54   ALA B O   1 
ATOM   1003 C CB  . ALA B 1 62 ? -10.144 2.851   -10.233 1.00 13.08 ? 54   ALA B CB  1 
ATOM   1004 N N   . ALA B 1 63 ? -11.259 5.895   -10.474 1.00 12.97 ? 55   ALA B N   1 
ATOM   1005 C CA  . ALA B 1 63 ? -11.098 7.241   -11.037 1.00 13.23 ? 55   ALA B CA  1 
ATOM   1006 C C   . ALA B 1 63 ? -10.983 8.329   -9.967  1.00 13.22 ? 55   ALA B C   1 
ATOM   1007 O O   . ALA B 1 63 ? -10.183 9.255   -10.109 1.00 13.48 ? 55   ALA B O   1 
ATOM   1008 C CB  . ALA B 1 63 ? -12.250 7.564   -12.009 1.00 13.08 ? 55   ALA B CB  1 
ATOM   1009 N N   . ILE B 1 64 ? -11.778 8.225   -8.904  1.00 13.42 ? 56   ILE B N   1 
ATOM   1010 C CA  . ILE B 1 64 ? -11.674 9.184   -7.802  1.00 13.74 ? 56   ILE B CA  1 
ATOM   1011 C C   . ILE B 1 64 ? -10.437 8.951   -6.922  1.00 13.63 ? 56   ILE B C   1 
ATOM   1012 O O   . ILE B 1 64 ? -9.860  9.906   -6.395  1.00 13.76 ? 56   ILE B O   1 
ATOM   1013 C CB  . ILE B 1 64 ? -13.012 9.335   -6.972  1.00 14.34 ? 56   ILE B CB  1 
ATOM   1014 C CG1 . ILE B 1 64 ? -12.991 10.595  -6.089  1.00 15.27 ? 56   ILE B CG1 1 
ATOM   1015 C CG2 . ILE B 1 64 ? -13.318 8.107   -6.129  1.00 13.50 ? 56   ILE B CG2 1 
ATOM   1016 C CD1 . ILE B 1 64 ? -12.867 11.906  -6.867  1.00 16.86 ? 56   ILE B CD1 1 
ATOM   1017 N N   . TYR B 1 65 ? -10.006 7.696   -6.794  1.00 13.52 ? 57   TYR B N   1 
ATOM   1018 C CA  . TYR B 1 65 ? -8.732  7.405   -6.110  1.00 13.65 ? 57   TYR B CA  1 
ATOM   1019 C C   . TYR B 1 65 ? -7.600  8.136   -6.826  1.00 13.76 ? 57   TYR B C   1 
ATOM   1020 O O   . TYR B 1 65 ? -6.783  8.806   -6.202  1.00 13.39 ? 57   TYR B O   1 
ATOM   1021 C CB  . TYR B 1 65 ? -8.397  5.905   -6.103  1.00 13.38 ? 57   TYR B CB  1 
ATOM   1022 C CG  . TYR B 1 65 ? -9.346  4.966   -5.381  1.00 12.48 ? 57   TYR B CG  1 
ATOM   1023 C CD1 . TYR B 1 65 ? -10.131 5.393   -4.309  1.00 12.42 ? 57   TYR B CD1 1 
ATOM   1024 C CD2 . TYR B 1 65 ? -9.406  3.619   -5.747  1.00 11.68 ? 57   TYR B CD2 1 
ATOM   1025 C CE1 . TYR B 1 65 ? -10.986 4.502   -3.644  1.00 12.56 ? 57   TYR B CE1 1 
ATOM   1026 C CE2 . TYR B 1 65 ? -10.242 2.727   -5.097  1.00 11.36 ? 57   TYR B CE2 1 
ATOM   1027 C CZ  . TYR B 1 65 ? -11.032 3.170   -4.050  1.00 12.51 ? 57   TYR B CZ  1 
ATOM   1028 O OH  . TYR B 1 65 ? -11.866 2.274   -3.416  1.00 13.10 ? 57   TYR B OH  1 
ATOM   1029 N N   . GLU B 1 66 ? -7.579  8.001   -8.151  1.00 14.23 ? 58   GLU B N   1 
ATOM   1030 C CA  . GLU B 1 66 ? -6.519  8.554   -8.989  1.00 14.95 ? 58   GLU B CA  1 
ATOM   1031 C C   . GLU B 1 66 ? -6.562  10.082  -9.042  1.00 14.49 ? 58   GLU B C   1 
ATOM   1032 O O   . GLU B 1 66 ? -5.522  10.740  -8.968  1.00 14.40 ? 58   GLU B O   1 
ATOM   1033 C CB  . GLU B 1 66 ? -6.571  7.916   -10.388 1.00 14.97 ? 58   GLU B CB  1 
ATOM   1034 C CG  . GLU B 1 66 ? -6.246  6.414   -10.358 1.00 15.93 ? 58   GLU B CG  1 
ATOM   1035 C CD  . GLU B 1 66 ? -6.747  5.631   -11.567 1.00 17.18 ? 58   GLU B CD  1 
ATOM   1036 O OE1 . GLU B 1 66 ? -6.926  6.226   -12.663 1.00 20.91 ? 58   GLU B OE1 1 
ATOM   1037 O OE2 . GLU B 1 66 ? -6.950  4.398   -11.422 1.00 18.66 ? 58   GLU B OE2 1 
ATOM   1038 N N   . GLN B 1 67 ? -7.767  10.639  -9.151  1.00 14.32 ? 59   GLN B N   1 
ATOM   1039 C CA  . GLN B 1 67 ? -7.967  12.082  -9.056  1.00 14.14 ? 59   GLN B CA  1 
ATOM   1040 C C   . GLN B 1 67 ? -7.395  12.640  -7.757  1.00 13.63 ? 59   GLN B C   1 
ATOM   1041 O O   . GLN B 1 67 ? -6.667  13.633  -7.761  1.00 13.55 ? 59   GLN B O   1 
ATOM   1042 C CB  . GLN B 1 67 ? -9.457  12.441  -9.156  1.00 14.23 ? 59   GLN B CB  1 
ATOM   1043 C CG  . GLN B 1 67 ? -9.735  13.949  -9.109  1.00 14.28 ? 59   GLN B CG  1 
ATOM   1044 C CD  . GLN B 1 67 ? -11.214 14.282  -8.972  1.00 14.75 ? 59   GLN B CD  1 
ATOM   1045 O OE1 . GLN B 1 67 ? -12.052 13.751  -9.706  1.00 17.01 ? 59   GLN B OE1 1 
ATOM   1046 N NE2 . GLN B 1 67 ? -11.542 15.162  -8.027  1.00 12.83 ? 59   GLN B NE2 1 
ATOM   1047 N N   . MET B 1 68 ? -7.726  11.997  -6.646  1.00 13.44 ? 60   MET B N   1 
ATOM   1048 C CA  . MET B 1 68 ? -7.290  12.482  -5.340  1.00 13.00 ? 60   MET B CA  1 
ATOM   1049 C C   . MET B 1 68 ? -5.790  12.304  -5.092  1.00 12.66 ? 60   MET B C   1 
ATOM   1050 O O   . MET B 1 68 ? -5.168  13.160  -4.474  1.00 12.64 ? 60   MET B O   1 
ATOM   1051 C CB  . MET B 1 68 ? -8.147  11.895  -4.217  1.00 12.80 ? 60   MET B CB  1 
ATOM   1052 C CG  . MET B 1 68 ? -9.627  12.310  -4.279  1.00 13.30 ? 60   MET B CG  1 
ATOM   1053 S SD  . MET B 1 68 ? -9.948  14.070  -4.578  1.00 13.69 ? 60   MET B SD  1 
ATOM   1054 C CE  . MET B 1 68 ? -9.338  14.794  -3.057  1.00 12.67 ? 60   MET B CE  1 
ATOM   1055 N N   . ILE B 1 69 ? -5.212  11.215  -5.595  1.00 12.52 ? 61   ILE B N   1 
ATOM   1056 C CA  . ILE B 1 69 ? -3.752  11.030  -5.573  1.00 12.45 ? 61   ILE B CA  1 
ATOM   1057 C C   . ILE B 1 69 ? -3.052  12.221  -6.236  1.00 12.96 ? 61   ILE B C   1 
ATOM   1058 O O   . ILE B 1 69 ? -2.132  12.809  -5.663  1.00 12.70 ? 61   ILE B O   1 
ATOM   1059 C CB  . ILE B 1 69 ? -3.311  9.691   -6.244  1.00 12.45 ? 61   ILE B CB  1 
ATOM   1060 C CG1 . ILE B 1 69 ? -3.545  8.510   -5.299  1.00 12.11 ? 61   ILE B CG1 1 
ATOM   1061 C CG2 . ILE B 1 69 ? -1.822  9.730   -6.678  1.00 11.69 ? 61   ILE B CG2 1 
ATOM   1062 C CD1 . ILE B 1 69 ? -3.379  7.141   -5.949  1.00 12.01 ? 61   ILE B CD1 1 
ATOM   1063 N N   . ASN B 1 70 ? -3.513  12.588  -7.430  1.00 13.46 ? 62   ASN B N   1 
ATOM   1064 C CA  . ASN B 1 70 ? -2.920  13.699  -8.176  1.00 14.15 ? 62   ASN B CA  1 
ATOM   1065 C C   . ASN B 1 70 ? -3.123  15.059  -7.503  1.00 14.02 ? 62   ASN B C   1 
ATOM   1066 O O   . ASN B 1 70 ? -2.209  15.876  -7.488  1.00 14.10 ? 62   ASN B O   1 
ATOM   1067 C CB  . ASN B 1 70 ? -3.422  13.707  -9.625  1.00 14.25 ? 62   ASN B CB  1 
ATOM   1068 C CG  . ASN B 1 70 ? -2.945  12.499  -10.412 1.00 16.09 ? 62   ASN B CG  1 
ATOM   1069 O OD1 . ASN B 1 70 ? -1.797  12.055  -10.269 1.00 18.67 ? 62   ASN B OD1 1 
ATOM   1070 N ND2 . ASN B 1 70 ? -3.822  11.957  -11.253 1.00 17.72 ? 62   ASN B ND2 1 
ATOM   1071 N N   . GLU B 1 71 ? -4.305  15.283  -6.930  1.00 13.98 ? 63   GLU B N   1 
ATOM   1072 C CA  . GLU B 1 71 ? -4.571  16.502  -6.160  1.00 14.31 ? 63   GLU B CA  1 
ATOM   1073 C C   . GLU B 1 71 ? -3.605  16.643  -4.988  1.00 14.29 ? 63   GLU B C   1 
ATOM   1074 O O   . GLU B 1 71 ? -3.062  17.723  -4.753  1.00 14.14 ? 63   GLU B O   1 
ATOM   1075 C CB  . GLU B 1 71 ? -6.020  16.536  -5.648  1.00 14.29 ? 63   GLU B CB  1 
ATOM   1076 C CG  . GLU B 1 71 ? -7.065  16.804  -6.738  1.00 14.91 ? 63   GLU B CG  1 
ATOM   1077 C CD  . GLU B 1 71 ? -8.456  17.109  -6.187  1.00 14.86 ? 63   GLU B CD  1 
ATOM   1078 O OE1 . GLU B 1 71 ? -8.596  17.430  -4.984  1.00 16.03 ? 63   GLU B OE1 1 
ATOM   1079 O OE2 . GLU B 1 71 ? -9.419  17.031  -6.974  1.00 15.46 ? 63   GLU B OE2 1 
ATOM   1080 N N   . TYR B 1 72 ? -3.402  15.544  -4.260  1.00 14.51 ? 64   TYR B N   1 
ATOM   1081 C CA  . TYR B 1 72 ? -2.522  15.533  -3.095  1.00 14.79 ? 64   TYR B CA  1 
ATOM   1082 C C   . TYR B 1 72 ? -1.058  15.694  -3.493  1.00 15.36 ? 64   TYR B C   1 
ATOM   1083 O O   . TYR B 1 72 ? -0.310  16.410  -2.824  1.00 15.42 ? 64   TYR B O   1 
ATOM   1084 C CB  . TYR B 1 72 ? -2.730  14.258  -2.266  1.00 14.45 ? 64   TYR B CB  1 
ATOM   1085 C CG  . TYR B 1 72 ? -4.117  14.118  -1.678  1.00 13.91 ? 64   TYR B CG  1 
ATOM   1086 C CD1 . TYR B 1 72 ? -4.875  15.245  -1.345  1.00 12.71 ? 64   TYR B CD1 1 
ATOM   1087 C CD2 . TYR B 1 72 ? -4.669  12.857  -1.441  1.00 13.84 ? 64   TYR B CD2 1 
ATOM   1088 C CE1 . TYR B 1 72 ? -6.142  15.114  -0.801  1.00 13.62 ? 64   TYR B CE1 1 
ATOM   1089 C CE2 . TYR B 1 72 ? -5.941  12.719  -0.899  1.00 13.47 ? 64   TYR B CE2 1 
ATOM   1090 C CZ  . TYR B 1 72 ? -6.670  13.850  -0.579  1.00 13.31 ? 64   TYR B CZ  1 
ATOM   1091 O OH  . TYR B 1 72 ? -7.933  13.725  -0.048  1.00 13.19 ? 64   TYR B OH  1 
ATOM   1092 N N   . LYS B 1 73 ? -0.670  15.039  -4.590  1.00 16.01 ? 65   LYS B N   1 
ATOM   1093 C CA  . LYS B 1 73 ? 0.675   15.168  -5.151  1.00 17.15 ? 65   LYS B CA  1 
ATOM   1094 C C   . LYS B 1 73 ? 0.976   16.600  -5.572  1.00 17.67 ? 65   LYS B C   1 
ATOM   1095 O O   . LYS B 1 73 ? 2.109   17.064  -5.425  1.00 17.55 ? 65   LYS B O   1 
ATOM   1096 C CB  . LYS B 1 73 ? 0.871   14.236  -6.354  1.00 17.22 ? 65   LYS B CB  1 
ATOM   1097 C CG  . LYS B 1 73 ? 1.133   12.788  -5.998  1.00 17.76 ? 65   LYS B CG  1 
ATOM   1098 C CD  . LYS B 1 73 ? 1.429   11.974  -7.247  1.00 19.00 ? 65   LYS B CD  1 
ATOM   1099 C CE  . LYS B 1 73 ? 1.758   10.536  -6.901  1.00 18.66 ? 65   LYS B CE  1 
ATOM   1100 N NZ  . LYS B 1 73 ? 1.936   9.732   -8.143  1.00 21.39 ? 65   LYS B NZ  1 
ATOM   1101 N N   . ARG B 1 74 ? -0.041  17.287  -6.097  1.00 18.35 ? 66   ARG B N   1 
ATOM   1102 C CA  . ARG B 1 74 ? 0.102   18.672  -6.549  1.00 19.34 ? 66   ARG B CA  1 
ATOM   1103 C C   . ARG B 1 74 ? 0.288   19.637  -5.375  1.00 19.24 ? 66   ARG B C   1 
ATOM   1104 O O   . ARG B 1 74 ? 1.045   20.608  -5.466  1.00 19.47 ? 66   ARG B O   1 
ATOM   1105 C CB  . ARG B 1 74 ? -1.089  19.093  -7.427  1.00 19.14 ? 66   ARG B CB  1 
ATOM   1106 C CG  . ARG B 1 74 ? -1.072  18.485  -8.843  1.00 20.64 ? 66   ARG B CG  1 
ATOM   1107 C CD  . ARG B 1 74 ? -2.066  19.169  -9.798  1.00 21.08 ? 66   ARG B CD  1 
ATOM   1108 N NE  . ARG B 1 74 ? -3.308  18.412  -9.995  1.00 24.54 ? 66   ARG B NE  1 
ATOM   1109 C CZ  . ARG B 1 74 ? -4.469  18.673  -9.388  1.00 26.13 ? 66   ARG B CZ  1 
ATOM   1110 N NH1 . ARG B 1 74 ? -4.583  19.679  -8.522  1.00 26.68 ? 66   ARG B NH1 1 
ATOM   1111 N NH2 . ARG B 1 74 ? -5.528  17.921  -9.647  1.00 26.98 ? 66   ARG B NH2 1 
ATOM   1112 N N   . ARG B 1 75 ? -0.398  19.359  -4.270  1.00 19.37 ? 67   ARG B N   1 
ATOM   1113 C CA  . ARG B 1 75 ? -0.339  20.225  -3.095  1.00 19.46 ? 67   ARG B CA  1 
ATOM   1114 C C   . ARG B 1 75 ? 0.978   20.041  -2.335  1.00 19.60 ? 67   ARG B C   1 
ATOM   1115 O O   . ARG B 1 75 ? 1.541   21.009  -1.823  1.00 19.79 ? 67   ARG B O   1 
ATOM   1116 C CB  . ARG B 1 75 ? -1.548  19.983  -2.180  1.00 19.31 ? 67   ARG B CB  1 
ATOM   1117 C CG  . ARG B 1 75 ? -1.602  20.876  -0.941  1.00 18.65 ? 67   ARG B CG  1 
ATOM   1118 C CD  . ARG B 1 75 ? -1.920  22.324  -1.285  1.00 17.12 ? 67   ARG B CD  1 
ATOM   1119 N NE  . ARG B 1 75 ? -1.876  23.176  -0.100  1.00 15.85 ? 67   ARG B NE  1 
ATOM   1120 C CZ  . ARG B 1 75 ? -1.889  24.507  -0.121  1.00 15.31 ? 67   ARG B CZ  1 
ATOM   1121 N NH1 . ARG B 1 75 ? -1.945  25.167  -1.269  1.00 14.22 ? 67   ARG B NH1 1 
ATOM   1122 N NH2 . ARG B 1 75 ? -1.836  25.179  1.016   1.00 15.41 ? 67   ARG B NH2 1 
ATOM   1123 N N   . ILE B 1 76 ? 1.453   18.797  -2.269  1.00 19.70 ? 68   ILE B N   1 
ATOM   1124 C CA  . ILE B 1 76 ? 2.770   18.491  -1.707  1.00 19.76 ? 68   ILE B CA  1 
ATOM   1125 C C   . ILE B 1 76 ? 3.857   19.314  -2.391  1.00 19.89 ? 68   ILE B C   1 
ATOM   1126 O O   . ILE B 1 76 ? 4.721   19.873  -1.722  1.00 19.98 ? 68   ILE B O   1 
ATOM   1127 C CB  . ILE B 1 76 ? 3.105   16.978  -1.812  1.00 19.54 ? 68   ILE B CB  1 
ATOM   1128 C CG1 . ILE B 1 76 ? 2.303   16.176  -0.779  1.00 19.03 ? 68   ILE B CG1 1 
ATOM   1129 C CG2 . ILE B 1 76 ? 4.607   16.721  -1.621  1.00 19.80 ? 68   ILE B CG2 1 
ATOM   1130 C CD1 . ILE B 1 76 ? 2.270   14.687  -1.060  1.00 16.95 ? 68   ILE B CD1 1 
ATOM   1131 N N   . GLU B 1 77 ? 3.800   19.394  -3.719  1.00 20.01 ? 69   GLU B N   1 
ATOM   1132 C CA  . GLU B 1 77 ? 4.789   20.143  -4.490  1.00 20.05 ? 69   GLU B CA  1 
ATOM   1133 C C   . GLU B 1 77 ? 4.784   21.637  -4.176  1.00 19.96 ? 69   GLU B C   1 
ATOM   1134 O O   . GLU B 1 77 ? 5.838   22.261  -4.116  1.00 20.09 ? 69   GLU B O   1 
ATOM   1135 C CB  . GLU B 1 77 ? 4.621   19.881  -5.991  1.00 20.23 ? 69   GLU B CB  1 
ATOM   1136 C CG  . GLU B 1 77 ? 4.988   18.449  -6.400  1.00 20.95 ? 69   GLU B CG  1 
ATOM   1137 C CD  . GLU B 1 77 ? 6.315   17.984  -5.796  1.00 21.90 ? 69   GLU B CD  1 
ATOM   1138 O OE1 . GLU B 1 77 ? 7.345   18.636  -6.059  1.00 23.35 ? 69   GLU B OE1 1 
ATOM   1139 O OE2 . GLU B 1 77 ? 6.326   16.971  -5.060  1.00 22.00 ? 69   GLU B OE2 1 
ATOM   1140 N N   . VAL B 1 78 ? 3.599   22.203  -3.964  1.00 19.98 ? 70   VAL B N   1 
ATOM   1141 C CA  . VAL B 1 78 ? 3.477   23.594  -3.517  1.00 19.86 ? 70   VAL B CA  1 
ATOM   1142 C C   . VAL B 1 78 ? 4.074   23.745  -2.108  1.00 19.91 ? 70   VAL B C   1 
ATOM   1143 O O   . VAL B 1 78 ? 4.910   24.623  -1.871  1.00 19.86 ? 70   VAL B O   1 
ATOM   1144 C CB  . VAL B 1 78 ? 2.001   24.087  -3.564  1.00 19.81 ? 70   VAL B CB  1 
ATOM   1145 C CG1 . VAL B 1 78 ? 1.847   25.471  -2.927  1.00 19.66 ? 70   VAL B CG1 1 
ATOM   1146 C CG2 . VAL B 1 78 ? 1.483   24.098  -4.999  1.00 19.54 ? 70   VAL B CG2 1 
ATOM   1147 N N   . LEU B 1 79 ? 3.663   22.860  -1.196  1.00 19.79 ? 71   LEU B N   1 
ATOM   1148 C CA  . LEU B 1 79 ? 4.064   22.924  0.217   1.00 19.46 ? 71   LEU B CA  1 
ATOM   1149 C C   . LEU B 1 79 ? 5.548   22.633  0.440   1.00 19.43 ? 71   LEU B C   1 
ATOM   1150 O O   . LEU B 1 79 ? 6.153   23.164  1.370   1.00 19.14 ? 71   LEU B O   1 
ATOM   1151 C CB  . LEU B 1 79 ? 3.208   21.980  1.070   1.00 19.09 ? 71   LEU B CB  1 
ATOM   1152 C CG  . LEU B 1 79 ? 1.724   22.308  1.291   1.00 19.27 ? 71   LEU B CG  1 
ATOM   1153 C CD1 . LEU B 1 79 ? 1.048   21.206  2.082   1.00 17.84 ? 71   LEU B CD1 1 
ATOM   1154 C CD2 . LEU B 1 79 ? 1.529   23.654  1.991   1.00 19.65 ? 71   LEU B CD2 1 
ATOM   1155 N N   . LYS B 1 80 ? 6.113   21.790  -0.422  1.00 19.57 ? 72   LYS B N   1 
ATOM   1156 C CA  . LYS B 1 80 ? 7.531   21.421  -0.395  1.00 20.03 ? 72   LYS B CA  1 
ATOM   1157 C C   . LYS B 1 80 ? 8.467   22.638  -0.414  1.00 20.07 ? 72   LYS B C   1 
ATOM   1158 O O   . LYS B 1 80 ? 9.517   22.628  0.221   1.00 19.99 ? 72   LYS B O   1 
ATOM   1159 C CB  . LYS B 1 80 ? 7.850   20.501  -1.581  1.00 19.80 ? 72   LYS B CB  1 
ATOM   1160 C CG  . LYS B 1 80 ? 9.235   19.869  -1.548  1.00 20.63 ? 72   LYS B CG  1 
ATOM   1161 C CD  . LYS B 1 80 ? 9.438   18.899  -2.699  1.00 20.64 ? 72   LYS B CD  1 
ATOM   1162 C CE  . LYS B 1 80 ? 10.687  18.059  -2.478  1.00 21.98 ? 72   LYS B CE  1 
ATOM   1163 N NZ  . LYS B 1 80 ? 10.832  16.979  -3.488  1.00 20.98 ? 72   LYS B NZ  1 
ATOM   1164 N N   . GLU B 1 81 ? 8.073   23.678  -1.143  1.00 20.36 ? 73   GLU B N   1 
ATOM   1165 C CA  . GLU B 1 81 ? 8.904   24.870  -1.332  1.00 20.64 ? 73   GLU B CA  1 
ATOM   1166 C C   . GLU B 1 81 ? 8.844   25.845  -0.152  1.00 20.49 ? 73   GLU B C   1 
ATOM   1167 O O   . GLU B 1 81 ? 9.577   26.831  -0.112  1.00 20.54 ? 73   GLU B O   1 
ATOM   1168 C CB  . GLU B 1 81 ? 8.535   25.579  -2.644  1.00 20.59 ? 73   GLU B CB  1 
ATOM   1169 C CG  . GLU B 1 81 ? 8.660   24.699  -3.893  1.00 21.94 ? 73   GLU B CG  1 
ATOM   1170 C CD  . GLU B 1 81 ? 10.077  24.168  -4.119  1.00 24.14 ? 73   GLU B CD  1 
ATOM   1171 O OE1 . GLU B 1 81 ? 11.051  24.941  -3.945  1.00 25.38 ? 73   GLU B OE1 1 
ATOM   1172 O OE2 . GLU B 1 81 ? 10.216  22.974  -4.468  1.00 24.18 ? 73   GLU B OE2 1 
ATOM   1173 N N   . LEU B 1 82 ? 7.978   25.563  0.815   1.00 20.48 ? 74   LEU B N   1 
ATOM   1174 C CA  . LEU B 1 82 ? 7.839   26.432  1.980   1.00 20.30 ? 74   LEU B CA  1 
ATOM   1175 C C   . LEU B 1 82 ? 8.782   26.056  3.123   1.00 19.97 ? 74   LEU B C   1 
ATOM   1176 O O   . LEU B 1 82 ? 8.958   26.830  4.062   1.00 20.20 ? 74   LEU B O   1 
ATOM   1177 C CB  . LEU B 1 82 ? 6.381   26.461  2.462   1.00 20.52 ? 74   LEU B CB  1 
ATOM   1178 C CG  . LEU B 1 82 ? 5.304   26.760  1.411   1.00 20.84 ? 74   LEU B CG  1 
ATOM   1179 C CD1 . LEU B 1 82 ? 3.922   26.652  2.031   1.00 21.43 ? 74   LEU B CD1 1 
ATOM   1180 C CD2 . LEU B 1 82 ? 5.508   28.135  0.771   1.00 22.12 ? 74   LEU B CD2 1 
ATOM   1181 N N   . ILE B 1 83 ? 9.384   24.870  3.032   1.00 19.75 ? 75   ILE B N   1 
ATOM   1182 C CA  . ILE B 1 83 ? 10.284  24.354  4.074   1.00 19.49 ? 75   ILE B CA  1 
ATOM   1183 C C   . ILE B 1 83 ? 11.545  23.699  3.503   1.00 19.37 ? 75   ILE B C   1 
ATOM   1184 O O   . ILE B 1 83 ? 11.684  23.553  2.289   1.00 19.58 ? 75   ILE B O   1 
ATOM   1185 C CB  . ILE B 1 83 ? 9.574   23.351  5.034   1.00 19.28 ? 75   ILE B CB  1 
ATOM   1186 C CG1 . ILE B 1 83 ? 8.874   22.229  4.249   1.00 19.34 ? 75   ILE B CG1 1 
ATOM   1187 C CG2 . ILE B 1 83 ? 8.612   24.087  5.961   1.00 19.34 ? 75   ILE B CG2 1 
ATOM   1188 C CD1 . ILE B 1 83 ? 8.593   20.980  5.071   1.00 19.20 ? 75   ILE B CD1 1 
ATOM   1189 N N   . ARG C 2 2  ? 7.035   -9.653  18.126  1.00 19.75 ? 183  ARG C N   1 
ATOM   1190 C CA  . ARG C 2 2  ? 5.842   -10.210 17.416  1.00 19.85 ? 183  ARG C CA  1 
ATOM   1191 C C   . ARG C 2 2  ? 6.253   -10.950 16.143  1.00 20.38 ? 183  ARG C C   1 
ATOM   1192 O O   . ARG C 2 2  ? 7.205   -10.566 15.466  1.00 20.33 ? 183  ARG C O   1 
ATOM   1193 C CB  . ARG C 2 2  ? 4.814   -9.112  17.099  1.00 19.81 ? 183  ARG C CB  1 
ATOM   1194 C CG  . ARG C 2 2  ? 3.576   -9.613  16.347  1.00 18.84 ? 183  ARG C CG  1 
ATOM   1195 C CD  . ARG C 2 2  ? 2.473   -8.565  16.279  1.00 18.47 ? 183  ARG C CD  1 
ATOM   1196 N NE  . ARG C 2 2  ? 1.283   -9.075  15.593  1.00 13.72 ? 183  ARG C NE  1 
ATOM   1197 C CZ  . ARG C 2 2  ? 1.087   -9.025  14.277  1.00 13.08 ? 183  ARG C CZ  1 
ATOM   1198 N NH1 . ARG C 2 2  ? 2.011   -8.496  13.480  1.00 11.11 ? 183  ARG C NH1 1 
ATOM   1199 N NH2 . ARG C 2 2  ? -0.032  -9.511  13.752  1.00 10.98 ? 183  ARG C NH2 1 
ATOM   1200 N N   . GLU C 2 3  ? 5.513   -12.008 15.829  1.00 21.10 ? 184  GLU C N   1 
ATOM   1201 C CA  . GLU C 2 3  ? 5.832   -12.886 14.719  1.00 22.01 ? 184  GLU C CA  1 
ATOM   1202 C C   . GLU C 2 3  ? 4.584   -13.126 13.881  1.00 22.23 ? 184  GLU C C   1 
ATOM   1203 O O   . GLU C 2 3  ? 3.460   -12.939 14.356  1.00 22.38 ? 184  GLU C O   1 
ATOM   1204 C CB  . GLU C 2 3  ? 6.351   -14.213 15.268  1.00 22.35 ? 184  GLU C CB  1 
ATOM   1205 C CG  . GLU C 2 3  ? 7.531   -14.790 14.522  1.00 23.79 ? 184  GLU C CG  1 
ATOM   1206 C CD  . GLU C 2 3  ? 8.193   -15.923 15.287  1.00 25.53 ? 184  GLU C CD  1 
ATOM   1207 O OE1 . GLU C 2 3  ? 8.749   -15.669 16.375  1.00 26.21 ? 184  GLU C OE1 1 
ATOM   1208 O OE2 . GLU C 2 3  ? 8.161   -17.069 14.797  1.00 27.49 ? 184  GLU C OE2 1 
ATOM   1209 N N   . LEU C 2 4  ? 4.780   -13.523 12.630  1.00 22.82 ? 185  LEU C N   1 
ATOM   1210 C CA  . LEU C 2 4  ? 3.659   -13.915 11.781  1.00 23.20 ? 185  LEU C CA  1 
ATOM   1211 C C   . LEU C 2 4  ? 3.404   -15.409 11.927  1.00 23.55 ? 185  LEU C C   1 
ATOM   1212 O O   . LEU C 2 4  ? 4.315   -16.220 11.762  1.00 23.44 ? 185  LEU C O   1 
ATOM   1213 C CB  . LEU C 2 4  ? 3.905   -13.511 10.326  1.00 23.23 ? 185  LEU C CB  1 
ATOM   1214 C CG  . LEU C 2 4  ? 3.968   -11.996 10.095  1.00 23.16 ? 185  LEU C CG  1 
ATOM   1215 C CD1 . LEU C 2 4  ? 4.126   -11.658 8.628   1.00 22.40 ? 185  LEU C CD1 1 
ATOM   1216 C CD2 . LEU C 2 4  ? 2.719   -11.334 10.661  1.00 23.48 ? 185  LEU C CD2 1 
ATOM   1217 N N   . LEU C 2 5  ? 2.167   -15.753 12.277  1.00 23.94 ? 186  LEU C N   1 
ATOM   1218 C CA  . LEU C 2 5  ? 1.773   -17.139 12.544  1.00 24.33 ? 186  LEU C CA  1 
ATOM   1219 C C   . LEU C 2 5  ? 0.429   -17.402 11.866  1.00 24.44 ? 186  LEU C C   1 
ATOM   1220 O O   . LEU C 2 5  ? -0.603  -16.910 12.330  1.00 24.95 ? 186  LEU C O   1 
ATOM   1221 C CB  . LEU C 2 5  ? 1.666   -17.400 14.054  1.00 24.13 ? 186  LEU C CB  1 
ATOM   1222 C CG  . LEU C 2 5  ? 2.794   -16.965 15.002  1.00 24.58 ? 186  LEU C CG  1 
ATOM   1223 C CD1 . LEU C 2 5  ? 2.260   -16.812 16.427  1.00 24.24 ? 186  LEU C CD1 1 
ATOM   1224 C CD2 . LEU C 2 5  ? 3.976   -17.935 14.979  1.00 24.58 ? 186  LEU C CD2 1 
ATOM   1225 N N   . PRO C 2 6  ? 0.432   -18.166 10.756  1.00 24.39 ? 187  PRO C N   1 
ATOM   1226 C CA  . PRO C 2 6  ? 1.585   -18.865 10.193  1.00 24.18 ? 187  PRO C CA  1 
ATOM   1227 C C   . PRO C 2 6  ? 2.544   -17.962 9.407   1.00 24.05 ? 187  PRO C C   1 
ATOM   1228 O O   . PRO C 2 6  ? 2.159   -16.893 8.930   1.00 24.05 ? 187  PRO C O   1 
ATOM   1229 C CB  . PRO C 2 6  ? 0.941   -19.894 9.259   1.00 24.20 ? 187  PRO C CB  1 
ATOM   1230 C CG  . PRO C 2 6  ? -0.315  -19.257 8.817   1.00 24.09 ? 187  PRO C CG  1 
ATOM   1231 C CD  . PRO C 2 6  ? -0.783  -18.372 9.946   1.00 24.47 ? 187  PRO C CD  1 
ATOM   1232 N N   . GLU C 2 7  ? 3.784   -18.428 9.295   1.00 23.73 ? 188  GLU C N   1 
ATOM   1233 C CA  . GLU C 2 7  ? 4.850   -17.810 8.517   1.00 23.78 ? 188  GLU C CA  1 
ATOM   1234 C C   . GLU C 2 7  ? 4.406   -17.475 7.088   1.00 23.17 ? 188  GLU C C   1 
ATOM   1235 O O   . GLU C 2 7  ? 3.609   -18.209 6.490   1.00 23.28 ? 188  GLU C O   1 
ATOM   1236 C CB  . GLU C 2 7  ? 6.001   -18.813 8.446   1.00 23.89 ? 188  GLU C CB  1 
ATOM   1237 C CG  . GLU C 2 7  ? 7.397   -18.250 8.550   1.00 24.50 ? 188  GLU C CG  1 
ATOM   1238 C CD  . GLU C 2 7  ? 8.464   -19.349 8.523   1.00 24.70 ? 188  GLU C CD  1 
ATOM   1239 O OE1 . GLU C 2 7  ? 9.357   -19.327 9.392   1.00 26.99 ? 188  GLU C OE1 1 
ATOM   1240 O OE2 . GLU C 2 7  ? 8.407   -20.240 7.645   1.00 24.66 ? 188  GLU C OE2 1 
ATOM   1241 N N   . LEU C 2 8  ? 4.914   -16.367 6.548   1.00 22.41 ? 189  LEU C N   1 
ATOM   1242 C CA  . LEU C 2 8  ? 4.793   -16.094 5.113   1.00 21.75 ? 189  LEU C CA  1 
ATOM   1243 C C   . LEU C 2 8  ? 5.677   -17.093 4.361   1.00 21.44 ? 189  LEU C C   1 
ATOM   1244 O O   . LEU C 2 8  ? 6.808   -17.354 4.790   1.00 21.11 ? 189  LEU C O   1 
ATOM   1245 C CB  . LEU C 2 8  ? 5.207   -14.656 4.769   1.00 21.56 ? 189  LEU C CB  1 
ATOM   1246 C CG  . LEU C 2 8  ? 4.349   -13.481 5.265   1.00 21.76 ? 189  LEU C CG  1 
ATOM   1247 C CD1 . LEU C 2 8  ? 5.055   -12.150 5.050   1.00 21.35 ? 189  LEU C CD1 1 
ATOM   1248 C CD2 . LEU C 2 8  ? 2.968   -13.457 4.613   1.00 21.55 ? 189  LEU C CD2 1 
ATOM   1249 N N   . PRO C 2 9  ? 5.166   -17.664 3.251   1.00 21.17 ? 190  PRO C N   1 
ATOM   1250 C CA  . PRO C 2 9  ? 5.939   -18.673 2.526   1.00 21.05 ? 190  PRO C CA  1 
ATOM   1251 C C   . PRO C 2 9  ? 7.208   -18.123 1.870   1.00 21.06 ? 190  PRO C C   1 
ATOM   1252 O O   . PRO C 2 9  ? 7.212   -17.012 1.325   1.00 20.81 ? 190  PRO C O   1 
ATOM   1253 C CB  . PRO C 2 9  ? 4.957   -19.176 1.462   1.00 21.04 ? 190  PRO C CB  1 
ATOM   1254 C CG  . PRO C 2 9  ? 3.976   -18.082 1.287   1.00 20.99 ? 190  PRO C CG  1 
ATOM   1255 C CD  . PRO C 2 9  ? 3.854   -17.416 2.622   1.00 21.25 ? 190  PRO C CD  1 
ATOM   1256 N N   . HIS C 2 10 ? 8.281   -18.902 1.953   1.00 21.05 ? 191  HIS C N   1 
ATOM   1257 C CA  . HIS C 2 10 ? 9.523   -18.582 1.280   1.00 21.21 ? 191  HIS C CA  1 
ATOM   1258 C C   . HIS C 2 10 ? 9.376   -18.979 -0.181  1.00 21.44 ? 191  HIS C C   1 
ATOM   1259 O O   . HIS C 2 10 ? 8.680   -19.955 -0.489  1.00 21.29 ? 191  HIS C O   1 
ATOM   1260 C CB  . HIS C 2 10 ? 10.697  -19.335 1.912   1.00 21.23 ? 191  HIS C CB  1 
ATOM   1261 C CG  . HIS C 2 10 ? 10.919  -19.011 3.357   1.00 21.29 ? 191  HIS C CG  1 
ATOM   1262 N ND1 . HIS C 2 10 ? 11.387  -17.787 3.783   1.00 20.94 ? 191  HIS C ND1 1 
ATOM   1263 C CD2 . HIS C 2 10 ? 10.745  -19.757 4.474   1.00 21.38 ? 191  HIS C CD2 1 
ATOM   1264 C CE1 . HIS C 2 10 ? 11.488  -17.791 5.100   1.00 21.55 ? 191  HIS C CE1 1 
ATOM   1265 N NE2 . HIS C 2 10 ? 11.111  -18.977 5.544   1.00 21.03 ? 191  HIS C NE2 1 
ATOM   1266 N N   . PRO C 2 11 ? 10.001  -18.207 -1.091  1.00 21.64 ? 192  PRO C N   1 
ATOM   1267 C CA  . PRO C 2 11 ? 10.035  -18.597 -2.499  1.00 22.05 ? 192  PRO C CA  1 
ATOM   1268 C C   . PRO C 2 11 ? 10.832  -19.887 -2.703  1.00 22.32 ? 192  PRO C C   1 
ATOM   1269 O O   . PRO C 2 11 ? 11.696  -20.207 -1.875  1.00 22.42 ? 192  PRO C O   1 
ATOM   1270 C CB  . PRO C 2 11 ? 10.742  -17.414 -3.173  1.00 21.96 ? 192  PRO C CB  1 
ATOM   1271 C CG  . PRO C 2 11 ? 11.486  -16.739 -2.098  1.00 21.77 ? 192  PRO C CG  1 
ATOM   1272 C CD  . PRO C 2 11 ? 10.680  -16.921 -0.862  1.00 21.54 ? 192  PRO C CD  1 
ATOM   1273 N N   . PRO C 2 12 ? 10.536  -20.635 -3.787  1.00 22.79 ? 193  PRO C N   1 
ATOM   1274 C CA  . PRO C 2 12 ? 11.278  -21.840 -4.174  1.00 22.93 ? 193  PRO C CA  1 
ATOM   1275 C C   . PRO C 2 12 ? 12.788  -21.693 -4.038  1.00 23.18 ? 193  PRO C C   1 
ATOM   1276 O O   . PRO C 2 12 ? 13.327  -20.625 -4.318  1.00 23.58 ? 193  PRO C O   1 
ATOM   1277 C CB  . PRO C 2 12 ? 10.909  -21.999 -5.645  1.00 23.13 ? 193  PRO C CB  1 
ATOM   1278 C CG  . PRO C 2 12 ? 9.511   -21.502 -5.711  1.00 22.79 ? 193  PRO C CG  1 
ATOM   1279 C CD  . PRO C 2 12 ? 9.417   -20.374 -4.716  1.00 22.57 ? 193  PRO C CD  1 
ATOM   1280 N N   . ARG D 2 2  ? -20.181 2.593   -8.101  1.00 15.45 ? 183  ARG D N   1 
ATOM   1281 C CA  . ARG D 2 2  ? -19.836 2.785   -6.663  1.00 15.56 ? 183  ARG D CA  1 
ATOM   1282 C C   . ARG D 2 2  ? -19.248 4.173   -6.404  1.00 15.66 ? 183  ARG D C   1 
ATOM   1283 O O   . ARG D 2 2  ? -18.514 4.716   -7.229  1.00 15.62 ? 183  ARG D O   1 
ATOM   1284 C CB  . ARG D 2 2  ? -18.854 1.705   -6.197  1.00 15.44 ? 183  ARG D CB  1 
ATOM   1285 C CG  . ARG D 2 2  ? -18.801 1.524   -4.701  1.00 15.09 ? 183  ARG D CG  1 
ATOM   1286 C CD  . ARG D 2 2  ? -17.718 0.548   -4.303  1.00 13.99 ? 183  ARG D CD  1 
ATOM   1287 N NE  . ARG D 2 2  ? -17.439 0.612   -2.872  1.00 12.86 ? 183  ARG D NE  1 
ATOM   1288 C CZ  . ARG D 2 2  ? -16.487 1.359   -2.320  1.00 12.87 ? 183  ARG D CZ  1 
ATOM   1289 N NH1 . ARG D 2 2  ? -15.702 2.127   -3.072  1.00 10.32 ? 183  ARG D NH1 1 
ATOM   1290 N NH2 . ARG D 2 2  ? -16.319 1.337   -1.003  1.00 12.35 ? 183  ARG D NH2 1 
ATOM   1291 N N   . GLU D 2 3  ? -19.577 4.725   -5.241  1.00 15.75 ? 184  GLU D N   1 
ATOM   1292 C CA  . GLU D 2 3  ? -19.084 6.025   -4.810  1.00 15.90 ? 184  GLU D CA  1 
ATOM   1293 C C   . GLU D 2 3  ? -18.123 5.883   -3.635  1.00 15.75 ? 184  GLU D C   1 
ATOM   1294 O O   . GLU D 2 3  ? -18.232 4.937   -2.849  1.00 15.54 ? 184  GLU D O   1 
ATOM   1295 C CB  . GLU D 2 3  ? -20.250 6.915   -4.377  1.00 15.93 ? 184  GLU D CB  1 
ATOM   1296 C CG  . GLU D 2 3  ? -21.319 7.167   -5.435  1.00 16.04 ? 184  GLU D CG  1 
ATOM   1297 C CD  . GLU D 2 3  ? -22.350 8.182   -4.961  1.00 16.58 ? 184  GLU D CD  1 
ATOM   1298 O OE1 . GLU D 2 3  ? -21.951 9.180   -4.329  1.00 16.61 ? 184  GLU D OE1 1 
ATOM   1299 O OE2 . GLU D 2 3  ? -23.558 7.981   -5.212  1.00 17.78 ? 184  GLU D OE2 1 
ATOM   1300 N N   . LEU D 2 4  ? -17.193 6.833   -3.512  1.00 15.50 ? 185  LEU D N   1 
ATOM   1301 C CA  . LEU D 2 4  ? -16.349 6.926   -2.319  1.00 15.16 ? 185  LEU D CA  1 
ATOM   1302 C C   . LEU D 2 4  ? -17.001 7.902   -1.337  1.00 14.77 ? 185  LEU D C   1 
ATOM   1303 O O   . LEU D 2 4  ? -16.966 9.118   -1.540  1.00 15.01 ? 185  LEU D O   1 
ATOM   1304 C CB  . LEU D 2 4  ? -14.913 7.355   -2.674  1.00 15.00 ? 185  LEU D CB  1 
ATOM   1305 C CG  . LEU D 2 4  ? -13.716 6.852   -1.837  1.00 14.84 ? 185  LEU D CG  1 
ATOM   1306 C CD1 . LEU D 2 4  ? -12.434 7.553   -2.279  1.00 15.03 ? 185  LEU D CD1 1 
ATOM   1307 C CD2 . LEU D 2 4  ? -13.887 7.038   -0.341  1.00 14.13 ? 185  LEU D CD2 1 
ATOM   1308 N N   . LEU D 2 5  ? -17.607 7.346   -0.290  1.00 14.64 ? 186  LEU D N   1 
ATOM   1309 C CA  . LEU D 2 5  ? -18.349 8.102   0.723   1.00 14.66 ? 186  LEU D CA  1 
ATOM   1310 C C   . LEU D 2 5  ? -18.007 7.601   2.124   1.00 14.75 ? 186  LEU D C   1 
ATOM   1311 O O   . LEU D 2 5  ? -17.908 6.391   2.336   1.00 14.47 ? 186  LEU D O   1 
ATOM   1312 C CB  . LEU D 2 5  ? -19.869 7.985   0.512   1.00 14.57 ? 186  LEU D CB  1 
ATOM   1313 C CG  . LEU D 2 5  ? -20.517 8.557   -0.757  1.00 14.70 ? 186  LEU D CG  1 
ATOM   1314 C CD1 . LEU D 2 5  ? -22.018 8.261   -0.775  1.00 13.92 ? 186  LEU D CD1 1 
ATOM   1315 C CD2 . LEU D 2 5  ? -20.265 10.047  -0.892  1.00 14.75 ? 186  LEU D CD2 1 
ATOM   1316 N N   . PRO D 2 6  ? -17.806 8.526   3.087   1.00 14.81 ? 187  PRO D N   1 
ATOM   1317 C CA  . PRO D 2 6  ? -17.720 9.982   2.921   1.00 14.60 ? 187  PRO D CA  1 
ATOM   1318 C C   . PRO D 2 6  ? -16.575 10.356  1.973   1.00 14.66 ? 187  PRO D C   1 
ATOM   1319 O O   . PRO D 2 6  ? -15.565 9.646   1.931   1.00 14.64 ? 187  PRO D O   1 
ATOM   1320 C CB  . PRO D 2 6  ? -17.424 10.478  4.340   1.00 14.68 ? 187  PRO D CB  1 
ATOM   1321 C CG  . PRO D 2 6  ? -16.922 9.261   5.091   1.00 14.65 ? 187  PRO D CG  1 
ATOM   1322 C CD  . PRO D 2 6  ? -17.665 8.126   4.500   1.00 14.75 ? 187  PRO D CD  1 
ATOM   1323 N N   . GLU D 2 7  ? -16.740 11.440  1.211   1.00 14.34 ? 188  GLU D N   1 
ATOM   1324 C CA  . GLU D 2 7  ? -15.751 11.812  0.193   1.00 14.57 ? 188  GLU D CA  1 
ATOM   1325 C C   . GLU D 2 7  ? -14.441 12.310  0.814   1.00 13.97 ? 188  GLU D C   1 
ATOM   1326 O O   . GLU D 2 7  ? -14.437 12.855  1.918   1.00 13.80 ? 188  GLU D O   1 
ATOM   1327 C CB  . GLU D 2 7  ? -16.323 12.827  -0.820  1.00 14.32 ? 188  GLU D CB  1 
ATOM   1328 C CG  . GLU D 2 7  ? -16.032 14.304  -0.520  1.00 15.93 ? 188  GLU D CG  1 
ATOM   1329 C CD  . GLU D 2 7  ? -16.409 15.240  -1.670  1.00 15.55 ? 188  GLU D CD  1 
ATOM   1330 O OE1 . GLU D 2 7  ? -17.381 15.995  -1.518  1.00 16.13 ? 188  GLU D OE1 1 
ATOM   1331 O OE2 . GLU D 2 7  ? -15.736 15.227  -2.722  1.00 18.22 ? 188  GLU D OE2 1 
ATOM   1332 N N   . LEU D 2 8  ? -13.337 12.093  0.103   1.00 13.73 ? 189  LEU D N   1 
ATOM   1333 C CA  . LEU D 2 8  ? -12.029 12.614  0.513   1.00 13.73 ? 189  LEU D CA  1 
ATOM   1334 C C   . LEU D 2 8  ? -11.985 14.143  0.407   1.00 13.62 ? 189  LEU D C   1 
ATOM   1335 O O   . LEU D 2 8  ? -12.520 14.716  -0.551  1.00 13.26 ? 189  LEU D O   1 
ATOM   1336 C CB  . LEU D 2 8  ? -10.902 11.996  -0.328  1.00 13.75 ? 189  LEU D CB  1 
ATOM   1337 C CG  . LEU D 2 8  ? -10.714 10.470  -0.303  1.00 14.29 ? 189  LEU D CG  1 
ATOM   1338 C CD1 . LEU D 2 8  ? -9.885  10.013  -1.491  1.00 15.09 ? 189  LEU D CD1 1 
ATOM   1339 C CD2 . LEU D 2 8  ? -10.071 9.993   0.983   1.00 14.25 ? 189  LEU D CD2 1 
ATOM   1340 N N   . PRO D 2 9  ? -11.352 14.809  1.393   1.00 13.73 ? 190  PRO D N   1 
ATOM   1341 C CA  . PRO D 2 9  ? -11.218 16.269  1.344   1.00 13.94 ? 190  PRO D CA  1 
ATOM   1342 C C   . PRO D 2 9  ? -10.264 16.758  0.251   1.00 14.29 ? 190  PRO D C   1 
ATOM   1343 O O   . PRO D 2 9  ? -9.219  16.143  0.002   1.00 14.27 ? 190  PRO D O   1 
ATOM   1344 C CB  . PRO D 2 9  ? -10.660 16.623  2.732   1.00 13.93 ? 190  PRO D CB  1 
ATOM   1345 C CG  . PRO D 2 9  ? -9.971  15.383  3.194   1.00 13.96 ? 190  PRO D CG  1 
ATOM   1346 C CD  . PRO D 2 9  ? -10.751 14.236  2.616   1.00 13.66 ? 190  PRO D CD  1 
ATOM   1347 N N   . HIS D 2 10 ? -10.643 17.856  -0.395  1.00 14.58 ? 191  HIS D N   1 
ATOM   1348 C CA  . HIS D 2 10 ? -9.780  18.531  -1.351  1.00 15.14 ? 191  HIS D CA  1 
ATOM   1349 C C   . HIS D 2 10 ? -8.754  19.361  -0.590  1.00 15.76 ? 191  HIS D C   1 
ATOM   1350 O O   . HIS D 2 10 ? -9.082  19.945  0.452   1.00 15.92 ? 191  HIS D O   1 
ATOM   1351 C CB  . HIS D 2 10 ? -10.603 19.433  -2.274  1.00 14.99 ? 191  HIS D CB  1 
ATOM   1352 C CG  . HIS D 2 10 ? -11.573 18.687  -3.135  1.00 14.28 ? 191  HIS D CG  1 
ATOM   1353 N ND1 . HIS D 2 10 ? -11.186 17.997  -4.264  1.00 13.65 ? 191  HIS D ND1 1 
ATOM   1354 C CD2 . HIS D 2 10 ? -12.915 18.531  -3.041  1.00 14.48 ? 191  HIS D CD2 1 
ATOM   1355 C CE1 . HIS D 2 10 ? -12.247 17.443  -4.825  1.00 13.76 ? 191  HIS D CE1 1 
ATOM   1356 N NE2 . HIS D 2 10 ? -13.308 17.755  -4.105  1.00 13.70 ? 191  HIS D NE2 1 
ATOM   1357 N N   . PRO D 2 11 ? -7.501  19.400  -1.088  1.00 16.48 ? 192  PRO D N   1 
ATOM   1358 C CA  . PRO D 2 11 ? -6.499  20.279  -0.478  1.00 17.10 ? 192  PRO D CA  1 
ATOM   1359 C C   . PRO D 2 11 ? -6.892  21.755  -0.617  1.00 17.74 ? 192  PRO D C   1 
ATOM   1360 O O   . PRO D 2 11 ? -7.693  22.094  -1.496  1.00 18.16 ? 192  PRO D O   1 
ATOM   1361 C CB  . PRO D 2 11 ? -5.227  19.982  -1.282  1.00 17.13 ? 192  PRO D CB  1 
ATOM   1362 C CG  . PRO D 2 11 ? -5.686  19.349  -2.539  1.00 16.83 ? 192  PRO D CG  1 
ATOM   1363 C CD  . PRO D 2 11 ? -6.951  18.631  -2.220  1.00 16.21 ? 192  PRO D CD  1 
ATOM   1364 N N   . PRO D 2 12 ? -6.365  22.628  0.264   1.00 18.21 ? 193  PRO D N   1 
ATOM   1365 C CA  . PRO D 2 12 ? -6.548  24.076  0.115   1.00 18.53 ? 193  PRO D CA  1 
ATOM   1366 C C   . PRO D 2 12 ? -6.202  24.602  -1.280  1.00 18.90 ? 193  PRO D C   1 
ATOM   1367 O O   . PRO D 2 12 ? -5.451  23.955  -2.019  1.00 19.58 ? 193  PRO D O   1 
ATOM   1368 C CB  . PRO D 2 12 ? -5.576  24.645  1.145   1.00 18.45 ? 193  PRO D CB  1 
ATOM   1369 C CG  . PRO D 2 12 ? -5.549  23.604  2.220   1.00 18.20 ? 193  PRO D CG  1 
ATOM   1370 C CD  . PRO D 2 12 ? -5.611  22.295  1.491   1.00 17.98 ? 193  PRO D CD  1 
HETATM 1371 O O   . HOH E 3 .  ? -4.155  -6.448  15.705  1.00 21.50 ? 2001 HOH A O   1 
HETATM 1372 O O   . HOH E 3 .  ? -7.538  -8.637  14.385  1.00 29.60 ? 2002 HOH A O   1 
HETATM 1373 O O   . HOH E 3 .  ? -6.792  -1.237  12.944  1.00 24.37 ? 2003 HOH A O   1 
HETATM 1374 O O   . HOH E 3 .  ? 5.289   -22.835 0.189   1.00 27.17 ? 2004 HOH A O   1 
HETATM 1375 O O   . HOH E 3 .  ? -0.271  -6.024  16.553  1.00 10.70 ? 2005 HOH A O   1 
HETATM 1376 O O   . HOH E 3 .  ? -2.310  -3.339  14.978  1.00 10.49 ? 2006 HOH A O   1 
HETATM 1377 O O   . HOH E 3 .  ? 2.721   -21.293 0.148   1.00 22.84 ? 2007 HOH A O   1 
HETATM 1378 O O   . HOH E 3 .  ? -0.610  -23.248 -2.278  1.00 17.22 ? 2008 HOH A O   1 
HETATM 1379 O O   . HOH E 3 .  ? 4.409   -24.754 -1.521  1.00 26.90 ? 2009 HOH A O   1 
HETATM 1380 O O   . HOH E 3 .  ? -1.397  -11.905 10.790  1.00 18.04 ? 2010 HOH A O   1 
HETATM 1381 O O   . HOH E 3 .  ? -3.284  -12.353 8.892   1.00 24.79 ? 2011 HOH A O   1 
HETATM 1382 O O   . HOH E 3 .  ? -0.380  -19.922 5.391   1.00 32.19 ? 2012 HOH A O   1 
HETATM 1383 O O   . HOH E 3 .  ? -6.505  -8.841  -2.065  1.00 31.39 ? 2013 HOH A O   1 
HETATM 1384 O O   . HOH E 3 .  ? -3.258  -5.586  -4.779  1.00 28.89 ? 2014 HOH A O   1 
HETATM 1385 O O   . HOH E 3 .  ? -5.575  -8.711  -6.644  1.00 20.39 ? 2015 HOH A O   1 
HETATM 1386 O O   . HOH E 3 .  ? 1.478   -21.804 -2.164  1.00 14.36 ? 2016 HOH A O   1 
HETATM 1387 O O   . HOH E 3 .  ? 13.345  0.142   14.388  1.00 31.56 ? 2017 HOH A O   1 
HETATM 1388 O O   . HOH E 3 .  ? 8.429   -20.601 -12.066 1.00 21.95 ? 2018 HOH A O   1 
HETATM 1389 O O   . HOH E 3 .  ? -1.046  -21.205 -10.550 1.00 37.08 ? 2019 HOH A O   1 
HETATM 1390 O O   . HOH E 3 .  ? 6.557   -18.994 -17.958 1.00 29.08 ? 2020 HOH A O   1 
HETATM 1391 O O   . HOH E 3 .  ? 4.882   -16.529 -17.690 1.00 23.33 ? 2021 HOH A O   1 
HETATM 1392 O O   . HOH E 3 .  ? -0.423  -10.725 -15.363 1.00 26.78 ? 2022 HOH A O   1 
HETATM 1393 O O   . HOH E 3 .  ? 1.596   -6.664  -10.184 1.00 19.24 ? 2023 HOH A O   1 
HETATM 1394 O O   . HOH E 3 .  ? 5.596   -4.419  -5.603  1.00 11.55 ? 2024 HOH A O   1 
HETATM 1395 O O   . HOH E 3 .  ? 6.302   -2.624  -11.179 1.00 28.33 ? 2025 HOH A O   1 
HETATM 1396 O O   . HOH E 3 .  ? 1.247   -4.308  -7.310  1.00 38.42 ? 2026 HOH A O   1 
HETATM 1397 O O   . HOH E 3 .  ? 2.767   -0.116  -0.772  1.00 18.73 ? 2027 HOH A O   1 
HETATM 1398 O O   . HOH E 3 .  ? 4.994   3.866   10.755  1.00 25.04 ? 2028 HOH A O   1 
HETATM 1399 O O   . HOH E 3 .  ? -3.626  -2.139  13.260  1.00 16.74 ? 2029 HOH A O   1 
HETATM 1400 O O   . HOH E 3 .  ? 5.953   -3.784  12.877  1.00 7.97  ? 2030 HOH A O   1 
HETATM 1401 O O   . HOH E 3 .  ? 11.300  -1.478  13.585  1.00 19.29 ? 2031 HOH A O   1 
HETATM 1402 O O   . HOH E 3 .  ? 11.695  4.773   12.110  1.00 27.74 ? 2032 HOH A O   1 
HETATM 1403 O O   . HOH E 3 .  ? 11.190  0.964   17.491  1.00 27.09 ? 2033 HOH A O   1 
HETATM 1404 O O   . HOH E 3 .  ? 13.117  -3.234  11.778  1.00 23.31 ? 2034 HOH A O   1 
HETATM 1405 O O   . HOH E 3 .  ? 16.826  -9.353  4.466   1.00 31.92 ? 2035 HOH A O   1 
HETATM 1406 O O   . HOH E 3 .  ? 14.833  -16.672 -0.394  1.00 38.02 ? 2036 HOH A O   1 
HETATM 1407 O O   . HOH E 3 .  ? 14.815  -14.711 -2.775  1.00 17.70 ? 2037 HOH A O   1 
HETATM 1408 O O   . HOH E 3 .  ? 15.980  -13.647 3.948   1.00 22.99 ? 2038 HOH A O   1 
HETATM 1409 O O   . HOH E 3 .  ? 17.981  -11.822 -7.201  1.00 21.90 ? 2039 HOH A O   1 
HETATM 1410 O O   . HOH E 3 .  ? 15.533  -11.159 2.783   1.00 23.61 ? 2040 HOH A O   1 
HETATM 1411 O O   . HOH E 3 .  ? 15.562  -17.968 -5.949  1.00 21.12 ? 2041 HOH A O   1 
HETATM 1412 O O   . HOH E 3 .  ? 15.915  -20.698 -9.666  1.00 34.29 ? 2042 HOH A O   1 
HETATM 1413 O O   . HOH E 3 .  ? 11.977  -6.122  -11.934 1.00 26.82 ? 2043 HOH A O   1 
HETATM 1414 O O   . HOH E 3 .  ? 12.782  -7.201  -7.774  1.00 21.50 ? 2044 HOH A O   1 
HETATM 1415 O O   . HOH E 3 .  ? 17.129  -16.742 -13.670 1.00 30.39 ? 2045 HOH A O   1 
HETATM 1416 O O   . HOH E 3 .  ? 17.417  -13.608 -19.445 1.00 12.05 ? 2046 HOH A O   1 
HETATM 1417 O O   . HOH E 3 .  ? 18.666  -9.660  -19.408 1.00 22.97 ? 2047 HOH A O   1 
HETATM 1418 O O   . HOH F 3 .  ? -16.979 -3.120  0.211   1.00 27.16 ? 2001 HOH B O   1 
HETATM 1419 O O   . HOH F 3 .  ? -14.045 7.026   5.451   1.00 19.90 ? 2002 HOH B O   1 
HETATM 1420 O O   . HOH F 3 .  ? -14.713 -4.452  -2.198  1.00 18.46 ? 2003 HOH B O   1 
HETATM 1421 O O   . HOH F 3 .  ? -14.916 3.814   4.363   1.00 33.32 ? 2004 HOH B O   1 
HETATM 1422 O O   . HOH F 3 .  ? -9.642  1.919   8.776   1.00 14.57 ? 2005 HOH B O   1 
HETATM 1423 O O   . HOH F 3 .  ? 0.461   6.562   -6.963  1.00 29.77 ? 2006 HOH B O   1 
HETATM 1424 O O   . HOH F 3 .  ? -13.994 -0.906  8.087   1.00 27.82 ? 2007 HOH B O   1 
HETATM 1425 O O   . HOH F 3 .  ? -11.192 17.809  5.850   1.00 20.57 ? 2008 HOH B O   1 
HETATM 1426 O O   . HOH F 3 .  ? -15.671 4.707   2.276   1.00 14.32 ? 2009 HOH B O   1 
HETATM 1427 O O   . HOH F 3 .  ? -11.704 7.804   8.594   1.00 20.78 ? 2010 HOH B O   1 
HETATM 1428 O O   . HOH F 3 .  ? -11.598 19.898  4.356   1.00 29.74 ? 2011 HOH B O   1 
HETATM 1429 O O   . HOH F 3 .  ? -17.538 12.007  8.212   1.00 27.77 ? 2012 HOH B O   1 
HETATM 1430 O O   . HOH F 3 .  ? -4.842  5.667   13.578  1.00 39.34 ? 2013 HOH B O   1 
HETATM 1431 O O   . HOH F 3 .  ? 4.048   10.821  -3.050  1.00 21.95 ? 2014 HOH B O   1 
HETATM 1432 O O   . HOH F 3 .  ? 3.005   6.204   -2.504  1.00 28.58 ? 2015 HOH B O   1 
HETATM 1433 O O   . HOH F 3 .  ? -9.702  6.465   12.007  1.00 21.51 ? 2016 HOH B O   1 
HETATM 1434 O O   . HOH F 3 .  ? 1.081   4.450   6.846   1.00 31.97 ? 2017 HOH B O   1 
HETATM 1435 O O   . HOH F 3 .  ? 0.229   6.318   10.563  1.00 15.96 ? 2018 HOH B O   1 
HETATM 1436 O O   . HOH F 3 .  ? -1.546  4.948   -8.234  1.00 33.28 ? 2019 HOH B O   1 
HETATM 1437 O O   . HOH F 3 .  ? -9.359  18.336  7.945   1.00 20.50 ? 2020 HOH B O   1 
HETATM 1438 O O   . HOH F 3 .  ? -3.287  17.177  11.467  1.00 20.50 ? 2021 HOH B O   1 
HETATM 1439 O O   . HOH F 3 .  ? -10.536 4.834   -14.285 1.00 23.08 ? 2022 HOH B O   1 
HETATM 1440 O O   . HOH F 3 .  ? -6.657  23.286  10.347  1.00 32.91 ? 2023 HOH B O   1 
HETATM 1441 O O   . HOH F 3 .  ? -9.150  21.029  7.942   1.00 25.47 ? 2024 HOH B O   1 
HETATM 1442 O O   . HOH F 3 .  ? -11.397 21.742  6.260   1.00 33.26 ? 2025 HOH B O   1 
HETATM 1443 O O   . HOH F 3 .  ? -11.315 26.661  6.046   1.00 32.06 ? 2026 HOH B O   1 
HETATM 1444 O O   . HOH F 3 .  ? 6.882   22.511  8.711   1.00 13.83 ? 2027 HOH B O   1 
HETATM 1445 O O   . HOH F 3 .  ? 1.035   10.228  10.028  1.00 23.51 ? 2028 HOH B O   1 
HETATM 1446 O O   . HOH F 3 .  ? 3.186   8.630   -1.005  1.00 14.87 ? 2029 HOH B O   1 
HETATM 1447 O O   . HOH F 3 .  ? 10.971  13.985  -0.514  1.00 35.85 ? 2030 HOH B O   1 
HETATM 1448 O O   . HOH F 3 .  ? 3.886   7.072   2.980   1.00 29.66 ? 2031 HOH B O   1 
HETATM 1449 O O   . HOH F 3 .  ? 0.175   5.068   4.359   1.00 14.92 ? 2032 HOH B O   1 
HETATM 1450 O O   . HOH F 3 .  ? 0.741   1.823   -2.197  1.00 31.35 ? 2033 HOH B O   1 
HETATM 1451 O O   . HOH F 3 .  ? -1.334  2.002   -7.707  1.00 18.93 ? 2034 HOH B O   1 
HETATM 1452 O O   . HOH F 3 .  ? -1.056  -5.211  -3.530  1.00 16.80 ? 2035 HOH B O   1 
HETATM 1453 O O   . HOH F 3 .  ? -3.148  -3.831  -10.267 1.00 27.37 ? 2036 HOH B O   1 
HETATM 1454 O O   . HOH F 3 .  ? -12.253 0.873   -8.136  1.00 10.03 ? 2037 HOH B O   1 
HETATM 1455 O O   . HOH F 3 .  ? -11.187 1.546   -13.560 1.00 21.81 ? 2038 HOH B O   1 
HETATM 1456 O O   . HOH F 3 .  ? -13.131 -1.728  -15.983 1.00 16.95 ? 2039 HOH B O   1 
HETATM 1457 O O   . HOH F 3 .  ? -14.814 7.073   -9.475  1.00 20.01 ? 2040 HOH B O   1 
HETATM 1458 O O   . HOH F 3 .  ? -9.224  9.831   -12.621 1.00 20.81 ? 2041 HOH B O   1 
HETATM 1459 O O   . HOH F 3 .  ? -7.520  2.752   -12.931 1.00 15.29 ? 2042 HOH B O   1 
HETATM 1460 O O   . HOH F 3 .  ? -10.460 19.698  -7.228  1.00 24.87 ? 2043 HOH B O   1 
HETATM 1461 O O   . HOH F 3 .  ? -8.594  17.091  -9.744  1.00 18.93 ? 2044 HOH B O   1 
HETATM 1462 O O   . HOH F 3 .  ? -3.867  19.964  -5.771  1.00 21.66 ? 2045 HOH B O   1 
HETATM 1463 O O   . HOH F 3 .  ? -6.430  15.533  -10.081 1.00 23.05 ? 2046 HOH B O   1 
HETATM 1464 O O   . HOH F 3 .  ? 1.643   21.765  -7.722  1.00 22.40 ? 2047 HOH B O   1 
HETATM 1465 O O   . HOH F 3 .  ? 4.210   15.390  -5.118  1.00 19.18 ? 2048 HOH B O   1 
HETATM 1466 O O   . HOH F 3 .  ? 8.092   21.511  -5.301  1.00 26.39 ? 2049 HOH B O   1 
HETATM 1467 O O   . HOH F 3 .  ? 4.855   27.094  -2.790  1.00 26.81 ? 2050 HOH B O   1 
HETATM 1468 O O   . HOH F 3 .  ? 13.483  24.095  -4.386  1.00 41.61 ? 2051 HOH B O   1 
HETATM 1469 O O   . HOH G 3 .  ? 4.024   -13.172 18.134  1.00 19.69 ? 2001 HOH C O   1 
HETATM 1470 O O   . HOH G 3 .  ? 0.373   -13.269 13.865  1.00 32.14 ? 2002 HOH C O   1 
HETATM 1471 O O   . HOH G 3 .  ? 7.019   -14.813 10.812  1.00 15.71 ? 2003 HOH C O   1 
HETATM 1472 O O   . HOH G 3 .  ? -0.122  -14.436 11.540  1.00 35.43 ? 2004 HOH C O   1 
HETATM 1473 O O   . HOH G 3 .  ? 6.644   -14.586 7.994   1.00 18.97 ? 2005 HOH C O   1 
HETATM 1474 O O   . HOH G 3 .  ? 8.459   -16.050 6.291   1.00 18.68 ? 2006 HOH C O   1 
HETATM 1475 O O   . HOH G 3 .  ? 7.835   -21.579 3.469   1.00 17.77 ? 2007 HOH C O   1 
HETATM 1476 O O   . HOH H 3 .  ? -19.932 3.278   -0.054  1.00 29.60 ? 2001 HOH D O   1 
HETATM 1477 O O   . HOH H 3 .  ? -25.166 7.649   -3.121  1.00 11.02 ? 2002 HOH D O   1 
HETATM 1478 O O   . HOH H 3 .  ? -21.745 3.808   -3.771  1.00 20.54 ? 2003 HOH D O   1 
HETATM 1479 O O   . HOH H 3 .  ? -19.865 10.731  -5.034  1.00 27.54 ? 2004 HOH D O   1 
HETATM 1480 O O   . HOH H 3 .  ? -16.069 10.737  -3.610  1.00 11.48 ? 2005 HOH D O   1 
HETATM 1481 O O   . HOH H 3 .  ? -17.640 9.140   -5.247  1.00 20.92 ? 2006 HOH D O   1 
HETATM 1482 O O   . HOH H 3 .  ? -17.543 4.529   -0.057  1.00 17.50 ? 2007 HOH D O   1 
HETATM 1483 O O   . HOH H 3 .  ? -14.330 7.297   2.956   1.00 16.12 ? 2008 HOH D O   1 
HETATM 1484 O O   . HOH H 3 .  ? -15.125 13.621  -4.971  1.00 37.93 ? 2009 HOH D O   1 
HETATM 1485 O O   . HOH H 3 .  ? -13.586 11.271  -2.641  1.00 8.38  ? 2010 HOH D O   1 
HETATM 1486 O O   . HOH H 3 .  ? -12.956 13.759  -3.320  1.00 15.25 ? 2011 HOH D O   1 
HETATM 1487 O O   . HOH H 3 .  ? -13.199 19.094  0.628   1.00 19.47 ? 2012 HOH D O   1 
HETATM 1488 O O   . HOH H 3 .  ? -10.645 23.465  -0.527  1.00 25.00 ? 2013 HOH D O   1 
# 
loop_
_pdbx_poly_seq_scheme.asym_id 
_pdbx_poly_seq_scheme.entity_id 
_pdbx_poly_seq_scheme.seq_id 
_pdbx_poly_seq_scheme.mon_id 
_pdbx_poly_seq_scheme.ndb_seq_num 
_pdbx_poly_seq_scheme.pdb_seq_num 
_pdbx_poly_seq_scheme.auth_seq_num 
_pdbx_poly_seq_scheme.pdb_mon_id 
_pdbx_poly_seq_scheme.auth_mon_id 
_pdbx_poly_seq_scheme.pdb_strand_id 
_pdbx_poly_seq_scheme.pdb_ins_code 
_pdbx_poly_seq_scheme.hetero 
A 1 1  MET 1  -7  ?   ?   ?   A . n 
A 1 2  ALA 2  -6  ?   ?   ?   A . n 
A 1 3  HIS 3  -5  ?   ?   ?   A . n 
A 1 4  HIS 4  -4  ?   ?   ?   A . n 
A 1 5  HIS 5  -3  ?   ?   ?   A . n 
A 1 6  HIS 6  -2  ?   ?   ?   A . n 
A 1 7  HIS 7  -1  ?   ?   ?   A . n 
A 1 8  HIS 8  0   ?   ?   ?   A . n 
A 1 9  MET 9  1   1   MET MET A . n 
A 1 10 SER 10 2   2   SER SER A . n 
A 1 11 ALA 11 3   3   ALA ALA A . n 
A 1 12 GLN 12 4   4   GLN GLN A . n 
A 1 13 VAL 13 5   5   VAL VAL A . n 
A 1 14 MET 14 6   6   MET MET A . n 
A 1 15 LEU 15 7   7   LEU LEU A . n 
A 1 16 GLU 16 8   8   GLU GLU A . n 
A 1 17 GLU 17 9   9   GLU GLU A . n 
A 1 18 MET 18 10  10  MET MET A . n 
A 1 19 ALA 19 11  11  ALA ALA A . n 
A 1 20 ARG 20 12  12  ARG ARG A . n 
A 1 21 LYS 21 13  13  LYS LYS A . n 
A 1 22 TYR 22 14  14  TYR TYR A . n 
A 1 23 ALA 23 15  15  ALA ALA A . n 
A 1 24 ILE 24 16  16  ILE ILE A . n 
A 1 25 ASN 25 17  17  ASN ASN A . n 
A 1 26 ALA 26 18  18  ALA ALA A . n 
A 1 27 VAL 27 19  19  VAL VAL A . n 
A 1 28 LYS 28 20  20  LYS LYS A . n 
A 1 29 ALA 29 21  21  ALA ALA A . n 
A 1 30 ASP 30 22  22  ASP ASP A . n 
A 1 31 LYS 31 23  23  LYS LYS A . n 
A 1 32 GLU 32 24  24  GLU GLU A . n 
A 1 33 GLY 33 25  25  GLY GLY A . n 
A 1 34 ASN 34 26  26  ASN ASN A . n 
A 1 35 ALA 35 27  27  ALA ALA A . n 
A 1 36 GLU 36 28  28  GLU GLU A . n 
A 1 37 GLU 37 29  29  GLU GLU A . n 
A 1 38 ALA 38 30  30  ALA ALA A . n 
A 1 39 ILE 39 31  31  ILE ILE A . n 
A 1 40 THR 40 32  32  THR THR A . n 
A 1 41 ASN 41 33  33  ASN ASN A . n 
A 1 42 TYR 42 34  34  TYR TYR A . n 
A 1 43 LYS 43 35  35  LYS LYS A . n 
A 1 44 LYS 44 36  36  LYS LYS A . n 
A 1 45 ALA 45 37  37  ALA ALA A . n 
A 1 46 ILE 46 38  38  ILE ILE A . n 
A 1 47 GLU 47 39  39  GLU GLU A . n 
A 1 48 VAL 48 40  40  VAL VAL A . n 
A 1 49 LEU 49 41  41  LEU LEU A . n 
A 1 50 ALA 50 42  42  ALA ALA A . n 
A 1 51 GLN 51 43  43  GLN GLN A . n 
A 1 52 LEU 52 44  44  LEU LEU A . n 
A 1 53 VAL 53 45  45  VAL VAL A . n 
A 1 54 SER 54 46  46  SER SER A . n 
A 1 55 LEU 55 47  47  LEU LEU A . n 
A 1 56 TYR 56 48  48  TYR TYR A . n 
A 1 57 ARG 57 49  49  ARG ARG A . n 
A 1 58 ASP 58 50  50  ASP ASP A . n 
A 1 59 GLY 59 51  51  GLY GLY A . n 
A 1 60 SER 60 52  52  SER SER A . n 
A 1 61 THR 61 53  53  THR THR A . n 
A 1 62 ALA 62 54  54  ALA ALA A . n 
A 1 63 ALA 63 55  55  ALA ALA A . n 
A 1 64 ILE 64 56  56  ILE ILE A . n 
A 1 65 TYR 65 57  57  TYR TYR A . n 
A 1 66 GLU 66 58  58  GLU GLU A . n 
A 1 67 GLN 67 59  59  GLN GLN A . n 
A 1 68 MET 68 60  60  MET MET A . n 
A 1 69 ILE 69 61  61  ILE ILE A . n 
A 1 70 ASN 70 62  62  ASN ASN A . n 
A 1 71 GLU 71 63  63  GLU GLU A . n 
A 1 72 TYR 72 64  64  TYR TYR A . n 
A 1 73 LYS 73 65  65  LYS LYS A . n 
A 1 74 ARG 74 66  66  ARG ARG A . n 
A 1 75 ARG 75 67  67  ARG ARG A . n 
A 1 76 ILE 76 68  68  ILE ILE A . n 
A 1 77 GLU 77 69  69  GLU GLU A . n 
A 1 78 VAL 78 70  70  VAL VAL A . n 
A 1 79 LEU 79 71  71  LEU LEU A . n 
A 1 80 LYS 80 72  72  LYS LYS A . n 
A 1 81 GLU 81 73  73  GLU GLU A . n 
A 1 82 LEU 82 74  74  LEU LEU A . n 
A 1 83 ILE 83 75  75  ILE ILE A . n 
B 1 1  MET 1  -7  ?   ?   ?   B . n 
B 1 2  ALA 2  -6  ?   ?   ?   B . n 
B 1 3  HIS 3  -5  ?   ?   ?   B . n 
B 1 4  HIS 4  -4  ?   ?   ?   B . n 
B 1 5  HIS 5  -3  ?   ?   ?   B . n 
B 1 6  HIS 6  -2  ?   ?   ?   B . n 
B 1 7  HIS 7  -1  ?   ?   ?   B . n 
B 1 8  HIS 8  0   ?   ?   ?   B . n 
B 1 9  MET 9  1   ?   ?   ?   B . n 
B 1 10 SER 10 2   2   SER SER B . n 
B 1 11 ALA 11 3   3   ALA ALA B . n 
B 1 12 GLN 12 4   4   GLN GLN B . n 
B 1 13 VAL 13 5   5   VAL VAL B . n 
B 1 14 MET 14 6   6   MET MET B . n 
B 1 15 LEU 15 7   7   LEU LEU B . n 
B 1 16 GLU 16 8   8   GLU GLU B . n 
B 1 17 GLU 17 9   9   GLU GLU B . n 
B 1 18 MET 18 10  10  MET MET B . n 
B 1 19 ALA 19 11  11  ALA ALA B . n 
B 1 20 ARG 20 12  12  ARG ARG B . n 
B 1 21 LYS 21 13  13  LYS LYS B . n 
B 1 22 TYR 22 14  14  TYR TYR B . n 
B 1 23 ALA 23 15  15  ALA ALA B . n 
B 1 24 ILE 24 16  16  ILE ILE B . n 
B 1 25 ASN 25 17  17  ASN ASN B . n 
B 1 26 ALA 26 18  18  ALA ALA B . n 
B 1 27 VAL 27 19  19  VAL VAL B . n 
B 1 28 LYS 28 20  20  LYS LYS B . n 
B 1 29 ALA 29 21  21  ALA ALA B . n 
B 1 30 ASP 30 22  22  ASP ASP B . n 
B 1 31 LYS 31 23  23  LYS LYS B . n 
B 1 32 GLU 32 24  24  GLU GLU B . n 
B 1 33 GLY 33 25  25  GLY GLY B . n 
B 1 34 ASN 34 26  26  ASN ASN B . n 
B 1 35 ALA 35 27  27  ALA ALA B . n 
B 1 36 GLU 36 28  28  GLU GLU B . n 
B 1 37 GLU 37 29  29  GLU GLU B . n 
B 1 38 ALA 38 30  30  ALA ALA B . n 
B 1 39 ILE 39 31  31  ILE ILE B . n 
B 1 40 THR 40 32  32  THR THR B . n 
B 1 41 ASN 41 33  33  ASN ASN B . n 
B 1 42 TYR 42 34  34  TYR TYR B . n 
B 1 43 LYS 43 35  35  LYS LYS B . n 
B 1 44 LYS 44 36  36  LYS LYS B . n 
B 1 45 ALA 45 37  37  ALA ALA B . n 
B 1 46 ILE 46 38  38  ILE ILE B . n 
B 1 47 GLU 47 39  39  GLU GLU B . n 
B 1 48 VAL 48 40  40  VAL VAL B . n 
B 1 49 LEU 49 41  41  LEU LEU B . n 
B 1 50 ALA 50 42  42  ALA ALA B . n 
B 1 51 GLN 51 43  43  GLN GLN B . n 
B 1 52 LEU 52 44  44  LEU LEU B . n 
B 1 53 VAL 53 45  45  VAL VAL B . n 
B 1 54 SER 54 46  46  SER SER B . n 
B 1 55 LEU 55 47  47  LEU LEU B . n 
B 1 56 TYR 56 48  48  TYR TYR B . n 
B 1 57 ARG 57 49  49  ARG ARG B . n 
B 1 58 ASP 58 50  50  ASP ASP B . n 
B 1 59 GLY 59 51  51  GLY GLY B . n 
B 1 60 SER 60 52  52  SER SER B . n 
B 1 61 THR 61 53  53  THR THR B . n 
B 1 62 ALA 62 54  54  ALA ALA B . n 
B 1 63 ALA 63 55  55  ALA ALA B . n 
B 1 64 ILE 64 56  56  ILE ILE B . n 
B 1 65 TYR 65 57  57  TYR TYR B . n 
B 1 66 GLU 66 58  58  GLU GLU B . n 
B 1 67 GLN 67 59  59  GLN GLN B . n 
B 1 68 MET 68 60  60  MET MET B . n 
B 1 69 ILE 69 61  61  ILE ILE B . n 
B 1 70 ASN 70 62  62  ASN ASN B . n 
B 1 71 GLU 71 63  63  GLU GLU B . n 
B 1 72 TYR 72 64  64  TYR TYR B . n 
B 1 73 LYS 73 65  65  LYS LYS B . n 
B 1 74 ARG 74 66  66  ARG ARG B . n 
B 1 75 ARG 75 67  67  ARG ARG B . n 
B 1 76 ILE 76 68  68  ILE ILE B . n 
B 1 77 GLU 77 69  69  GLU GLU B . n 
B 1 78 VAL 78 70  70  VAL VAL B . n 
B 1 79 LEU 79 71  71  LEU LEU B . n 
B 1 80 LYS 80 72  72  LYS LYS B . n 
B 1 81 GLU 81 73  73  GLU GLU B . n 
B 1 82 LEU 82 74  74  LEU LEU B . n 
B 1 83 ILE 83 75  75  ILE ILE B . n 
C 2 1  VAL 1  182 ?   ?   ?   C . n 
C 2 2  ARG 2  183 183 ARG ARG C . n 
C 2 3  GLU 3  184 184 GLU GLU C . n 
C 2 4  LEU 4  185 185 LEU LEU C . n 
C 2 5  LEU 5  186 186 LEU LEU C . n 
C 2 6  PRO 6  187 187 PRO PRO C . n 
C 2 7  GLU 7  188 188 GLU GLU C . n 
C 2 8  LEU 8  189 189 LEU LEU C . n 
C 2 9  PRO 9  190 190 PRO PRO C . n 
C 2 10 HIS 10 191 191 HIS HIS C . n 
C 2 11 PRO 11 192 192 PRO PRO C . n 
C 2 12 PRO 12 193 193 PRO PRO C . n 
C 2 13 SER 13 194 ?   ?   ?   C . n 
C 2 14 GLU 14 195 ?   ?   ?   C . n 
D 2 1  VAL 1  182 ?   ?   ?   D . n 
D 2 2  ARG 2  183 183 ARG ARG D . n 
D 2 3  GLU 3  184 184 GLU GLU D . n 
D 2 4  LEU 4  185 185 LEU LEU D . n 
D 2 5  LEU 5  186 186 LEU LEU D . n 
D 2 6  PRO 6  187 187 PRO PRO D . n 
D 2 7  GLU 7  188 188 GLU GLU D . n 
D 2 8  LEU 8  189 189 LEU LEU D . n 
D 2 9  PRO 9  190 190 PRO PRO D . n 
D 2 10 HIS 10 191 191 HIS HIS D . n 
D 2 11 PRO 11 192 192 PRO PRO D . n 
D 2 12 PRO 12 193 193 PRO PRO D . n 
D 2 13 SER 13 194 ?   ?   ?   D . n 
D 2 14 GLU 14 195 ?   ?   ?   D . n 
# 
loop_
_pdbx_nonpoly_scheme.asym_id 
_pdbx_nonpoly_scheme.entity_id 
_pdbx_nonpoly_scheme.mon_id 
_pdbx_nonpoly_scheme.ndb_seq_num 
_pdbx_nonpoly_scheme.pdb_seq_num 
_pdbx_nonpoly_scheme.auth_seq_num 
_pdbx_nonpoly_scheme.pdb_mon_id 
_pdbx_nonpoly_scheme.auth_mon_id 
_pdbx_nonpoly_scheme.pdb_strand_id 
_pdbx_nonpoly_scheme.pdb_ins_code 
E 3 HOH 1  2001 2001 HOH HOH A . 
E 3 HOH 2  2002 2002 HOH HOH A . 
E 3 HOH 3  2003 2003 HOH HOH A . 
E 3 HOH 4  2004 2004 HOH HOH A . 
E 3 HOH 5  2005 2005 HOH HOH A . 
E 3 HOH 6  2006 2006 HOH HOH A . 
E 3 HOH 7  2007 2007 HOH HOH A . 
E 3 HOH 8  2008 2008 HOH HOH A . 
E 3 HOH 9  2009 2009 HOH HOH A . 
E 3 HOH 10 2010 2010 HOH HOH A . 
E 3 HOH 11 2011 2011 HOH HOH A . 
E 3 HOH 12 2012 2012 HOH HOH A . 
E 3 HOH 13 2013 2013 HOH HOH A . 
E 3 HOH 14 2014 2014 HOH HOH A . 
E 3 HOH 15 2015 2015 HOH HOH A . 
E 3 HOH 16 2016 2016 HOH HOH A . 
E 3 HOH 17 2017 2017 HOH HOH A . 
E 3 HOH 18 2018 2018 HOH HOH A . 
E 3 HOH 19 2019 2019 HOH HOH A . 
E 3 HOH 20 2020 2020 HOH HOH A . 
E 3 HOH 21 2021 2021 HOH HOH A . 
E 3 HOH 22 2022 2022 HOH HOH A . 
E 3 HOH 23 2023 2023 HOH HOH A . 
E 3 HOH 24 2024 2024 HOH HOH A . 
E 3 HOH 25 2025 2025 HOH HOH A . 
E 3 HOH 26 2026 2026 HOH HOH A . 
E 3 HOH 27 2027 2027 HOH HOH A . 
E 3 HOH 28 2028 2028 HOH HOH A . 
E 3 HOH 29 2029 2029 HOH HOH A . 
E 3 HOH 30 2030 2030 HOH HOH A . 
E 3 HOH 31 2031 2031 HOH HOH A . 
E 3 HOH 32 2032 2032 HOH HOH A . 
E 3 HOH 33 2033 2033 HOH HOH A . 
E 3 HOH 34 2034 2034 HOH HOH A . 
E 3 HOH 35 2035 2035 HOH HOH A . 
E 3 HOH 36 2036 2036 HOH HOH A . 
E 3 HOH 37 2037 2037 HOH HOH A . 
E 3 HOH 38 2038 2038 HOH HOH A . 
E 3 HOH 39 2039 2039 HOH HOH A . 
E 3 HOH 40 2040 2040 HOH HOH A . 
E 3 HOH 41 2041 2041 HOH HOH A . 
E 3 HOH 42 2042 2042 HOH HOH A . 
E 3 HOH 43 2043 2043 HOH HOH A . 
E 3 HOH 44 2044 2044 HOH HOH A . 
E 3 HOH 45 2045 2045 HOH HOH A . 
E 3 HOH 46 2046 2046 HOH HOH A . 
E 3 HOH 47 2047 2047 HOH HOH A . 
F 3 HOH 1  2001 2001 HOH HOH B . 
F 3 HOH 2  2002 2002 HOH HOH B . 
F 3 HOH 3  2003 2003 HOH HOH B . 
F 3 HOH 4  2004 2004 HOH HOH B . 
F 3 HOH 5  2005 2005 HOH HOH B . 
F 3 HOH 6  2006 2006 HOH HOH B . 
F 3 HOH 7  2007 2007 HOH HOH B . 
F 3 HOH 8  2008 2008 HOH HOH B . 
F 3 HOH 9  2009 2009 HOH HOH B . 
F 3 HOH 10 2010 2010 HOH HOH B . 
F 3 HOH 11 2011 2011 HOH HOH B . 
F 3 HOH 12 2012 2012 HOH HOH B . 
F 3 HOH 13 2013 2013 HOH HOH B . 
F 3 HOH 14 2014 2014 HOH HOH B . 
F 3 HOH 15 2015 2015 HOH HOH B . 
F 3 HOH 16 2016 2016 HOH HOH B . 
F 3 HOH 17 2017 2017 HOH HOH B . 
F 3 HOH 18 2018 2018 HOH HOH B . 
F 3 HOH 19 2019 2019 HOH HOH B . 
F 3 HOH 20 2020 2020 HOH HOH B . 
F 3 HOH 21 2021 2021 HOH HOH B . 
F 3 HOH 22 2022 2022 HOH HOH B . 
F 3 HOH 23 2023 2023 HOH HOH B . 
F 3 HOH 24 2024 2024 HOH HOH B . 
F 3 HOH 25 2025 2025 HOH HOH B . 
F 3 HOH 26 2026 2026 HOH HOH B . 
F 3 HOH 27 2027 2027 HOH HOH B . 
F 3 HOH 28 2028 2028 HOH HOH B . 
F 3 HOH 29 2029 2029 HOH HOH B . 
F 3 HOH 30 2030 2030 HOH HOH B . 
F 3 HOH 31 2031 2031 HOH HOH B . 
F 3 HOH 32 2032 2032 HOH HOH B . 
F 3 HOH 33 2033 2033 HOH HOH B . 
F 3 HOH 34 2034 2034 HOH HOH B . 
F 3 HOH 35 2035 2035 HOH HOH B . 
F 3 HOH 36 2036 2036 HOH HOH B . 
F 3 HOH 37 2037 2037 HOH HOH B . 
F 3 HOH 38 2038 2038 HOH HOH B . 
F 3 HOH 39 2039 2039 HOH HOH B . 
F 3 HOH 40 2040 2040 HOH HOH B . 
F 3 HOH 41 2041 2041 HOH HOH B . 
F 3 HOH 42 2042 2042 HOH HOH B . 
F 3 HOH 43 2043 2043 HOH HOH B . 
F 3 HOH 44 2044 2044 HOH HOH B . 
F 3 HOH 45 2045 2045 HOH HOH B . 
F 3 HOH 46 2046 2046 HOH HOH B . 
F 3 HOH 47 2047 2047 HOH HOH B . 
F 3 HOH 48 2048 2048 HOH HOH B . 
F 3 HOH 49 2049 2049 HOH HOH B . 
F 3 HOH 50 2050 2050 HOH HOH B . 
F 3 HOH 51 2051 2051 HOH HOH B . 
G 3 HOH 1  2001 2001 HOH HOH C . 
G 3 HOH 2  2002 2002 HOH HOH C . 
G 3 HOH 3  2003 2003 HOH HOH C . 
G 3 HOH 4  2004 2004 HOH HOH C . 
G 3 HOH 5  2005 2005 HOH HOH C . 
G 3 HOH 6  2006 2006 HOH HOH C . 
G 3 HOH 7  2007 2007 HOH HOH C . 
H 3 HOH 1  2001 2001 HOH HOH D . 
H 3 HOH 2  2002 2002 HOH HOH D . 
H 3 HOH 3  2003 2003 HOH HOH D . 
H 3 HOH 4  2004 2004 HOH HOH D . 
H 3 HOH 5  2005 2005 HOH HOH D . 
H 3 HOH 6  2006 2006 HOH HOH D . 
H 3 HOH 7  2007 2007 HOH HOH D . 
H 3 HOH 8  2008 2008 HOH HOH D . 
H 3 HOH 9  2009 2009 HOH HOH D . 
H 3 HOH 10 2010 2010 HOH HOH D . 
H 3 HOH 11 2011 2011 HOH HOH D . 
H 3 HOH 12 2012 2012 HOH HOH D . 
H 3 HOH 13 2013 2013 HOH HOH D . 
# 
loop_
_pdbx_struct_assembly.id 
_pdbx_struct_assembly.details 
_pdbx_struct_assembly.method_details 
_pdbx_struct_assembly.oligomeric_details 
_pdbx_struct_assembly.oligomeric_count 
1 author_and_software_defined_assembly PQS dimeric 2 
2 author_and_software_defined_assembly PQS dimeric 2 
# 
loop_
_pdbx_struct_assembly_gen.assembly_id 
_pdbx_struct_assembly_gen.oper_expression 
_pdbx_struct_assembly_gen.asym_id_list 
1 1 A,C,E,G 
2 1 B,D,F,H 
# 
loop_
_pdbx_struct_assembly_prop.biol_id 
_pdbx_struct_assembly_prop.type 
_pdbx_struct_assembly_prop.value 
_pdbx_struct_assembly_prop.details 
1 'ABSA (A^2)' 1620  ? 
1 MORE         -10.5 ? 
1 'SSA (A^2)'  6380  ? 
2 'ABSA (A^2)' 1600  ? 
2 MORE         -11.0 ? 
2 'SSA (A^2)'  6250  ? 
# 
_pdbx_struct_oper_list.id                   1 
_pdbx_struct_oper_list.type                 'identity operation' 
_pdbx_struct_oper_list.name                 1_555 
_pdbx_struct_oper_list.symmetry_operation   x,y,z 
_pdbx_struct_oper_list.matrix[1][1]         1.0000000000 
_pdbx_struct_oper_list.matrix[1][2]         0.0000000000 
_pdbx_struct_oper_list.matrix[1][3]         0.0000000000 
_pdbx_struct_oper_list.vector[1]            0.0000000000 
_pdbx_struct_oper_list.matrix[2][1]         0.0000000000 
_pdbx_struct_oper_list.matrix[2][2]         1.0000000000 
_pdbx_struct_oper_list.matrix[2][3]         0.0000000000 
_pdbx_struct_oper_list.vector[2]            0.0000000000 
_pdbx_struct_oper_list.matrix[3][1]         0.0000000000 
_pdbx_struct_oper_list.matrix[3][2]         0.0000000000 
_pdbx_struct_oper_list.matrix[3][3]         1.0000000000 
_pdbx_struct_oper_list.vector[3]            0.0000000000 
# 
loop_
_pdbx_audit_revision_history.ordinal 
_pdbx_audit_revision_history.data_content_type 
_pdbx_audit_revision_history.major_revision 
_pdbx_audit_revision_history.minor_revision 
_pdbx_audit_revision_history.revision_date 
1 'Structure model' 1 0 2009-07-14 
2 'Structure model' 1 1 2011-05-08 
3 'Structure model' 1 2 2011-07-13 
4 'Structure model' 1 3 2018-01-24 
5 'Structure model' 1 4 2023-12-13 
# 
_pdbx_audit_revision_details.ordinal             1 
_pdbx_audit_revision_details.revision_ordinal    1 
_pdbx_audit_revision_details.data_content_type   'Structure model' 
_pdbx_audit_revision_details.provider            repository 
_pdbx_audit_revision_details.type                'Initial release' 
_pdbx_audit_revision_details.description         ? 
_pdbx_audit_revision_details.details             ? 
# 
loop_
_pdbx_audit_revision_group.ordinal 
_pdbx_audit_revision_group.revision_ordinal 
_pdbx_audit_revision_group.data_content_type 
_pdbx_audit_revision_group.group 
1 2 'Structure model' 'Version format compliance' 
2 3 'Structure model' 'Version format compliance' 
3 4 'Structure model' 'Source and taxonomy'       
4 5 'Structure model' 'Data collection'           
5 5 'Structure model' 'Database references'       
6 5 'Structure model' Other                       
7 5 'Structure model' 'Refinement description'    
# 
loop_
_pdbx_audit_revision_category.ordinal 
_pdbx_audit_revision_category.revision_ordinal 
_pdbx_audit_revision_category.data_content_type 
_pdbx_audit_revision_category.category 
1 4 'Structure model' entity_src_gen                
2 5 'Structure model' chem_comp_atom                
3 5 'Structure model' chem_comp_bond                
4 5 'Structure model' database_2                    
5 5 'Structure model' pdbx_database_status          
6 5 'Structure model' pdbx_initial_refinement_model 
# 
loop_
_pdbx_audit_revision_item.ordinal 
_pdbx_audit_revision_item.revision_ordinal 
_pdbx_audit_revision_item.data_content_type 
_pdbx_audit_revision_item.item 
1 4 'Structure model' '_entity_src_gen.pdbx_host_org_ncbi_taxonomy_id' 
2 4 'Structure model' '_entity_src_gen.pdbx_host_org_scientific_name'  
3 4 'Structure model' '_entity_src_gen.pdbx_host_org_strain'           
4 4 'Structure model' '_entity_src_gen.pdbx_host_org_variant'          
5 5 'Structure model' '_database_2.pdbx_DOI'                           
6 5 'Structure model' '_database_2.pdbx_database_accession'            
7 5 'Structure model' '_pdbx_database_status.status_code_sf'           
# 
loop_
_software.name 
_software.classification 
_software.version 
_software.citation_id 
_software.pdbx_ordinal 
REFMAC refinement       5.2.0019 ? 1 
MOSFLM 'data reduction' .        ? 2 
SCALA  'data scaling'   .        ? 3 
PHASER phasing          .        ? 4 
# 
loop_
_pdbx_unobs_or_zero_occ_residues.id 
_pdbx_unobs_or_zero_occ_residues.PDB_model_num 
_pdbx_unobs_or_zero_occ_residues.polymer_flag 
_pdbx_unobs_or_zero_occ_residues.occupancy_flag 
_pdbx_unobs_or_zero_occ_residues.auth_asym_id 
_pdbx_unobs_or_zero_occ_residues.auth_comp_id 
_pdbx_unobs_or_zero_occ_residues.auth_seq_id 
_pdbx_unobs_or_zero_occ_residues.PDB_ins_code 
_pdbx_unobs_or_zero_occ_residues.label_asym_id 
_pdbx_unobs_or_zero_occ_residues.label_comp_id 
_pdbx_unobs_or_zero_occ_residues.label_seq_id 
1  1 Y 1 A MET -7  ? A MET 1  
2  1 Y 1 A ALA -6  ? A ALA 2  
3  1 Y 1 A HIS -5  ? A HIS 3  
4  1 Y 1 A HIS -4  ? A HIS 4  
5  1 Y 1 A HIS -3  ? A HIS 5  
6  1 Y 1 A HIS -2  ? A HIS 6  
7  1 Y 1 A HIS -1  ? A HIS 7  
8  1 Y 1 A HIS 0   ? A HIS 8  
9  1 Y 1 B MET -7  ? B MET 1  
10 1 Y 1 B ALA -6  ? B ALA 2  
11 1 Y 1 B HIS -5  ? B HIS 3  
12 1 Y 1 B HIS -4  ? B HIS 4  
13 1 Y 1 B HIS -3  ? B HIS 5  
14 1 Y 1 B HIS -2  ? B HIS 6  
15 1 Y 1 B HIS -1  ? B HIS 7  
16 1 Y 1 B HIS 0   ? B HIS 8  
17 1 Y 1 B MET 1   ? B MET 9  
18 1 Y 1 C VAL 182 ? C VAL 1  
19 1 Y 1 C SER 194 ? C SER 13 
20 1 Y 1 C GLU 195 ? C GLU 14 
21 1 Y 1 D VAL 182 ? D VAL 1  
22 1 Y 1 D SER 194 ? D SER 13 
23 1 Y 1 D GLU 195 ? D GLU 14 
# 
loop_
_chem_comp_atom.comp_id 
_chem_comp_atom.atom_id 
_chem_comp_atom.type_symbol 
_chem_comp_atom.pdbx_aromatic_flag 
_chem_comp_atom.pdbx_stereo_config 
_chem_comp_atom.pdbx_ordinal 
ALA N    N N N 1   
ALA CA   C N S 2   
ALA C    C N N 3   
ALA O    O N N 4   
ALA CB   C N N 5   
ALA OXT  O N N 6   
ALA H    H N N 7   
ALA H2   H N N 8   
ALA HA   H N N 9   
ALA HB1  H N N 10  
ALA HB2  H N N 11  
ALA HB3  H N N 12  
ALA HXT  H N N 13  
ARG N    N N N 14  
ARG CA   C N S 15  
ARG C    C N N 16  
ARG O    O N N 17  
ARG CB   C N N 18  
ARG CG   C N N 19  
ARG CD   C N N 20  
ARG NE   N N N 21  
ARG CZ   C N N 22  
ARG NH1  N N N 23  
ARG NH2  N N N 24  
ARG OXT  O N N 25  
ARG H    H N N 26  
ARG H2   H N N 27  
ARG HA   H N N 28  
ARG HB2  H N N 29  
ARG HB3  H N N 30  
ARG HG2  H N N 31  
ARG HG3  H N N 32  
ARG HD2  H N N 33  
ARG HD3  H N N 34  
ARG HE   H N N 35  
ARG HH11 H N N 36  
ARG HH12 H N N 37  
ARG HH21 H N N 38  
ARG HH22 H N N 39  
ARG HXT  H N N 40  
ASN N    N N N 41  
ASN CA   C N S 42  
ASN C    C N N 43  
ASN O    O N N 44  
ASN CB   C N N 45  
ASN CG   C N N 46  
ASN OD1  O N N 47  
ASN ND2  N N N 48  
ASN OXT  O N N 49  
ASN H    H N N 50  
ASN H2   H N N 51  
ASN HA   H N N 52  
ASN HB2  H N N 53  
ASN HB3  H N N 54  
ASN HD21 H N N 55  
ASN HD22 H N N 56  
ASN HXT  H N N 57  
ASP N    N N N 58  
ASP CA   C N S 59  
ASP C    C N N 60  
ASP O    O N N 61  
ASP CB   C N N 62  
ASP CG   C N N 63  
ASP OD1  O N N 64  
ASP OD2  O N N 65  
ASP OXT  O N N 66  
ASP H    H N N 67  
ASP H2   H N N 68  
ASP HA   H N N 69  
ASP HB2  H N N 70  
ASP HB3  H N N 71  
ASP HD2  H N N 72  
ASP HXT  H N N 73  
GLN N    N N N 74  
GLN CA   C N S 75  
GLN C    C N N 76  
GLN O    O N N 77  
GLN CB   C N N 78  
GLN CG   C N N 79  
GLN CD   C N N 80  
GLN OE1  O N N 81  
GLN NE2  N N N 82  
GLN OXT  O N N 83  
GLN H    H N N 84  
GLN H2   H N N 85  
GLN HA   H N N 86  
GLN HB2  H N N 87  
GLN HB3  H N N 88  
GLN HG2  H N N 89  
GLN HG3  H N N 90  
GLN HE21 H N N 91  
GLN HE22 H N N 92  
GLN HXT  H N N 93  
GLU N    N N N 94  
GLU CA   C N S 95  
GLU C    C N N 96  
GLU O    O N N 97  
GLU CB   C N N 98  
GLU CG   C N N 99  
GLU CD   C N N 100 
GLU OE1  O N N 101 
GLU OE2  O N N 102 
GLU OXT  O N N 103 
GLU H    H N N 104 
GLU H2   H N N 105 
GLU HA   H N N 106 
GLU HB2  H N N 107 
GLU HB3  H N N 108 
GLU HG2  H N N 109 
GLU HG3  H N N 110 
GLU HE2  H N N 111 
GLU HXT  H N N 112 
GLY N    N N N 113 
GLY CA   C N N 114 
GLY C    C N N 115 
GLY O    O N N 116 
GLY OXT  O N N 117 
GLY H    H N N 118 
GLY H2   H N N 119 
GLY HA2  H N N 120 
GLY HA3  H N N 121 
GLY HXT  H N N 122 
HIS N    N N N 123 
HIS CA   C N S 124 
HIS C    C N N 125 
HIS O    O N N 126 
HIS CB   C N N 127 
HIS CG   C Y N 128 
HIS ND1  N Y N 129 
HIS CD2  C Y N 130 
HIS CE1  C Y N 131 
HIS NE2  N Y N 132 
HIS OXT  O N N 133 
HIS H    H N N 134 
HIS H2   H N N 135 
HIS HA   H N N 136 
HIS HB2  H N N 137 
HIS HB3  H N N 138 
HIS HD1  H N N 139 
HIS HD2  H N N 140 
HIS HE1  H N N 141 
HIS HE2  H N N 142 
HIS HXT  H N N 143 
HOH O    O N N 144 
HOH H1   H N N 145 
HOH H2   H N N 146 
ILE N    N N N 147 
ILE CA   C N S 148 
ILE C    C N N 149 
ILE O    O N N 150 
ILE CB   C N S 151 
ILE CG1  C N N 152 
ILE CG2  C N N 153 
ILE CD1  C N N 154 
ILE OXT  O N N 155 
ILE H    H N N 156 
ILE H2   H N N 157 
ILE HA   H N N 158 
ILE HB   H N N 159 
ILE HG12 H N N 160 
ILE HG13 H N N 161 
ILE HG21 H N N 162 
ILE HG22 H N N 163 
ILE HG23 H N N 164 
ILE HD11 H N N 165 
ILE HD12 H N N 166 
ILE HD13 H N N 167 
ILE HXT  H N N 168 
LEU N    N N N 169 
LEU CA   C N S 170 
LEU C    C N N 171 
LEU O    O N N 172 
LEU CB   C N N 173 
LEU CG   C N N 174 
LEU CD1  C N N 175 
LEU CD2  C N N 176 
LEU OXT  O N N 177 
LEU H    H N N 178 
LEU H2   H N N 179 
LEU HA   H N N 180 
LEU HB2  H N N 181 
LEU HB3  H N N 182 
LEU HG   H N N 183 
LEU HD11 H N N 184 
LEU HD12 H N N 185 
LEU HD13 H N N 186 
LEU HD21 H N N 187 
LEU HD22 H N N 188 
LEU HD23 H N N 189 
LEU HXT  H N N 190 
LYS N    N N N 191 
LYS CA   C N S 192 
LYS C    C N N 193 
LYS O    O N N 194 
LYS CB   C N N 195 
LYS CG   C N N 196 
LYS CD   C N N 197 
LYS CE   C N N 198 
LYS NZ   N N N 199 
LYS OXT  O N N 200 
LYS H    H N N 201 
LYS H2   H N N 202 
LYS HA   H N N 203 
LYS HB2  H N N 204 
LYS HB3  H N N 205 
LYS HG2  H N N 206 
LYS HG3  H N N 207 
LYS HD2  H N N 208 
LYS HD3  H N N 209 
LYS HE2  H N N 210 
LYS HE3  H N N 211 
LYS HZ1  H N N 212 
LYS HZ2  H N N 213 
LYS HZ3  H N N 214 
LYS HXT  H N N 215 
MET N    N N N 216 
MET CA   C N S 217 
MET C    C N N 218 
MET O    O N N 219 
MET CB   C N N 220 
MET CG   C N N 221 
MET SD   S N N 222 
MET CE   C N N 223 
MET OXT  O N N 224 
MET H    H N N 225 
MET H2   H N N 226 
MET HA   H N N 227 
MET HB2  H N N 228 
MET HB3  H N N 229 
MET HG2  H N N 230 
MET HG3  H N N 231 
MET HE1  H N N 232 
MET HE2  H N N 233 
MET HE3  H N N 234 
MET HXT  H N N 235 
PRO N    N N N 236 
PRO CA   C N S 237 
PRO C    C N N 238 
PRO O    O N N 239 
PRO CB   C N N 240 
PRO CG   C N N 241 
PRO CD   C N N 242 
PRO OXT  O N N 243 
PRO H    H N N 244 
PRO HA   H N N 245 
PRO HB2  H N N 246 
PRO HB3  H N N 247 
PRO HG2  H N N 248 
PRO HG3  H N N 249 
PRO HD2  H N N 250 
PRO HD3  H N N 251 
PRO HXT  H N N 252 
SER N    N N N 253 
SER CA   C N S 254 
SER C    C N N 255 
SER O    O N N 256 
SER CB   C N N 257 
SER OG   O N N 258 
SER OXT  O N N 259 
SER H    H N N 260 
SER H2   H N N 261 
SER HA   H N N 262 
SER HB2  H N N 263 
SER HB3  H N N 264 
SER HG   H N N 265 
SER HXT  H N N 266 
THR N    N N N 267 
THR CA   C N S 268 
THR C    C N N 269 
THR O    O N N 270 
THR CB   C N R 271 
THR OG1  O N N 272 
THR CG2  C N N 273 
THR OXT  O N N 274 
THR H    H N N 275 
THR H2   H N N 276 
THR HA   H N N 277 
THR HB   H N N 278 
THR HG1  H N N 279 
THR HG21 H N N 280 
THR HG22 H N N 281 
THR HG23 H N N 282 
THR HXT  H N N 283 
TYR N    N N N 284 
TYR CA   C N S 285 
TYR C    C N N 286 
TYR O    O N N 287 
TYR CB   C N N 288 
TYR CG   C Y N 289 
TYR CD1  C Y N 290 
TYR CD2  C Y N 291 
TYR CE1  C Y N 292 
TYR CE2  C Y N 293 
TYR CZ   C Y N 294 
TYR OH   O N N 295 
TYR OXT  O N N 296 
TYR H    H N N 297 
TYR H2   H N N 298 
TYR HA   H N N 299 
TYR HB2  H N N 300 
TYR HB3  H N N 301 
TYR HD1  H N N 302 
TYR HD2  H N N 303 
TYR HE1  H N N 304 
TYR HE2  H N N 305 
TYR HH   H N N 306 
TYR HXT  H N N 307 
VAL N    N N N 308 
VAL CA   C N S 309 
VAL C    C N N 310 
VAL O    O N N 311 
VAL CB   C N N 312 
VAL CG1  C N N 313 
VAL CG2  C N N 314 
VAL OXT  O N N 315 
VAL H    H N N 316 
VAL H2   H N N 317 
VAL HA   H N N 318 
VAL HB   H N N 319 
VAL HG11 H N N 320 
VAL HG12 H N N 321 
VAL HG13 H N N 322 
VAL HG21 H N N 323 
VAL HG22 H N N 324 
VAL HG23 H N N 325 
VAL HXT  H N N 326 
# 
loop_
_chem_comp_bond.comp_id 
_chem_comp_bond.atom_id_1 
_chem_comp_bond.atom_id_2 
_chem_comp_bond.value_order 
_chem_comp_bond.pdbx_aromatic_flag 
_chem_comp_bond.pdbx_stereo_config 
_chem_comp_bond.pdbx_ordinal 
ALA N   CA   sing N N 1   
ALA N   H    sing N N 2   
ALA N   H2   sing N N 3   
ALA CA  C    sing N N 4   
ALA CA  CB   sing N N 5   
ALA CA  HA   sing N N 6   
ALA C   O    doub N N 7   
ALA C   OXT  sing N N 8   
ALA CB  HB1  sing N N 9   
ALA CB  HB2  sing N N 10  
ALA CB  HB3  sing N N 11  
ALA OXT HXT  sing N N 12  
ARG N   CA   sing N N 13  
ARG N   H    sing N N 14  
ARG N   H2   sing N N 15  
ARG CA  C    sing N N 16  
ARG CA  CB   sing N N 17  
ARG CA  HA   sing N N 18  
ARG C   O    doub N N 19  
ARG C   OXT  sing N N 20  
ARG CB  CG   sing N N 21  
ARG CB  HB2  sing N N 22  
ARG CB  HB3  sing N N 23  
ARG CG  CD   sing N N 24  
ARG CG  HG2  sing N N 25  
ARG CG  HG3  sing N N 26  
ARG CD  NE   sing N N 27  
ARG CD  HD2  sing N N 28  
ARG CD  HD3  sing N N 29  
ARG NE  CZ   sing N N 30  
ARG NE  HE   sing N N 31  
ARG CZ  NH1  sing N N 32  
ARG CZ  NH2  doub N N 33  
ARG NH1 HH11 sing N N 34  
ARG NH1 HH12 sing N N 35  
ARG NH2 HH21 sing N N 36  
ARG NH2 HH22 sing N N 37  
ARG OXT HXT  sing N N 38  
ASN N   CA   sing N N 39  
ASN N   H    sing N N 40  
ASN N   H2   sing N N 41  
ASN CA  C    sing N N 42  
ASN CA  CB   sing N N 43  
ASN CA  HA   sing N N 44  
ASN C   O    doub N N 45  
ASN C   OXT  sing N N 46  
ASN CB  CG   sing N N 47  
ASN CB  HB2  sing N N 48  
ASN CB  HB3  sing N N 49  
ASN CG  OD1  doub N N 50  
ASN CG  ND2  sing N N 51  
ASN ND2 HD21 sing N N 52  
ASN ND2 HD22 sing N N 53  
ASN OXT HXT  sing N N 54  
ASP N   CA   sing N N 55  
ASP N   H    sing N N 56  
ASP N   H2   sing N N 57  
ASP CA  C    sing N N 58  
ASP CA  CB   sing N N 59  
ASP CA  HA   sing N N 60  
ASP C   O    doub N N 61  
ASP C   OXT  sing N N 62  
ASP CB  CG   sing N N 63  
ASP CB  HB2  sing N N 64  
ASP CB  HB3  sing N N 65  
ASP CG  OD1  doub N N 66  
ASP CG  OD2  sing N N 67  
ASP OD2 HD2  sing N N 68  
ASP OXT HXT  sing N N 69  
GLN N   CA   sing N N 70  
GLN N   H    sing N N 71  
GLN N   H2   sing N N 72  
GLN CA  C    sing N N 73  
GLN CA  CB   sing N N 74  
GLN CA  HA   sing N N 75  
GLN C   O    doub N N 76  
GLN C   OXT  sing N N 77  
GLN CB  CG   sing N N 78  
GLN CB  HB2  sing N N 79  
GLN CB  HB3  sing N N 80  
GLN CG  CD   sing N N 81  
GLN CG  HG2  sing N N 82  
GLN CG  HG3  sing N N 83  
GLN CD  OE1  doub N N 84  
GLN CD  NE2  sing N N 85  
GLN NE2 HE21 sing N N 86  
GLN NE2 HE22 sing N N 87  
GLN OXT HXT  sing N N 88  
GLU N   CA   sing N N 89  
GLU N   H    sing N N 90  
GLU N   H2   sing N N 91  
GLU CA  C    sing N N 92  
GLU CA  CB   sing N N 93  
GLU CA  HA   sing N N 94  
GLU C   O    doub N N 95  
GLU C   OXT  sing N N 96  
GLU CB  CG   sing N N 97  
GLU CB  HB2  sing N N 98  
GLU CB  HB3  sing N N 99  
GLU CG  CD   sing N N 100 
GLU CG  HG2  sing N N 101 
GLU CG  HG3  sing N N 102 
GLU CD  OE1  doub N N 103 
GLU CD  OE2  sing N N 104 
GLU OE2 HE2  sing N N 105 
GLU OXT HXT  sing N N 106 
GLY N   CA   sing N N 107 
GLY N   H    sing N N 108 
GLY N   H2   sing N N 109 
GLY CA  C    sing N N 110 
GLY CA  HA2  sing N N 111 
GLY CA  HA3  sing N N 112 
GLY C   O    doub N N 113 
GLY C   OXT  sing N N 114 
GLY OXT HXT  sing N N 115 
HIS N   CA   sing N N 116 
HIS N   H    sing N N 117 
HIS N   H2   sing N N 118 
HIS CA  C    sing N N 119 
HIS CA  CB   sing N N 120 
HIS CA  HA   sing N N 121 
HIS C   O    doub N N 122 
HIS C   OXT  sing N N 123 
HIS CB  CG   sing N N 124 
HIS CB  HB2  sing N N 125 
HIS CB  HB3  sing N N 126 
HIS CG  ND1  sing Y N 127 
HIS CG  CD2  doub Y N 128 
HIS ND1 CE1  doub Y N 129 
HIS ND1 HD1  sing N N 130 
HIS CD2 NE2  sing Y N 131 
HIS CD2 HD2  sing N N 132 
HIS CE1 NE2  sing Y N 133 
HIS CE1 HE1  sing N N 134 
HIS NE2 HE2  sing N N 135 
HIS OXT HXT  sing N N 136 
HOH O   H1   sing N N 137 
HOH O   H2   sing N N 138 
ILE N   CA   sing N N 139 
ILE N   H    sing N N 140 
ILE N   H2   sing N N 141 
ILE CA  C    sing N N 142 
ILE CA  CB   sing N N 143 
ILE CA  HA   sing N N 144 
ILE C   O    doub N N 145 
ILE C   OXT  sing N N 146 
ILE CB  CG1  sing N N 147 
ILE CB  CG2  sing N N 148 
ILE CB  HB   sing N N 149 
ILE CG1 CD1  sing N N 150 
ILE CG1 HG12 sing N N 151 
ILE CG1 HG13 sing N N 152 
ILE CG2 HG21 sing N N 153 
ILE CG2 HG22 sing N N 154 
ILE CG2 HG23 sing N N 155 
ILE CD1 HD11 sing N N 156 
ILE CD1 HD12 sing N N 157 
ILE CD1 HD13 sing N N 158 
ILE OXT HXT  sing N N 159 
LEU N   CA   sing N N 160 
LEU N   H    sing N N 161 
LEU N   H2   sing N N 162 
LEU CA  C    sing N N 163 
LEU CA  CB   sing N N 164 
LEU CA  HA   sing N N 165 
LEU C   O    doub N N 166 
LEU C   OXT  sing N N 167 
LEU CB  CG   sing N N 168 
LEU CB  HB2  sing N N 169 
LEU CB  HB3  sing N N 170 
LEU CG  CD1  sing N N 171 
LEU CG  CD2  sing N N 172 
LEU CG  HG   sing N N 173 
LEU CD1 HD11 sing N N 174 
LEU CD1 HD12 sing N N 175 
LEU CD1 HD13 sing N N 176 
LEU CD2 HD21 sing N N 177 
LEU CD2 HD22 sing N N 178 
LEU CD2 HD23 sing N N 179 
LEU OXT HXT  sing N N 180 
LYS N   CA   sing N N 181 
LYS N   H    sing N N 182 
LYS N   H2   sing N N 183 
LYS CA  C    sing N N 184 
LYS CA  CB   sing N N 185 
LYS CA  HA   sing N N 186 
LYS C   O    doub N N 187 
LYS C   OXT  sing N N 188 
LYS CB  CG   sing N N 189 
LYS CB  HB2  sing N N 190 
LYS CB  HB3  sing N N 191 
LYS CG  CD   sing N N 192 
LYS CG  HG2  sing N N 193 
LYS CG  HG3  sing N N 194 
LYS CD  CE   sing N N 195 
LYS CD  HD2  sing N N 196 
LYS CD  HD3  sing N N 197 
LYS CE  NZ   sing N N 198 
LYS CE  HE2  sing N N 199 
LYS CE  HE3  sing N N 200 
LYS NZ  HZ1  sing N N 201 
LYS NZ  HZ2  sing N N 202 
LYS NZ  HZ3  sing N N 203 
LYS OXT HXT  sing N N 204 
MET N   CA   sing N N 205 
MET N   H    sing N N 206 
MET N   H2   sing N N 207 
MET CA  C    sing N N 208 
MET CA  CB   sing N N 209 
MET CA  HA   sing N N 210 
MET C   O    doub N N 211 
MET C   OXT  sing N N 212 
MET CB  CG   sing N N 213 
MET CB  HB2  sing N N 214 
MET CB  HB3  sing N N 215 
MET CG  SD   sing N N 216 
MET CG  HG2  sing N N 217 
MET CG  HG3  sing N N 218 
MET SD  CE   sing N N 219 
MET CE  HE1  sing N N 220 
MET CE  HE2  sing N N 221 
MET CE  HE3  sing N N 222 
MET OXT HXT  sing N N 223 
PRO N   CA   sing N N 224 
PRO N   CD   sing N N 225 
PRO N   H    sing N N 226 
PRO CA  C    sing N N 227 
PRO CA  CB   sing N N 228 
PRO CA  HA   sing N N 229 
PRO C   O    doub N N 230 
PRO C   OXT  sing N N 231 
PRO CB  CG   sing N N 232 
PRO CB  HB2  sing N N 233 
PRO CB  HB3  sing N N 234 
PRO CG  CD   sing N N 235 
PRO CG  HG2  sing N N 236 
PRO CG  HG3  sing N N 237 
PRO CD  HD2  sing N N 238 
PRO CD  HD3  sing N N 239 
PRO OXT HXT  sing N N 240 
SER N   CA   sing N N 241 
SER N   H    sing N N 242 
SER N   H2   sing N N 243 
SER CA  C    sing N N 244 
SER CA  CB   sing N N 245 
SER CA  HA   sing N N 246 
SER C   O    doub N N 247 
SER C   OXT  sing N N 248 
SER CB  OG   sing N N 249 
SER CB  HB2  sing N N 250 
SER CB  HB3  sing N N 251 
SER OG  HG   sing N N 252 
SER OXT HXT  sing N N 253 
THR N   CA   sing N N 254 
THR N   H    sing N N 255 
THR N   H2   sing N N 256 
THR CA  C    sing N N 257 
THR CA  CB   sing N N 258 
THR CA  HA   sing N N 259 
THR C   O    doub N N 260 
THR C   OXT  sing N N 261 
THR CB  OG1  sing N N 262 
THR CB  CG2  sing N N 263 
THR CB  HB   sing N N 264 
THR OG1 HG1  sing N N 265 
THR CG2 HG21 sing N N 266 
THR CG2 HG22 sing N N 267 
THR CG2 HG23 sing N N 268 
THR OXT HXT  sing N N 269 
TYR N   CA   sing N N 270 
TYR N   H    sing N N 271 
TYR N   H2   sing N N 272 
TYR CA  C    sing N N 273 
TYR CA  CB   sing N N 274 
TYR CA  HA   sing N N 275 
TYR C   O    doub N N 276 
TYR C   OXT  sing N N 277 
TYR CB  CG   sing N N 278 
TYR CB  HB2  sing N N 279 
TYR CB  HB3  sing N N 280 
TYR CG  CD1  doub Y N 281 
TYR CG  CD2  sing Y N 282 
TYR CD1 CE1  sing Y N 283 
TYR CD1 HD1  sing N N 284 
TYR CD2 CE2  doub Y N 285 
TYR CD2 HD2  sing N N 286 
TYR CE1 CZ   doub Y N 287 
TYR CE1 HE1  sing N N 288 
TYR CE2 CZ   sing Y N 289 
TYR CE2 HE2  sing N N 290 
TYR CZ  OH   sing N N 291 
TYR OH  HH   sing N N 292 
TYR OXT HXT  sing N N 293 
VAL N   CA   sing N N 294 
VAL N   H    sing N N 295 
VAL N   H2   sing N N 296 
VAL CA  C    sing N N 297 
VAL CA  CB   sing N N 298 
VAL CA  HA   sing N N 299 
VAL C   O    doub N N 300 
VAL C   OXT  sing N N 301 
VAL CB  CG1  sing N N 302 
VAL CB  CG2  sing N N 303 
VAL CB  HB   sing N N 304 
VAL CG1 HG11 sing N N 305 
VAL CG1 HG12 sing N N 306 
VAL CG1 HG13 sing N N 307 
VAL CG2 HG21 sing N N 308 
VAL CG2 HG22 sing N N 309 
VAL CG2 HG23 sing N N 310 
VAL OXT HXT  sing N N 311 
# 
_pdbx_entity_nonpoly.entity_id   3 
_pdbx_entity_nonpoly.name        water 
_pdbx_entity_nonpoly.comp_id     HOH 
# 
_pdbx_initial_refinement_model.id               1 
_pdbx_initial_refinement_model.entity_id_list   ? 
_pdbx_initial_refinement_model.type             'experimental model' 
_pdbx_initial_refinement_model.source_name      PDB 
_pdbx_initial_refinement_model.accession_code   2V6Y 
_pdbx_initial_refinement_model.details          'PDB ENTRY 2V6Y' 
# 
